data_7OA5
#
_entry.id   7OA5
#
_cell.length_a   141.35
_cell.length_b   141.35
_cell.length_c   106.47
_cell.angle_alpha   90
_cell.angle_beta   90
_cell.angle_gamma   120
#
_symmetry.space_group_name_H-M   'P 31'
#
loop_
_entity.id
_entity.type
_entity.pdbx_description
1 polymer 'Holliday junction ATP-dependent DNA helicase RuvA'
2 polymer "DNA (5'-D(*AP*GP*TP*TP*CP*GP*CP*GP*AP*GP*TP*TP*CP*GP*C)-3')"
3 polymer "DNA (5'-D(*GP*CP*GP*AP*AP*CP*TP*CP*GP*CP*GP*AP*AP*C)-3')"
4 polymer "DNA (5'-D(*AP*GP*TP*TP*CP*GP*CP*GP*CP*GP*CP*GP*AP*AP*CP*T)-3')"
5 polymer "DNA (5'-D(P*GP*TP*TP*CP*GP*CP*GP*CP*GP*CP*GP*AP*AP*CP*T)-3')"
6 non-polymer 'CALCIUM ION'
7 water water
#
loop_
_entity_poly.entity_id
_entity_poly.type
_entity_poly.pdbx_seq_one_letter_code
_entity_poly.pdbx_strand_id
1 'polypeptide(L)'
;MIFSVRGEVLEVALDHAVIEAAGIGYRVNATPSALATLRQGSQARLVTAMVVREDSMTLYGFSDAENRDLFLALLSVSGV
GPRLAMATLAVHDAAALRQALADSDVASLTRVPGIGKRGAERIVLELRDKVGPVGASGLTVGTAADGNAVRGSVVEALVG
LGFAAKQAEEATDQVLDGELGKDGAVATSSALRAALSLLGKTR
;
A,B,C,D,E,F,G,H
2 'polydeoxyribonucleotide' (DA)(DG)(DT)(DT)(DC)(DG)(DC)(DG)(DA)(DG)(DT)(DT)(DC)(DG)(DC) I
3 'polydeoxyribonucleotide' (DG)(DC)(DG)(DA)(DA)(DC)(DT)(DC)(DG)(DC)(DG)(DA)(DA)(DC) J
4 'polydeoxyribonucleotide' (DA)(DG)(DT)(DT)(DC)(DG)(DC)(DG)(DC)(DG)(DC)(DG)(DA)(DA)(DC)(DT) K
5 'polydeoxyribonucleotide' (DG)(DT)(DT)(DC)(DG)(DC)(DG)(DC)(DG)(DC)(DG)(DA)(DA)(DC)(DT) L
#
loop_
_chem_comp.id
_chem_comp.type
_chem_comp.name
_chem_comp.formula
CA non-polymer 'CALCIUM ION' 'Ca 2'
DA DNA linking 2'-DEOXYADENOSINE-5'-MONOPHOSPHATE 'C10 H14 N5 O6 P'
DC DNA linking 2'-DEOXYCYTIDINE-5'-MONOPHOSPHATE 'C9 H14 N3 O7 P'
DG DNA linking 2'-DEOXYGUANOSINE-5'-MONOPHOSPHATE 'C10 H14 N5 O7 P'
DT DNA linking THYMIDINE-5'-MONOPHOSPHATE 'C10 H15 N2 O8 P'
#
# COMPACT_ATOMS: atom_id res chain seq x y z
N MET A 1 -16.13 -15.11 1.76
CA MET A 1 -16.98 -15.24 2.93
C MET A 1 -18.39 -15.59 2.50
N ILE A 2 -18.87 -14.96 1.43
CA ILE A 2 -20.18 -15.23 0.91
C ILE A 2 -20.10 -16.44 -0.03
N PHE A 3 -20.70 -17.56 0.37
CA PHE A 3 -20.69 -18.76 -0.42
C PHE A 3 -21.95 -18.96 -1.24
N SER A 4 -23.02 -18.22 -0.95
CA SER A 4 -24.22 -18.27 -1.75
C SER A 4 -25.10 -17.06 -1.51
N VAL A 5 -25.89 -16.71 -2.52
CA VAL A 5 -26.82 -15.59 -2.43
C VAL A 5 -28.17 -16.14 -2.86
N ARG A 6 -29.17 -16.05 -2.01
CA ARG A 6 -30.49 -16.54 -2.29
C ARG A 6 -31.51 -15.43 -2.11
N GLY A 7 -32.36 -15.26 -3.10
CA GLY A 7 -33.40 -14.25 -3.05
C GLY A 7 -34.02 -13.99 -4.39
N GLU A 8 -34.70 -12.86 -4.50
CA GLU A 8 -35.39 -12.50 -5.72
C GLU A 8 -34.44 -11.99 -6.78
N VAL A 9 -34.51 -12.57 -7.97
CA VAL A 9 -33.68 -12.10 -9.07
C VAL A 9 -34.31 -10.82 -9.57
N LEU A 10 -33.63 -9.68 -9.38
CA LEU A 10 -34.10 -8.39 -9.84
C LEU A 10 -33.75 -8.12 -11.28
N GLU A 11 -32.62 -8.66 -11.75
CA GLU A 11 -32.14 -8.47 -13.10
C GLU A 11 -31.38 -9.69 -13.55
N VAL A 12 -31.52 -10.07 -14.81
CA VAL A 12 -30.73 -11.14 -15.42
C VAL A 12 -30.14 -10.49 -16.68
N ALA A 13 -28.84 -10.46 -16.77
CA ALA A 13 -28.13 -9.96 -17.94
C ALA A 13 -27.36 -11.21 -18.51
N LEU A 14 -26.64 -11.06 -19.62
CA LEU A 14 -25.90 -12.18 -20.20
C LEU A 14 -24.64 -12.52 -19.43
N ASP A 15 -24.17 -11.64 -18.51
CA ASP A 15 -22.95 -11.90 -17.75
C ASP A 15 -23.08 -11.74 -16.24
N HIS A 16 -24.26 -11.37 -15.77
CA HIS A 16 -24.48 -11.17 -14.34
C HIS A 16 -25.95 -11.22 -14.01
N ALA A 17 -26.27 -11.33 -12.74
CA ALA A 17 -27.64 -11.21 -12.24
C ALA A 17 -27.59 -10.34 -10.98
N VAL A 18 -28.72 -9.74 -10.63
CA VAL A 18 -28.84 -9.02 -9.38
C VAL A 18 -29.82 -9.84 -8.58
N ILE A 19 -29.42 -10.28 -7.38
CA ILE A 19 -30.26 -11.08 -6.52
C ILE A 19 -30.44 -10.33 -5.22
N GLU A 20 -31.69 -10.09 -4.83
CA GLU A 20 -32.00 -9.37 -3.62
C GLU A 20 -32.17 -10.32 -2.45
N ALA A 21 -31.26 -10.25 -1.48
CA ALA A 21 -31.30 -11.07 -0.28
C ALA A 21 -31.48 -10.10 0.85
N ALA A 22 -32.58 -10.23 1.62
CA ALA A 22 -32.88 -9.34 2.76
C ALA A 22 -32.75 -7.83 2.42
N GLY A 23 -33.37 -7.40 1.34
CA GLY A 23 -33.38 -6.01 0.91
C GLY A 23 -32.16 -5.55 0.15
N ILE A 24 -31.07 -6.32 0.11
CA ILE A 24 -29.86 -5.92 -0.60
C ILE A 24 -29.77 -6.64 -1.92
N GLY A 25 -29.72 -5.89 -3.01
CA GLY A 25 -29.53 -6.47 -4.33
C GLY A 25 -28.04 -6.67 -4.57
N TYR A 26 -27.61 -7.90 -4.70
CA TYR A 26 -26.21 -8.23 -4.92
C TYR A 26 -25.99 -8.46 -6.38
N ARG A 27 -24.99 -7.78 -6.96
CA ARG A 27 -24.63 -8.02 -8.33
C ARG A 27 -23.72 -9.23 -8.26
N VAL A 28 -24.06 -10.25 -9.02
CA VAL A 28 -23.29 -11.47 -9.05
C VAL A 28 -22.89 -11.72 -10.48
N ASN A 29 -21.59 -11.62 -10.78
CA ASN A 29 -21.06 -11.90 -12.12
C ASN A 29 -21.12 -13.38 -12.28
N ALA A 30 -21.89 -13.89 -13.24
CA ALA A 30 -22.12 -15.33 -13.34
C ALA A 30 -21.82 -15.89 -14.71
N THR A 31 -21.55 -17.19 -14.76
CA THR A 31 -21.32 -17.88 -16.02
C THR A 31 -22.67 -18.00 -16.74
N PRO A 32 -22.68 -18.09 -18.07
CA PRO A 32 -23.95 -18.30 -18.77
C PRO A 32 -24.74 -19.54 -18.28
N SER A 33 -24.07 -20.62 -17.85
CA SER A 33 -24.79 -21.77 -17.35
C SER A 33 -25.45 -21.51 -15.99
N ALA A 34 -24.83 -20.66 -15.15
CA ALA A 34 -25.42 -20.27 -13.88
C ALA A 34 -26.64 -19.37 -14.11
N LEU A 35 -26.59 -18.51 -15.12
CA LEU A 35 -27.67 -17.59 -15.42
C LEU A 35 -28.85 -18.23 -16.14
N ALA A 36 -28.62 -19.40 -16.78
CA ALA A 36 -29.57 -20.12 -17.62
C ALA A 36 -30.96 -20.23 -17.06
N THR A 37 -31.09 -20.65 -15.79
CA THR A 37 -32.42 -20.82 -15.19
C THR A 37 -32.92 -19.59 -14.44
N LEU A 38 -32.13 -18.50 -14.40
CA LEU A 38 -32.51 -17.32 -13.65
C LEU A 38 -33.50 -16.48 -14.46
N ARG A 39 -34.57 -16.01 -13.82
CA ARG A 39 -35.57 -15.17 -14.45
CA ARG A 39 -35.55 -15.16 -14.47
C ARG A 39 -35.93 -14.06 -13.50
N GLN A 40 -36.13 -12.84 -14.02
CA GLN A 40 -36.52 -11.70 -13.22
C GLN A 40 -37.83 -11.97 -12.44
N GLY A 41 -37.84 -11.68 -11.15
CA GLY A 41 -38.99 -11.92 -10.28
C GLY A 41 -39.00 -13.29 -9.62
N SER A 42 -38.13 -14.19 -10.06
CA SER A 42 -38.05 -15.52 -9.49
C SER A 42 -37.05 -15.58 -8.38
N GLN A 43 -37.25 -16.46 -7.43
CA GLN A 43 -36.32 -16.74 -6.34
C GLN A 43 -35.28 -17.66 -6.88
N ALA A 44 -34.03 -17.45 -6.53
CA ALA A 44 -32.93 -18.31 -6.92
C ALA A 44 -31.82 -18.29 -5.85
N ARG A 45 -31.01 -19.37 -5.77
CA ARG A 45 -29.85 -19.43 -4.90
C ARG A 45 -28.69 -19.63 -5.84
N LEU A 46 -27.78 -18.69 -5.88
CA LEU A 46 -26.59 -18.80 -6.70
C LEU A 46 -25.41 -19.12 -5.81
N VAL A 47 -24.60 -20.08 -6.20
CA VAL A 47 -23.40 -20.46 -5.45
C VAL A 47 -22.32 -19.44 -5.82
N THR A 48 -21.66 -18.81 -4.84
CA THR A 48 -20.75 -17.70 -5.10
C THR A 48 -19.35 -17.79 -4.49
N ALA A 49 -18.43 -16.96 -4.98
CA ALA A 49 -17.10 -16.74 -4.46
C ALA A 49 -16.98 -15.20 -4.38
N MET A 50 -16.63 -14.69 -3.19
CA MET A 50 -16.46 -13.25 -3.03
C MET A 50 -14.98 -12.94 -3.19
N VAL A 51 -14.64 -12.03 -4.11
CA VAL A 51 -13.28 -11.63 -4.33
C VAL A 51 -13.11 -10.23 -3.78
N VAL A 52 -12.22 -10.11 -2.79
CA VAL A 52 -11.96 -8.87 -2.10
C VAL A 52 -10.61 -8.34 -2.56
N ARG A 53 -10.57 -7.09 -2.93
CA ARG A 53 -9.34 -6.38 -3.37
C ARG A 53 -9.38 -5.00 -2.71
N GLU A 54 -8.28 -4.24 -2.72
CA GLU A 54 -8.21 -2.92 -2.11
C GLU A 54 -9.38 -1.99 -2.52
N ASP A 55 -9.71 -1.98 -3.79
CA ASP A 55 -10.74 -1.11 -4.32
C ASP A 55 -11.95 -1.85 -4.89
N SER A 56 -12.18 -3.10 -4.48
CA SER A 56 -13.33 -3.83 -4.97
C SER A 56 -13.77 -4.97 -4.10
N MET A 57 -15.07 -5.24 -4.16
CA MET A 57 -15.71 -6.37 -3.53
C MET A 57 -16.64 -6.90 -4.59
N THR A 58 -16.37 -8.09 -5.07
CA THR A 58 -17.13 -8.64 -6.21
C THR A 58 -17.57 -10.05 -5.94
N LEU A 59 -18.80 -10.38 -6.35
CA LEU A 59 -19.33 -11.74 -6.23
C LEU A 59 -19.31 -12.39 -7.60
N TYR A 60 -18.89 -13.65 -7.64
CA TYR A 60 -18.89 -14.47 -8.84
C TYR A 60 -19.83 -15.64 -8.56
N GLY A 61 -20.73 -15.91 -9.49
CA GLY A 61 -21.77 -16.93 -9.31
C GLY A 61 -21.70 -18.07 -10.27
N PHE A 62 -22.02 -19.24 -9.77
CA PHE A 62 -21.86 -20.51 -10.47
C PHE A 62 -23.10 -21.38 -10.31
N SER A 63 -23.27 -22.36 -11.23
CA SER A 63 -24.42 -23.27 -11.15
C SER A 63 -24.33 -24.24 -9.96
N ASP A 64 -23.12 -24.49 -9.44
CA ASP A 64 -22.89 -25.39 -8.30
C ASP A 64 -21.55 -25.10 -7.60
N ALA A 65 -21.32 -25.75 -6.47
CA ALA A 65 -20.08 -25.65 -5.69
C ALA A 65 -18.86 -26.17 -6.44
N GLU A 66 -19.06 -27.16 -7.33
CA GLU A 66 -17.96 -27.74 -8.11
C GLU A 66 -17.34 -26.69 -9.03
N ASN A 67 -18.16 -25.91 -9.73
CA ASN A 67 -17.69 -24.86 -10.61
C ASN A 67 -17.11 -23.69 -9.84
N ARG A 68 -17.67 -23.39 -8.66
CA ARG A 68 -17.18 -22.33 -7.81
C ARG A 68 -15.80 -22.69 -7.32
N ASP A 69 -15.58 -23.95 -6.92
CA ASP A 69 -14.27 -24.42 -6.45
C ASP A 69 -13.26 -24.46 -7.58
N LEU A 70 -13.70 -24.76 -8.82
CA LEU A 70 -12.81 -24.72 -9.99
C LEU A 70 -12.42 -23.27 -10.29
N PHE A 71 -13.34 -22.31 -10.11
CA PHE A 71 -13.04 -20.88 -10.28
C PHE A 71 -11.96 -20.46 -9.28
N LEU A 72 -12.08 -20.89 -8.04
CA LEU A 72 -11.11 -20.58 -6.99
C LEU A 72 -9.74 -21.22 -7.27
N ALA A 73 -9.75 -22.43 -7.84
CA ALA A 73 -8.53 -23.13 -8.22
C ALA A 73 -7.86 -22.40 -9.38
N LEU A 74 -8.64 -21.91 -10.36
CA LEU A 74 -8.11 -21.13 -11.47
C LEU A 74 -7.50 -19.81 -10.96
N LEU A 75 -8.13 -19.16 -9.98
CA LEU A 75 -7.63 -17.92 -9.38
C LEU A 75 -6.28 -18.09 -8.71
N SER A 76 -6.00 -19.28 -8.20
CA SER A 76 -4.73 -19.55 -7.51
C SER A 76 -3.54 -19.65 -8.48
N VAL A 77 -3.79 -19.77 -9.81
CA VAL A 77 -2.75 -19.83 -10.82
C VAL A 77 -2.30 -18.40 -11.11
N SER A 78 -0.98 -18.13 -11.02
CA SER A 78 -0.40 -16.80 -11.32
C SER A 78 -0.66 -16.49 -12.79
N GLY A 79 -1.17 -15.30 -13.06
CA GLY A 79 -1.54 -14.93 -14.42
C GLY A 79 -3.03 -15.09 -14.69
N VAL A 80 -3.76 -15.83 -13.80
CA VAL A 80 -5.19 -16.00 -13.96
C VAL A 80 -5.93 -15.22 -12.90
N GLY A 81 -6.73 -14.28 -13.35
CA GLY A 81 -7.56 -13.49 -12.45
C GLY A 81 -9.03 -13.83 -12.62
N PRO A 82 -9.91 -13.06 -11.96
CA PRO A 82 -11.34 -13.35 -12.03
C PRO A 82 -11.95 -13.36 -13.42
N ARG A 83 -11.58 -12.42 -14.29
CA ARG A 83 -12.14 -12.35 -15.64
C ARG A 83 -11.78 -13.57 -16.47
N LEU A 84 -10.52 -13.99 -16.40
CA LEU A 84 -10.02 -15.14 -17.14
C LEU A 84 -10.58 -16.44 -16.60
N ALA A 85 -10.72 -16.53 -15.27
CA ALA A 85 -11.31 -17.71 -14.64
C ALA A 85 -12.79 -17.83 -15.04
N MET A 86 -13.51 -16.70 -15.16
CA MET A 86 -14.92 -16.72 -15.58
C MET A 86 -15.05 -17.09 -17.04
N ALA A 87 -14.15 -16.57 -17.89
CA ALA A 87 -14.14 -16.88 -19.31
C ALA A 87 -13.88 -18.37 -19.51
N THR A 88 -13.02 -18.98 -18.69
CA THR A 88 -12.69 -20.40 -18.76
C THR A 88 -13.92 -21.22 -18.43
N LEU A 89 -14.65 -20.85 -17.37
CA LEU A 89 -15.85 -21.57 -16.98
C LEU A 89 -17.03 -21.31 -17.91
N ALA A 90 -17.03 -20.20 -18.67
CA ALA A 90 -18.05 -19.93 -19.66
C ALA A 90 -17.86 -20.83 -20.91
N VAL A 91 -16.61 -21.18 -21.23
CA VAL A 91 -16.28 -22.00 -22.38
C VAL A 91 -16.29 -23.48 -22.00
N HIS A 92 -15.72 -23.85 -20.85
CA HIS A 92 -15.67 -25.23 -20.43
C HIS A 92 -16.51 -25.54 -19.21
N ASP A 93 -17.32 -26.61 -19.32
CA ASP A 93 -18.10 -27.09 -18.18
C ASP A 93 -17.17 -27.73 -17.16
N ALA A 94 -17.64 -27.92 -15.92
CA ALA A 94 -16.80 -28.49 -14.84
C ALA A 94 -16.07 -29.77 -15.22
N ALA A 95 -16.78 -30.74 -15.81
CA ALA A 95 -16.21 -32.02 -16.23
C ALA A 95 -15.21 -31.84 -17.35
N ALA A 96 -15.51 -31.00 -18.34
CA ALA A 96 -14.58 -30.77 -19.46
C ALA A 96 -13.28 -30.12 -18.99
N LEU A 97 -13.36 -29.17 -18.07
CA LEU A 97 -12.19 -28.48 -17.53
C LEU A 97 -11.35 -29.41 -16.68
N ARG A 98 -11.98 -30.20 -15.82
CA ARG A 98 -11.31 -31.18 -14.95
C ARG A 98 -10.59 -32.25 -15.80
N GLN A 99 -11.19 -32.61 -16.95
CA GLN A 99 -10.66 -33.57 -17.90
C GLN A 99 -9.43 -32.96 -18.56
N ALA A 100 -9.56 -31.72 -19.10
CA ALA A 100 -8.44 -31.05 -19.76
C ALA A 100 -7.23 -30.89 -18.85
N LEU A 101 -7.44 -30.76 -17.54
CA LEU A 101 -6.34 -30.63 -16.60
C LEU A 101 -5.62 -31.97 -16.45
N ALA A 102 -6.39 -33.05 -16.26
CA ALA A 102 -5.85 -34.41 -16.12
C ALA A 102 -5.11 -34.87 -17.37
N ASP A 103 -5.66 -34.61 -18.56
CA ASP A 103 -5.05 -34.97 -19.84
C ASP A 103 -4.07 -33.94 -20.38
N SER A 104 -3.78 -32.85 -19.62
CA SER A 104 -2.89 -31.77 -20.07
C SER A 104 -3.27 -31.25 -21.45
N ASP A 105 -4.58 -31.15 -21.71
CA ASP A 105 -5.13 -30.71 -22.97
C ASP A 105 -5.03 -29.20 -23.08
N VAL A 106 -3.83 -28.73 -23.40
CA VAL A 106 -3.49 -27.33 -23.59
C VAL A 106 -4.30 -26.72 -24.73
N ALA A 107 -4.62 -27.53 -25.77
CA ALA A 107 -5.39 -27.06 -26.92
C ALA A 107 -6.83 -26.66 -26.54
N SER A 108 -7.48 -27.40 -25.64
CA SER A 108 -8.84 -27.07 -25.21
C SER A 108 -8.83 -25.81 -24.36
N LEU A 109 -7.85 -25.70 -23.43
CA LEU A 109 -7.68 -24.51 -22.59
C LEU A 109 -7.39 -23.28 -23.42
N THR A 110 -6.63 -23.44 -24.51
CA THR A 110 -6.32 -22.34 -25.44
C THR A 110 -7.57 -21.85 -26.21
N ARG A 111 -8.66 -22.63 -26.23
CA ARG A 111 -9.93 -22.18 -26.83
C ARG A 111 -10.53 -21.00 -26.02
N VAL A 112 -10.21 -20.88 -24.71
CA VAL A 112 -10.67 -19.81 -23.89
C VAL A 112 -9.93 -18.54 -24.29
N PRO A 113 -10.65 -17.48 -24.68
CA PRO A 113 -9.97 -16.24 -25.07
C PRO A 113 -9.25 -15.61 -23.89
N GLY A 114 -8.04 -15.13 -24.14
CA GLY A 114 -7.19 -14.61 -23.09
C GLY A 114 -6.18 -15.64 -22.59
N ILE A 115 -6.42 -16.92 -22.87
CA ILE A 115 -5.52 -17.99 -22.50
C ILE A 115 -4.81 -18.47 -23.75
N GLY A 116 -3.52 -18.22 -23.80
CA GLY A 116 -2.66 -18.68 -24.89
C GLY A 116 -1.93 -19.94 -24.47
N LYS A 117 -0.99 -20.39 -25.30
CA LYS A 117 -0.23 -21.60 -25.03
C LYS A 117 0.49 -21.55 -23.67
N ARG A 118 1.10 -20.41 -23.34
CA ARG A 118 1.84 -20.25 -22.09
C ARG A 118 0.92 -20.30 -20.88
N GLY A 119 -0.17 -19.57 -20.94
CA GLY A 119 -1.18 -19.58 -19.89
C GLY A 119 -1.78 -20.95 -19.67
N ALA A 120 -2.13 -21.65 -20.76
CA ALA A 120 -2.69 -23.00 -20.68
C ALA A 120 -1.72 -23.96 -20.02
N GLU A 121 -0.43 -23.83 -20.33
CA GLU A 121 0.61 -24.69 -19.75
C GLU A 121 0.82 -24.40 -18.28
N ARG A 122 0.67 -23.13 -17.85
CA ARG A 122 0.78 -22.76 -16.44
C ARG A 122 -0.39 -23.30 -15.64
N ILE A 123 -1.61 -23.21 -16.20
CA ILE A 123 -2.82 -23.73 -15.56
C ILE A 123 -2.69 -25.23 -15.37
N VAL A 124 -2.32 -25.97 -16.43
CA VAL A 124 -2.12 -27.43 -16.39
C VAL A 124 -1.06 -27.77 -15.36
N LEU A 125 0.07 -27.04 -15.38
CA LEU A 125 1.14 -27.27 -14.43
C LEU A 125 0.69 -27.11 -12.98
N GLU A 126 -0.07 -26.08 -12.70
CA GLU A 126 -0.54 -25.79 -11.36
C GLU A 126 -1.73 -26.62 -10.89
N LEU A 127 -2.65 -26.98 -11.79
CA LEU A 127 -3.88 -27.65 -11.40
C LEU A 127 -4.01 -29.13 -11.73
N ARG A 128 -3.13 -29.69 -12.59
CA ARG A 128 -3.10 -31.15 -12.78
C ARG A 128 -2.40 -31.65 -11.50
N ASP A 129 -3.08 -32.52 -10.73
CA ASP A 129 -2.65 -33.06 -9.43
C ASP A 129 -3.52 -32.40 -8.35
N LYS A 130 -3.77 -31.08 -8.46
CA LYS A 130 -4.66 -30.42 -7.49
C LYS A 130 -6.14 -30.53 -7.96
N VAL A 131 -6.48 -31.60 -8.71
CA VAL A 131 -7.81 -31.85 -9.24
C VAL A 131 -8.16 -33.38 -9.16
N GLY A 132 -9.43 -33.70 -8.95
CA GLY A 132 -9.91 -35.07 -8.83
C GLY A 132 -9.91 -35.87 -10.13
N PRO A 133 -11.10 -36.19 -10.69
CA PRO A 133 -11.14 -36.97 -11.94
C PRO A 133 -10.95 -36.09 -13.18
N ALA A 149 -14.27 -44.90 4.96
CA ALA A 149 -14.49 -43.49 4.62
C ALA A 149 -14.26 -42.57 5.82
N VAL A 150 -14.56 -43.06 7.04
CA VAL A 150 -14.36 -42.32 8.28
C VAL A 150 -12.87 -42.09 8.48
N ARG A 151 -12.04 -43.12 8.25
CA ARG A 151 -10.60 -43.04 8.39
C ARG A 151 -9.97 -42.01 7.46
N GLY A 152 -10.31 -42.08 6.18
CA GLY A 152 -9.78 -41.17 5.18
C GLY A 152 -10.13 -39.72 5.46
N SER A 153 -11.37 -39.47 5.91
CA SER A 153 -11.83 -38.14 6.23
C SER A 153 -11.14 -37.56 7.46
N VAL A 154 -10.99 -38.37 8.53
CA VAL A 154 -10.31 -37.93 9.76
C VAL A 154 -8.83 -37.61 9.48
N VAL A 155 -8.15 -38.49 8.71
CA VAL A 155 -6.75 -38.30 8.32
C VAL A 155 -6.60 -37.02 7.49
N GLU A 156 -7.53 -36.80 6.56
CA GLU A 156 -7.56 -35.60 5.70
C GLU A 156 -7.74 -34.33 6.54
N ALA A 157 -8.61 -34.38 7.57
CA ALA A 157 -8.85 -33.24 8.45
C ALA A 157 -7.63 -32.95 9.34
N LEU A 158 -6.93 -34.01 9.80
CA LEU A 158 -5.73 -33.87 10.63
C LEU A 158 -4.59 -33.29 9.80
N VAL A 159 -4.43 -33.76 8.56
CA VAL A 159 -3.44 -33.23 7.62
C VAL A 159 -3.76 -31.75 7.31
N GLY A 160 -5.05 -31.44 7.14
CA GLY A 160 -5.53 -30.08 6.92
C GLY A 160 -5.19 -29.16 8.08
N LEU A 161 -5.14 -29.69 9.30
CA LEU A 161 -4.76 -28.92 10.48
C LEU A 161 -3.23 -28.73 10.61
N GLY A 162 -2.44 -29.44 9.82
CA GLY A 162 -0.99 -29.32 9.84
C GLY A 162 -0.25 -30.57 10.28
N PHE A 163 -0.97 -31.63 10.67
CA PHE A 163 -0.32 -32.87 11.11
C PHE A 163 0.29 -33.61 9.93
N ALA A 164 1.43 -34.28 10.18
CA ALA A 164 2.10 -35.07 9.15
C ALA A 164 1.24 -36.28 8.84
N ALA A 165 1.19 -36.72 7.56
CA ALA A 165 0.38 -37.86 7.14
C ALA A 165 0.67 -39.11 7.96
N LYS A 166 1.95 -39.30 8.35
CA LYS A 166 2.34 -40.44 9.18
C LYS A 166 1.68 -40.36 10.56
N GLN A 167 1.85 -39.24 11.29
CA GLN A 167 1.26 -39.03 12.62
C GLN A 167 -0.29 -39.02 12.61
N ALA A 168 -0.89 -38.55 11.49
CA ALA A 168 -2.34 -38.49 11.34
C ALA A 168 -2.90 -39.91 11.25
N GLU A 169 -2.23 -40.81 10.50
CA GLU A 169 -2.68 -42.19 10.38
C GLU A 169 -2.53 -42.95 11.70
N GLU A 170 -1.46 -42.67 12.47
CA GLU A 170 -1.24 -43.36 13.75
C GLU A 170 -2.34 -43.06 14.76
N ALA A 171 -2.74 -41.79 14.86
CA ALA A 171 -3.76 -41.39 15.83
C ALA A 171 -5.19 -41.83 15.48
N THR A 172 -5.51 -41.96 14.18
CA THR A 172 -6.85 -42.37 13.73
C THR A 172 -7.13 -43.85 13.99
N ASP A 173 -6.20 -44.73 13.58
CA ASP A 173 -6.33 -46.18 13.76
C ASP A 173 -6.37 -46.54 15.25
N GLN A 174 -5.58 -45.83 16.07
CA GLN A 174 -5.54 -46.00 17.52
C GLN A 174 -6.90 -45.67 18.12
N VAL A 175 -7.52 -44.58 17.64
CA VAL A 175 -8.82 -44.08 18.09
C VAL A 175 -9.97 -45.01 17.64
N LEU A 176 -9.90 -45.50 16.39
CA LEU A 176 -10.91 -46.40 15.81
C LEU A 176 -11.02 -47.72 16.60
N ASP A 177 -9.91 -48.16 17.22
CA ASP A 177 -9.88 -49.36 18.05
C ASP A 177 -9.95 -48.96 19.53
N GLY A 178 -11.17 -48.86 20.07
CA GLY A 178 -11.38 -48.48 21.45
C GLY A 178 -12.84 -48.37 21.82
N VAL A 186 -19.98 -44.88 14.34
CA VAL A 186 -18.56 -44.47 14.38
C VAL A 186 -18.38 -42.94 14.54
N ALA A 187 -19.00 -42.14 13.64
CA ALA A 187 -18.99 -40.67 13.51
C ALA A 187 -17.62 -40.07 13.23
N THR A 188 -17.50 -39.39 12.10
CA THR A 188 -16.26 -38.78 11.66
C THR A 188 -15.80 -37.66 12.57
N SER A 189 -16.72 -36.78 12.97
CA SER A 189 -16.38 -35.67 13.85
C SER A 189 -15.96 -36.18 15.22
N SER A 190 -16.64 -37.22 15.71
CA SER A 190 -16.36 -37.85 16.99
C SER A 190 -14.96 -38.46 16.99
N ALA A 191 -14.59 -39.14 15.89
CA ALA A 191 -13.28 -39.74 15.72
C ALA A 191 -12.19 -38.69 15.59
N LEU A 192 -12.50 -37.56 14.94
CA LEU A 192 -11.57 -36.45 14.78
C LEU A 192 -11.26 -35.80 16.13
N ARG A 193 -12.30 -35.59 16.96
CA ARG A 193 -12.12 -35.02 18.30
C ARG A 193 -11.28 -35.95 19.19
N ALA A 194 -11.45 -37.27 19.02
CA ALA A 194 -10.69 -38.28 19.76
C ALA A 194 -9.23 -38.31 19.29
N ALA A 195 -9.00 -38.22 17.97
CA ALA A 195 -7.64 -38.21 17.41
C ALA A 195 -6.90 -36.94 17.84
N LEU A 196 -7.59 -35.79 17.84
CA LEU A 196 -7.00 -34.51 18.28
C LEU A 196 -6.71 -34.50 19.78
N SER A 197 -7.57 -35.15 20.57
CA SER A 197 -7.39 -35.26 22.01
C SER A 197 -6.11 -36.08 22.29
N LEU A 198 -5.93 -37.17 21.53
CA LEU A 198 -4.77 -38.04 21.62
C LEU A 198 -3.50 -37.30 21.18
N LEU A 199 -3.56 -36.54 20.06
CA LEU A 199 -2.42 -35.79 19.54
C LEU A 199 -1.94 -34.64 20.44
N GLY A 200 -2.80 -34.14 21.31
CA GLY A 200 -2.43 -33.08 22.23
C GLY A 200 -1.96 -33.55 23.58
N LYS A 201 -1.82 -34.88 23.78
CA LYS A 201 -1.47 -35.50 25.06
C LYS A 201 -0.18 -35.06 25.74
N THR A 202 0.94 -34.88 25.00
CA THR A 202 2.21 -34.46 25.62
C THR A 202 2.10 -33.07 26.30
N ARG A 203 1.93 -33.07 27.62
CA ARG A 203 1.80 -31.83 28.39
C ARG A 203 3.01 -31.61 29.28
N MET B 1 -20.69 -4.33 -5.42
CA MET B 1 -21.37 -5.59 -5.11
C MET B 1 -22.83 -5.30 -4.81
N ILE B 2 -23.11 -4.23 -4.09
CA ILE B 2 -24.45 -3.84 -3.76
C ILE B 2 -25.02 -3.03 -4.90
N PHE B 3 -26.00 -3.58 -5.60
CA PHE B 3 -26.64 -2.91 -6.72
C PHE B 3 -27.96 -2.26 -6.37
N SER B 4 -28.53 -2.57 -5.19
CA SER B 4 -29.72 -1.90 -4.73
C SER B 4 -29.92 -2.09 -3.24
N VAL B 5 -30.64 -1.16 -2.62
CA VAL B 5 -30.97 -1.22 -1.20
C VAL B 5 -32.46 -0.97 -1.13
N ARG B 6 -33.20 -1.89 -0.54
CA ARG B 6 -34.64 -1.78 -0.44
C ARG B 6 -35.04 -1.91 1.01
N GLY B 7 -35.91 -1.03 1.46
CA GLY B 7 -36.41 -1.07 2.81
C GLY B 7 -37.03 0.24 3.22
N GLU B 8 -37.18 0.41 4.53
CA GLU B 8 -37.79 1.61 5.05
C GLU B 8 -36.87 2.81 5.01
N VAL B 9 -37.36 3.92 4.48
CA VAL B 9 -36.61 5.16 4.45
C VAL B 9 -36.65 5.69 5.86
N LEU B 10 -35.51 5.68 6.57
CA LEU B 10 -35.46 6.21 7.92
C LEU B 10 -35.20 7.71 7.91
N GLU B 11 -34.43 8.21 6.92
CA GLU B 11 -34.07 9.61 6.86
C GLU B 11 -33.90 10.01 5.42
N VAL B 12 -34.34 11.23 5.08
CA VAL B 12 -34.07 11.83 3.79
C VAL B 12 -33.40 13.17 4.12
N ALA B 13 -32.14 13.35 3.72
CA ALA B 13 -31.39 14.58 3.87
C ALA B 13 -31.24 15.20 2.43
N LEU B 14 -30.57 16.35 2.27
CA LEU B 14 -30.45 16.99 0.96
C LEU B 14 -29.49 16.27 0.01
N ASP B 15 -28.55 15.45 0.58
CA ASP B 15 -27.55 14.74 -0.21
C ASP B 15 -27.48 13.22 0.01
N HIS B 16 -28.31 12.70 0.90
CA HIS B 16 -28.29 11.28 1.21
C HIS B 16 -29.60 10.85 1.85
N ALA B 17 -29.81 9.53 1.92
CA ALA B 17 -30.93 8.92 2.59
C ALA B 17 -30.40 7.74 3.42
N VAL B 18 -31.15 7.34 4.44
CA VAL B 18 -30.84 6.16 5.21
C VAL B 18 -31.98 5.19 4.92
N ILE B 19 -31.66 4.00 4.43
CA ILE B 19 -32.66 3.00 4.10
C ILE B 19 -32.35 1.76 4.93
N GLU B 20 -33.33 1.30 5.70
CA GLU B 20 -33.14 0.15 6.56
C GLU B 20 -33.56 -1.12 5.86
N ALA B 21 -32.61 -2.00 5.56
CA ALA B 21 -32.87 -3.27 4.91
C ALA B 21 -32.52 -4.32 5.93
N ALA B 22 -33.51 -5.12 6.37
CA ALA B 22 -33.34 -6.18 7.35
C ALA B 22 -32.53 -5.74 8.63
N GLY B 23 -32.97 -4.65 9.23
CA GLY B 23 -32.35 -4.14 10.44
C GLY B 23 -31.13 -3.27 10.24
N ILE B 24 -30.54 -3.24 9.04
CA ILE B 24 -29.37 -2.40 8.80
C ILE B 24 -29.75 -1.13 8.08
N GLY B 25 -29.48 0.02 8.66
CA GLY B 25 -29.72 1.29 8.01
C GLY B 25 -28.51 1.64 7.18
N TYR B 26 -28.67 1.72 5.88
CA TYR B 26 -27.59 2.03 4.96
C TYR B 26 -27.64 3.48 4.61
N ARG B 27 -26.53 4.17 4.75
CA ARG B 27 -26.45 5.54 4.30
C ARG B 27 -26.15 5.46 2.80
N VAL B 28 -26.99 6.09 2.01
CA VAL B 28 -26.83 6.07 0.57
C VAL B 28 -26.76 7.52 0.11
N ASN B 29 -25.61 7.95 -0.41
CA ASN B 29 -25.42 9.30 -0.95
C ASN B 29 -26.15 9.30 -2.24
N ALA B 30 -27.17 10.15 -2.39
CA ALA B 30 -28.02 10.11 -3.57
C ALA B 30 -28.15 11.45 -4.27
N THR B 31 -28.45 11.38 -5.58
CA THR B 31 -28.67 12.58 -6.37
C THR B 31 -30.01 13.19 -5.91
N PRO B 32 -30.20 14.51 -6.09
CA PRO B 32 -31.49 15.11 -5.73
C PRO B 32 -32.70 14.44 -6.43
N SER B 33 -32.56 13.93 -7.67
CA SER B 33 -33.67 13.24 -8.34
C SER B 33 -34.00 11.90 -7.66
N ALA B 34 -32.97 11.19 -7.14
CA ALA B 34 -33.20 9.94 -6.44
C ALA B 34 -33.85 10.22 -5.09
N LEU B 35 -33.44 11.32 -4.42
CA LEU B 35 -33.94 11.76 -3.12
C LEU B 35 -35.36 12.32 -3.18
N ALA B 36 -35.77 12.86 -4.34
CA ALA B 36 -37.12 13.39 -4.60
C ALA B 36 -38.17 12.28 -4.45
N THR B 37 -37.80 11.07 -4.86
CA THR B 37 -38.61 9.85 -4.78
C THR B 37 -38.77 9.34 -3.32
N LEU B 38 -37.88 9.75 -2.40
CA LEU B 38 -37.89 9.24 -1.05
C LEU B 38 -38.61 10.09 -0.04
N ARG B 39 -39.30 9.41 0.86
CA ARG B 39 -40.04 10.05 1.92
C ARG B 39 -39.93 9.15 3.17
N GLN B 40 -39.57 9.72 4.33
CA GLN B 40 -39.41 9.02 5.59
C GLN B 40 -40.66 8.16 5.92
N GLY B 41 -40.43 6.90 6.31
CA GLY B 41 -41.50 5.96 6.63
C GLY B 41 -41.94 5.09 5.47
N SER B 42 -41.70 5.54 4.24
CA SER B 42 -42.06 4.77 3.05
C SER B 42 -41.05 3.64 2.81
N GLN B 43 -41.45 2.63 2.04
CA GLN B 43 -40.56 1.59 1.56
C GLN B 43 -40.06 2.09 0.23
N ALA B 44 -38.78 1.86 -0.05
CA ALA B 44 -38.18 2.28 -1.32
C ALA B 44 -37.06 1.36 -1.69
N ARG B 45 -36.78 1.23 -3.00
CA ARG B 45 -35.64 0.49 -3.48
C ARG B 45 -34.82 1.48 -4.24
N LEU B 46 -33.64 1.78 -3.75
CA LEU B 46 -32.75 2.72 -4.38
C LEU B 46 -31.70 1.92 -5.14
N VAL B 47 -31.47 2.28 -6.39
CA VAL B 47 -30.49 1.63 -7.22
C VAL B 47 -29.13 2.20 -6.84
N THR B 48 -28.14 1.35 -6.54
CA THR B 48 -26.87 1.82 -5.97
C THR B 48 -25.60 1.33 -6.68
N ALA B 49 -24.48 1.98 -6.36
CA ALA B 49 -23.15 1.61 -6.74
C ALA B 49 -22.33 1.69 -5.44
N MET B 50 -21.65 0.61 -5.10
CA MET B 50 -20.81 0.57 -3.89
C MET B 50 -19.39 0.89 -4.31
N VAL B 51 -18.81 1.92 -3.71
CA VAL B 51 -17.44 2.30 -4.01
C VAL B 51 -16.58 1.87 -2.83
N VAL B 52 -15.63 0.99 -3.11
CA VAL B 52 -14.74 0.44 -2.12
C VAL B 52 -13.38 1.06 -2.29
N ARG B 53 -12.83 1.57 -1.20
CA ARG B 53 -11.49 2.13 -1.15
C ARG B 53 -10.83 1.54 0.11
N GLU B 54 -9.50 1.63 0.24
CA GLU B 54 -8.78 1.10 1.41
C GLU B 54 -9.41 1.51 2.77
N ASP B 55 -9.83 2.76 2.88
CA ASP B 55 -10.38 3.30 4.12
C ASP B 55 -11.84 3.73 4.04
N SER B 56 -12.60 3.20 3.05
CA SER B 56 -14.01 3.55 2.94
C SER B 56 -14.85 2.57 2.14
N MET B 57 -16.11 2.49 2.49
CA MET B 57 -17.11 1.72 1.78
C MET B 57 -18.31 2.65 1.71
N THR B 58 -18.68 3.07 0.51
CA THR B 58 -19.72 4.08 0.34
C THR B 58 -20.74 3.66 -0.69
N LEU B 59 -22.03 3.92 -0.43
CA LEU B 59 -23.09 3.63 -1.37
C LEU B 59 -23.56 4.93 -2.01
N TYR B 60 -23.75 4.89 -3.33
CA TYR B 60 -24.27 6.00 -4.11
C TYR B 60 -25.58 5.54 -4.71
N GLY B 61 -26.62 6.36 -4.59
CA GLY B 61 -27.97 5.99 -4.99
C GLY B 61 -28.54 6.83 -6.08
N PHE B 62 -29.28 6.18 -6.95
CA PHE B 62 -29.81 6.75 -8.18
C PHE B 62 -31.27 6.40 -8.37
N SER B 63 -31.99 7.21 -9.18
CA SER B 63 -33.40 6.95 -9.44
C SER B 63 -33.61 5.70 -10.31
N ASP B 64 -32.59 5.25 -11.07
CA ASP B 64 -32.66 4.06 -11.90
C ASP B 64 -31.28 3.50 -12.25
N ALA B 65 -31.24 2.32 -12.88
CA ALA B 65 -30.02 1.66 -13.31
C ALA B 65 -29.27 2.46 -14.38
N GLU B 66 -29.98 3.23 -15.20
CA GLU B 66 -29.38 4.03 -16.26
C GLU B 66 -28.46 5.10 -15.67
N ASN B 67 -28.93 5.82 -14.64
CA ASN B 67 -28.12 6.83 -13.97
C ASN B 67 -26.99 6.21 -13.17
N ARG B 68 -27.21 5.03 -12.58
CA ARG B 68 -26.19 4.35 -11.83
C ARG B 68 -25.07 3.92 -12.76
N ASP B 69 -25.40 3.40 -13.96
CA ASP B 69 -24.42 2.98 -14.95
C ASP B 69 -23.65 4.18 -15.51
N LEU B 70 -24.32 5.34 -15.66
CA LEU B 70 -23.66 6.55 -16.10
C LEU B 70 -22.68 7.03 -15.03
N PHE B 71 -23.04 6.89 -13.72
CA PHE B 71 -22.15 7.24 -12.61
C PHE B 71 -20.89 6.38 -12.67
N LEU B 72 -21.04 5.08 -12.95
CA LEU B 72 -19.92 4.16 -13.05
C LEU B 72 -19.05 4.47 -14.26
N ALA B 73 -19.64 4.92 -15.35
CA ALA B 73 -18.94 5.33 -16.56
C ALA B 73 -18.14 6.60 -16.27
N LEU B 74 -18.74 7.55 -15.55
CA LEU B 74 -18.04 8.78 -15.15
C LEU B 74 -16.85 8.46 -14.24
N LEU B 75 -17.01 7.50 -13.31
CA LEU B 75 -15.94 7.08 -12.40
C LEU B 75 -14.75 6.50 -13.12
N SER B 76 -14.96 5.88 -14.28
CA SER B 76 -13.88 5.29 -15.04
C SER B 76 -12.96 6.32 -15.70
N VAL B 77 -13.39 7.59 -15.78
CA VAL B 77 -12.62 8.69 -16.36
C VAL B 77 -11.62 9.17 -15.30
N SER B 78 -10.32 9.21 -15.64
CA SER B 78 -9.28 9.70 -14.74
C SER B 78 -9.53 11.17 -14.44
N GLY B 79 -9.50 11.52 -13.17
CA GLY B 79 -9.82 12.87 -12.74
C GLY B 79 -11.25 13.01 -12.24
N VAL B 80 -12.11 12.00 -12.52
CA VAL B 80 -13.49 12.03 -12.06
C VAL B 80 -13.68 11.01 -10.98
N GLY B 81 -14.00 11.48 -9.79
CA GLY B 81 -14.26 10.61 -8.66
C GLY B 81 -15.73 10.62 -8.29
N PRO B 82 -16.07 10.00 -7.16
CA PRO B 82 -17.49 9.90 -6.78
C PRO B 82 -18.20 11.22 -6.60
N ARG B 83 -17.58 12.21 -5.97
CA ARG B 83 -18.20 13.51 -5.74
C ARG B 83 -18.50 14.25 -7.03
N LEU B 84 -17.56 14.23 -7.97
CA LEU B 84 -17.72 14.88 -9.27
C LEU B 84 -18.72 14.15 -10.15
N ALA B 85 -18.73 12.81 -10.09
CA ALA B 85 -19.70 12.03 -10.85
C ALA B 85 -21.11 12.28 -10.30
N MET B 86 -21.28 12.45 -8.97
CA MET B 86 -22.58 12.76 -8.38
C MET B 86 -23.02 14.16 -8.75
N ALA B 87 -22.10 15.14 -8.72
CA ALA B 87 -22.41 16.52 -9.12
C ALA B 87 -22.85 16.58 -10.58
N THR B 88 -22.25 15.75 -11.44
CA THR B 88 -22.60 15.69 -12.85
C THR B 88 -24.02 15.18 -13.02
N LEU B 89 -24.38 14.12 -12.29
CA LEU B 89 -25.73 13.56 -12.37
C LEU B 89 -26.78 14.43 -11.67
N ALA B 90 -26.36 15.30 -10.73
CA ALA B 90 -27.27 16.23 -10.08
C ALA B 90 -27.65 17.38 -11.04
N VAL B 91 -26.72 17.77 -11.93
CA VAL B 91 -26.92 18.84 -12.91
C VAL B 91 -27.53 18.31 -14.21
N HIS B 92 -27.03 17.16 -14.70
CA HIS B 92 -27.54 16.59 -15.94
C HIS B 92 -28.28 15.29 -15.76
N ASP B 93 -29.49 15.22 -16.34
CA ASP B 93 -30.29 14.00 -16.33
C ASP B 93 -29.64 12.95 -17.24
N ALA B 94 -30.06 11.69 -17.14
CA ALA B 94 -29.46 10.61 -17.94
C ALA B 94 -29.43 10.88 -19.45
N ALA B 95 -30.53 11.37 -20.01
CA ALA B 95 -30.64 11.68 -21.43
C ALA B 95 -29.74 12.85 -21.80
N ALA B 96 -29.71 13.90 -20.96
CA ALA B 96 -28.89 15.08 -21.26
C ALA B 96 -27.40 14.75 -21.23
N LEU B 97 -26.96 13.88 -20.30
CA LEU B 97 -25.56 13.49 -20.22
C LEU B 97 -25.20 12.58 -21.39
N ARG B 98 -26.11 11.66 -21.77
CA ARG B 98 -25.90 10.76 -22.91
C ARG B 98 -25.82 11.56 -24.24
N GLN B 99 -26.52 12.72 -24.29
CA GLN B 99 -26.62 13.66 -25.40
C GLN B 99 -25.34 14.49 -25.49
N ALA B 100 -24.88 15.05 -24.36
CA ALA B 100 -23.66 15.86 -24.36
C ALA B 100 -22.44 15.04 -24.78
N LEU B 101 -22.43 13.73 -24.52
CA LEU B 101 -21.33 12.87 -24.90
C LEU B 101 -21.33 12.65 -26.42
N ALA B 102 -22.53 12.41 -26.98
CA ALA B 102 -22.68 12.22 -28.42
C ALA B 102 -22.34 13.51 -29.19
N ASP B 103 -22.83 14.66 -28.71
CA ASP B 103 -22.59 15.95 -29.35
C ASP B 103 -21.28 16.63 -28.92
N SER B 104 -20.45 15.99 -28.06
CA SER B 104 -19.21 16.57 -27.53
C SER B 104 -19.43 17.98 -26.97
N ASP B 105 -20.57 18.17 -26.30
CA ASP B 105 -20.98 19.44 -25.71
C ASP B 105 -20.21 19.69 -24.42
N VAL B 106 -18.97 20.12 -24.58
CA VAL B 106 -18.07 20.47 -23.49
C VAL B 106 -18.64 21.60 -22.63
N ALA B 107 -19.38 22.52 -23.23
CA ALA B 107 -19.98 23.65 -22.53
C ALA B 107 -21.02 23.21 -21.51
N SER B 108 -21.84 22.20 -21.83
CA SER B 108 -22.86 21.72 -20.90
C SER B 108 -22.21 20.99 -19.73
N LEU B 109 -21.19 20.17 -20.01
CA LEU B 109 -20.41 19.46 -18.99
C LEU B 109 -19.70 20.44 -18.08
N THR B 110 -19.20 21.54 -18.62
CA THR B 110 -18.55 22.59 -17.83
C THR B 110 -19.51 23.31 -16.88
N ARG B 111 -20.85 23.19 -17.09
CA ARG B 111 -21.84 23.75 -16.17
C ARG B 111 -21.78 23.05 -14.79
N VAL B 112 -21.31 21.79 -14.75
CA VAL B 112 -21.15 21.03 -13.53
C VAL B 112 -19.99 21.63 -12.76
N PRO B 113 -20.21 22.04 -11.51
CA PRO B 113 -19.11 22.63 -10.73
C PRO B 113 -18.05 21.60 -10.42
N GLY B 114 -16.79 22.00 -10.53
CA GLY B 114 -15.66 21.10 -10.36
C GLY B 114 -15.16 20.56 -11.69
N ILE B 115 -15.97 20.65 -12.76
CA ILE B 115 -15.59 20.22 -14.10
C ILE B 115 -15.29 21.46 -14.93
N GLY B 116 -14.03 21.59 -15.30
CA GLY B 116 -13.57 22.67 -16.16
C GLY B 116 -13.47 22.20 -17.60
N LYS B 117 -12.93 23.06 -18.49
CA LYS B 117 -12.80 22.71 -19.91
C LYS B 117 -12.00 21.42 -20.12
N ARG B 118 -10.89 21.26 -19.36
CA ARG B 118 -10.04 20.08 -19.48
C ARG B 118 -10.75 18.81 -19.06
N GLY B 119 -11.41 18.86 -17.91
CA GLY B 119 -12.18 17.76 -17.38
C GLY B 119 -13.30 17.35 -18.31
N ALA B 120 -14.05 18.34 -18.84
CA ALA B 120 -15.14 18.09 -19.78
C ALA B 120 -14.64 17.41 -21.05
N GLU B 121 -13.48 17.84 -21.53
CA GLU B 121 -12.89 17.22 -22.72
C GLU B 121 -12.41 15.80 -22.47
N ARG B 122 -11.93 15.52 -21.25
CA ARG B 122 -11.50 14.17 -20.87
C ARG B 122 -12.70 13.25 -20.80
N ILE B 123 -13.81 13.71 -20.21
CA ILE B 123 -15.04 12.94 -20.10
C ILE B 123 -15.57 12.59 -21.47
N VAL B 124 -15.71 13.60 -22.37
CA VAL B 124 -16.16 13.40 -23.75
C VAL B 124 -15.23 12.43 -24.48
N LEU B 125 -13.91 12.64 -24.35
CA LEU B 125 -12.94 11.78 -25.00
C LEU B 125 -13.07 10.32 -24.55
N GLU B 126 -13.23 10.11 -23.24
CA GLU B 126 -13.32 8.77 -22.68
C GLU B 126 -14.67 8.08 -22.85
N LEU B 127 -15.77 8.84 -22.84
CA LEU B 127 -17.09 8.22 -22.87
C LEU B 127 -17.90 8.34 -24.17
N ARG B 128 -17.47 9.12 -25.18
CA ARG B 128 -18.24 9.23 -26.42
C ARG B 128 -18.49 7.87 -27.08
N ASP B 129 -17.45 7.07 -27.27
CA ASP B 129 -17.59 5.75 -27.88
C ASP B 129 -18.06 4.64 -26.94
N LYS B 130 -18.01 4.88 -25.62
CA LYS B 130 -18.45 3.91 -24.60
C LYS B 130 -19.88 4.22 -24.12
N VAL B 131 -20.73 4.78 -24.99
CA VAL B 131 -22.11 5.15 -24.65
C VAL B 131 -23.10 4.71 -25.76
N GLY B 132 -24.38 4.54 -25.39
CA GLY B 132 -25.41 4.10 -26.33
C GLY B 132 -26.09 5.20 -27.12
N PRO B 133 -27.42 5.31 -27.02
CA PRO B 133 -28.13 6.36 -27.77
C PRO B 133 -28.14 7.70 -27.06
N ASN B 148 -31.31 -10.88 -34.94
CA ASN B 148 -31.70 -9.47 -35.02
C ASN B 148 -31.04 -8.70 -33.84
N ALA B 149 -31.81 -8.35 -32.78
CA ALA B 149 -31.31 -7.79 -31.53
C ALA B 149 -30.61 -8.93 -30.73
N VAL B 150 -31.01 -10.20 -30.95
CA VAL B 150 -30.45 -11.41 -30.37
C VAL B 150 -28.99 -11.48 -30.82
N ARG B 151 -28.75 -11.32 -32.13
CA ARG B 151 -27.40 -11.40 -32.67
C ARG B 151 -26.42 -10.41 -32.06
N GLY B 152 -26.78 -9.14 -32.02
CA GLY B 152 -25.92 -8.12 -31.47
C GLY B 152 -25.66 -8.32 -29.99
N SER B 153 -26.67 -8.75 -29.24
CA SER B 153 -26.53 -9.00 -27.82
C SER B 153 -25.56 -10.16 -27.56
N VAL B 154 -25.70 -11.27 -28.30
CA VAL B 154 -24.85 -12.45 -28.14
C VAL B 154 -23.41 -12.12 -28.51
N VAL B 155 -23.21 -11.40 -29.64
CA VAL B 155 -21.89 -10.98 -30.11
C VAL B 155 -21.24 -10.09 -29.05
N GLU B 156 -21.99 -9.15 -28.51
CA GLU B 156 -21.51 -8.24 -27.46
C GLU B 156 -21.09 -9.01 -26.19
N ALA B 157 -21.85 -10.06 -25.80
CA ALA B 157 -21.51 -10.88 -24.65
C ALA B 157 -20.25 -11.75 -24.91
N LEU B 158 -20.08 -12.22 -26.15
CA LEU B 158 -18.90 -13.00 -26.53
C LEU B 158 -17.67 -12.12 -26.55
N VAL B 159 -17.80 -10.90 -27.09
CA VAL B 159 -16.72 -9.89 -27.09
C VAL B 159 -16.37 -9.52 -25.64
N GLY B 160 -17.38 -9.38 -24.79
CA GLY B 160 -17.19 -9.11 -23.37
C GLY B 160 -16.44 -10.22 -22.66
N LEU B 161 -16.57 -11.47 -23.13
CA LEU B 161 -15.82 -12.58 -22.58
C LEU B 161 -14.36 -12.66 -23.10
N GLY B 162 -14.02 -11.87 -24.11
CA GLY B 162 -12.68 -11.86 -24.66
C GLY B 162 -12.54 -12.34 -26.08
N PHE B 163 -13.66 -12.77 -26.69
CA PHE B 163 -13.60 -13.26 -28.07
C PHE B 163 -13.45 -12.11 -29.04
N ALA B 164 -12.74 -12.36 -30.15
CA ALA B 164 -12.59 -11.34 -31.19
C ALA B 164 -13.94 -11.19 -31.89
N ALA B 165 -14.31 -9.98 -32.27
CA ALA B 165 -15.59 -9.71 -32.89
C ALA B 165 -15.91 -10.58 -34.09
N LYS B 166 -14.91 -10.89 -34.94
CA LYS B 166 -15.14 -11.74 -36.10
C LYS B 166 -15.46 -13.18 -35.69
N GLN B 167 -14.70 -13.74 -34.74
CA GLN B 167 -14.93 -15.09 -34.21
C GLN B 167 -16.27 -15.15 -33.43
N ALA B 168 -16.68 -14.04 -32.80
CA ALA B 168 -17.95 -13.92 -32.10
C ALA B 168 -19.11 -13.89 -33.10
N GLU B 169 -18.97 -13.15 -34.22
CA GLU B 169 -20.02 -13.07 -35.25
C GLU B 169 -20.19 -14.41 -35.94
N GLU B 170 -19.08 -15.08 -36.24
CA GLU B 170 -19.12 -16.38 -36.89
C GLU B 170 -19.81 -17.43 -36.06
N ALA B 171 -19.51 -17.50 -34.75
CA ALA B 171 -20.13 -18.48 -33.87
C ALA B 171 -21.61 -18.16 -33.66
N THR B 172 -21.96 -16.88 -33.50
CA THR B 172 -23.35 -16.47 -33.31
C THR B 172 -24.17 -16.78 -34.56
N ASP B 173 -23.63 -16.52 -35.76
CA ASP B 173 -24.34 -16.78 -37.01
C ASP B 173 -24.48 -18.28 -37.24
N GLN B 174 -23.46 -19.08 -36.93
CA GLN B 174 -23.54 -20.53 -37.09
C GLN B 174 -24.66 -21.16 -36.23
N VAL B 175 -25.01 -20.54 -35.08
CA VAL B 175 -26.04 -21.09 -34.21
C VAL B 175 -27.42 -20.44 -34.44
N LEU B 176 -27.46 -19.20 -34.92
CA LEU B 176 -28.72 -18.52 -35.19
C LEU B 176 -29.28 -18.87 -36.60
N ASP B 177 -28.41 -19.23 -37.53
CA ASP B 177 -28.81 -19.61 -38.90
C ASP B 177 -28.95 -21.12 -39.09
N GLY B 178 -28.37 -21.92 -38.19
CA GLY B 178 -28.43 -23.36 -38.27
C GLY B 178 -29.72 -23.97 -37.76
N GLU B 179 -29.77 -24.26 -36.45
CA GLU B 179 -30.96 -24.88 -35.84
C GLU B 179 -31.80 -23.86 -35.04
N LEU B 180 -31.82 -22.59 -35.51
CA LEU B 180 -32.61 -21.58 -34.84
C LEU B 180 -33.71 -21.02 -35.79
N GLY B 181 -33.65 -19.74 -36.17
CA GLY B 181 -34.69 -19.14 -36.99
C GLY B 181 -35.87 -18.82 -36.09
N LYS B 182 -35.58 -18.07 -35.00
CA LYS B 182 -36.52 -17.65 -33.95
C LYS B 182 -37.02 -18.79 -33.08
N VAL B 186 -34.32 -19.67 -30.61
CA VAL B 186 -33.82 -19.65 -29.23
C VAL B 186 -33.70 -18.21 -28.66
N ALA B 187 -33.87 -18.08 -27.33
CA ALA B 187 -33.66 -16.86 -26.52
C ALA B 187 -32.18 -16.39 -26.67
N THR B 188 -31.85 -15.16 -26.22
CA THR B 188 -30.50 -14.63 -26.31
C THR B 188 -29.52 -15.40 -25.47
N SER B 189 -29.90 -15.74 -24.23
CA SER B 189 -29.00 -16.49 -23.35
C SER B 189 -28.79 -17.91 -23.86
N SER B 190 -29.84 -18.51 -24.41
CA SER B 190 -29.80 -19.85 -24.98
C SER B 190 -28.87 -19.86 -26.19
N ALA B 191 -28.91 -18.81 -27.03
CA ALA B 191 -28.04 -18.67 -28.20
C ALA B 191 -26.59 -18.40 -27.77
N LEU B 192 -26.39 -17.68 -26.66
CA LEU B 192 -25.07 -17.42 -26.11
C LEU B 192 -24.43 -18.74 -25.63
N ARG B 193 -25.20 -19.59 -24.91
CA ARG B 193 -24.70 -20.87 -24.45
C ARG B 193 -24.36 -21.80 -25.64
N ALA B 194 -25.12 -21.71 -26.72
CA ALA B 194 -24.87 -22.48 -27.95
C ALA B 194 -23.61 -21.96 -28.67
N ALA B 195 -23.43 -20.63 -28.74
CA ALA B 195 -22.24 -20.04 -29.37
C ALA B 195 -20.97 -20.38 -28.57
N LEU B 196 -21.06 -20.35 -27.23
CA LEU B 196 -19.95 -20.70 -26.35
C LEU B 196 -19.61 -22.18 -26.42
N SER B 197 -20.64 -23.02 -26.58
CA SER B 197 -20.46 -24.46 -26.72
C SER B 197 -19.67 -24.75 -28.01
N LEU B 198 -20.04 -24.07 -29.09
CA LEU B 198 -19.39 -24.18 -30.37
C LEU B 198 -17.94 -23.65 -30.31
N LEU B 199 -17.71 -22.50 -29.65
CA LEU B 199 -16.39 -21.90 -29.52
C LEU B 199 -15.40 -22.73 -28.69
N GLY B 200 -15.91 -23.57 -27.80
CA GLY B 200 -15.06 -24.44 -27.00
C GLY B 200 -14.66 -25.74 -27.65
N LYS B 201 -15.24 -26.04 -28.82
CA LYS B 201 -14.93 -27.23 -29.60
C LYS B 201 -13.87 -26.79 -30.63
N THR B 202 -14.31 -25.93 -31.61
CA THR B 202 -13.70 -25.35 -32.84
C THR B 202 -12.47 -26.15 -33.37
N ARG B 203 -11.31 -26.13 -32.65
CA ARG B 203 -10.09 -26.85 -33.03
C ARG B 203 -9.57 -26.44 -34.41
N MET C 1 -20.91 3.22 5.73
CA MET C 1 -22.06 2.76 4.96
C MET C 1 -23.18 2.33 5.90
N ILE C 2 -22.84 1.68 7.00
CA ILE C 2 -23.81 1.24 7.98
C ILE C 2 -24.07 2.38 8.94
N PHE C 3 -25.27 2.95 8.90
CA PHE C 3 -25.64 4.05 9.76
C PHE C 3 -26.44 3.63 10.99
N SER C 4 -26.96 2.40 11.01
CA SER C 4 -27.62 1.88 12.20
C SER C 4 -27.74 0.37 12.14
N VAL C 5 -27.79 -0.25 13.31
CA VAL C 5 -27.94 -1.69 13.44
C VAL C 5 -29.12 -1.91 14.37
N ARG C 6 -30.12 -2.62 13.92
CA ARG C 6 -31.30 -2.90 14.69
C ARG C 6 -31.55 -4.39 14.76
N GLY C 7 -31.80 -4.88 15.97
CA GLY C 7 -32.05 -6.29 16.17
C GLY C 7 -31.90 -6.70 17.61
N GLU C 8 -31.78 -8.00 17.83
CA GLU C 8 -31.69 -8.55 19.17
C GLU C 8 -30.32 -8.34 19.76
N VAL C 9 -30.26 -7.76 20.97
CA VAL C 9 -28.99 -7.58 21.63
C VAL C 9 -28.63 -8.95 22.18
N LEU C 10 -27.55 -9.54 21.66
CA LEU C 10 -27.07 -10.84 22.12
C LEU C 10 -26.15 -10.72 23.31
N GLU C 11 -25.42 -9.64 23.42
CA GLU C 11 -24.48 -9.39 24.48
C GLU C 11 -24.39 -7.91 24.76
N VAL C 12 -24.27 -7.52 26.01
CA VAL C 12 -24.00 -6.14 26.42
C VAL C 12 -22.78 -6.24 27.31
N ALA C 13 -21.71 -5.58 26.94
CA ALA C 13 -20.49 -5.48 27.73
C ALA C 13 -20.37 -3.97 28.13
N LEU C 14 -19.35 -3.58 28.90
CA LEU C 14 -19.16 -2.18 29.29
C LEU C 14 -18.66 -1.29 28.17
N ASP C 15 -18.12 -1.87 27.08
CA ASP C 15 -17.59 -1.09 25.97
C ASP C 15 -18.14 -1.44 24.58
N HIS C 16 -19.02 -2.43 24.52
CA HIS C 16 -19.59 -2.87 23.24
C HIS C 16 -20.87 -3.67 23.46
N ALA C 17 -21.60 -3.89 22.39
CA ALA C 17 -22.77 -4.77 22.39
C ALA C 17 -22.71 -5.59 21.11
N VAL C 18 -23.36 -6.74 21.12
CA VAL C 18 -23.52 -7.54 19.92
C VAL C 18 -25.00 -7.46 19.59
N ILE C 19 -25.33 -6.99 18.40
CA ILE C 19 -26.71 -6.87 17.97
C ILE C 19 -26.91 -7.73 16.74
N GLU C 20 -27.85 -8.64 16.78
CA GLU C 20 -28.14 -9.55 15.69
C GLU C 20 -29.19 -8.98 14.76
N ALA C 21 -28.80 -8.64 13.54
CA ALA C 21 -29.70 -8.11 12.52
C ALA C 21 -29.69 -9.14 11.41
N ALA C 22 -30.87 -9.73 11.10
CA ALA C 22 -31.02 -10.75 10.06
C ALA C 22 -30.00 -11.91 10.18
N GLY C 23 -29.87 -12.47 11.35
CA GLY C 23 -28.98 -13.59 11.61
C GLY C 23 -27.52 -13.23 11.84
N ILE C 24 -27.10 -11.99 11.58
CA ILE C 24 -25.70 -11.61 11.77
C ILE C 24 -25.55 -10.82 13.05
N GLY C 25 -24.73 -11.30 13.97
CA GLY C 25 -24.43 -10.58 15.18
C GLY C 25 -23.32 -9.59 14.90
N TYR C 26 -23.60 -8.30 15.00
CA TYR C 26 -22.62 -7.26 14.77
C TYR C 26 -22.06 -6.80 16.07
N ARG C 27 -20.74 -6.76 16.19
CA ARG C 27 -20.11 -6.23 17.36
C ARG C 27 -20.09 -4.74 17.10
N VAL C 28 -20.62 -3.97 18.06
CA VAL C 28 -20.68 -2.53 17.94
C VAL C 28 -20.01 -1.96 19.15
N ASN C 29 -18.85 -1.33 18.98
CA ASN C 29 -18.13 -0.66 20.08
C ASN C 29 -18.93 0.57 20.39
N ALA C 30 -19.45 0.70 21.60
CA ALA C 30 -20.36 1.78 21.92
C ALA C 30 -19.97 2.55 23.16
N THR C 31 -20.43 3.79 23.25
CA THR C 31 -20.19 4.61 24.41
C THR C 31 -21.05 4.06 25.56
N PRO C 32 -20.64 4.29 26.81
CA PRO C 32 -21.48 3.85 27.93
C PRO C 32 -22.92 4.39 27.89
N SER C 33 -23.14 5.61 27.36
CA SER C 33 -24.48 6.14 27.27
C SER C 33 -25.33 5.43 26.21
N ALA C 34 -24.68 4.95 25.12
CA ALA C 34 -25.39 4.18 24.11
C ALA C 34 -25.76 2.80 24.66
N LEU C 35 -24.91 2.21 25.49
CA LEU C 35 -25.11 0.87 26.04
C LEU C 35 -26.13 0.86 27.17
N ALA C 36 -26.34 2.01 27.84
CA ALA C 36 -27.16 2.19 29.02
C ALA C 36 -28.50 1.49 28.98
N THR C 37 -29.27 1.66 27.89
CA THR C 37 -30.59 1.06 27.79
C THR C 37 -30.59 -0.34 27.16
N LEU C 38 -29.43 -0.83 26.70
CA LEU C 38 -29.35 -2.11 26.03
C LEU C 38 -29.33 -3.24 27.05
N ARG C 39 -30.12 -4.29 26.80
CA ARG C 39 -30.23 -5.47 27.66
CA ARG C 39 -30.19 -5.48 27.66
C ARG C 39 -30.22 -6.69 26.77
N GLN C 40 -29.55 -7.76 27.19
CA GLN C 40 -29.51 -9.02 26.46
C GLN C 40 -30.93 -9.57 26.21
N GLY C 41 -31.23 -9.98 24.98
CA GLY C 41 -32.55 -10.49 24.59
C GLY C 41 -33.52 -9.42 24.12
N SER C 42 -33.19 -8.14 24.34
CA SER C 42 -34.05 -7.06 23.93
C SER C 42 -33.69 -6.57 22.55
N GLN C 43 -34.68 -6.06 21.81
CA GLN C 43 -34.49 -5.45 20.51
C GLN C 43 -34.00 -4.05 20.76
N ALA C 44 -33.07 -3.59 19.95
CA ALA C 44 -32.55 -2.23 20.03
C ALA C 44 -32.05 -1.78 18.65
N ARG C 45 -32.02 -0.46 18.41
CA ARG C 45 -31.45 0.14 17.21
C ARG C 45 -30.36 1.04 17.70
N LEU C 46 -29.14 0.75 17.32
CA LEU C 46 -28.00 1.56 17.67
C LEU C 46 -27.58 2.36 16.47
N VAL C 47 -27.34 3.66 16.66
CA VAL C 47 -26.87 4.54 15.58
C VAL C 47 -25.37 4.31 15.44
N THR C 48 -24.87 4.04 14.22
CA THR C 48 -23.48 3.62 14.04
C THR C 48 -22.68 4.39 12.99
N ALA C 49 -21.34 4.24 13.04
CA ALA C 49 -20.39 4.71 12.06
C ALA C 49 -19.50 3.50 11.78
N MET C 50 -19.37 3.12 10.50
CA MET C 50 -18.52 2.00 10.14
C MET C 50 -17.15 2.55 9.74
N VAL C 51 -16.10 2.08 10.38
CA VAL C 51 -14.75 2.51 10.07
C VAL C 51 -14.05 1.37 9.35
N VAL C 52 -13.65 1.65 8.12
CA VAL C 52 -13.02 0.67 7.26
C VAL C 52 -11.54 1.00 7.16
N ARG C 53 -10.69 0.02 7.38
CA ARG C 53 -9.24 0.14 7.26
C ARG C 53 -8.76 -1.11 6.51
N GLU C 54 -7.51 -1.14 6.03
CA GLU C 54 -6.98 -2.30 5.29
C GLU C 54 -7.22 -3.64 6.00
N ASP C 55 -6.97 -3.70 7.31
CA ASP C 55 -7.09 -4.92 8.08
C ASP C 55 -8.22 -4.90 9.10
N SER C 56 -9.23 -4.02 8.93
CA SER C 56 -10.34 -3.99 9.88
C SER C 56 -11.60 -3.36 9.34
N MET C 57 -12.72 -3.82 9.87
CA MET C 57 -14.04 -3.29 9.62
C MET C 57 -14.66 -3.24 11.00
N THR C 58 -14.95 -2.05 11.47
CA THR C 58 -15.43 -1.88 12.85
C THR C 58 -16.63 -0.96 12.90
N LEU C 59 -17.60 -1.29 13.75
CA LEU C 59 -18.78 -0.47 13.96
C LEU C 59 -18.64 0.22 15.30
N TYR C 60 -18.98 1.51 15.33
CA TYR C 60 -19.01 2.32 16.52
C TYR C 60 -20.45 2.75 16.72
N GLY C 61 -20.98 2.62 17.92
CA GLY C 61 -22.38 2.87 18.23
C GLY C 61 -22.61 3.97 19.22
N PHE C 62 -23.66 4.73 18.98
CA PHE C 62 -23.98 5.94 19.72
C PHE C 62 -25.45 6.00 20.10
N SER C 63 -25.79 6.81 21.11
CA SER C 63 -27.19 6.94 21.54
C SER C 63 -28.05 7.68 20.51
N ASP C 64 -27.43 8.48 19.61
CA ASP C 64 -28.14 9.23 18.57
C ASP C 64 -27.21 9.64 17.43
N ALA C 65 -27.77 10.19 16.36
CA ALA C 65 -27.03 10.68 15.20
C ALA C 65 -26.13 11.86 15.54
N GLU C 66 -26.51 12.69 16.52
CA GLU C 66 -25.70 13.84 16.93
C GLU C 66 -24.33 13.38 17.46
N ASN C 67 -24.30 12.37 18.32
CA ASN C 67 -23.07 11.83 18.86
C ASN C 67 -22.27 11.08 17.81
N ARG C 68 -22.95 10.42 16.87
CA ARG C 68 -22.30 9.72 15.79
C ARG C 68 -21.59 10.69 14.88
N ASP C 69 -22.25 11.82 14.58
CA ASP C 69 -21.68 12.88 13.75
C ASP C 69 -20.51 13.57 14.45
N LEU C 70 -20.58 13.74 15.79
CA LEU C 70 -19.48 14.28 16.57
C LEU C 70 -18.28 13.33 16.56
N PHE C 71 -18.52 12.00 16.59
CA PHE C 71 -17.48 11.00 16.51
C PHE C 71 -16.76 11.12 15.17
N LEU C 72 -17.52 11.28 14.07
CA LEU C 72 -16.96 11.42 12.74
C LEU C 72 -16.16 12.72 12.58
N ALA C 73 -16.61 13.80 13.25
CA ALA C 73 -15.93 15.09 13.26
C ALA C 73 -14.62 14.94 14.02
N LEU C 74 -14.62 14.24 15.17
CA LEU C 74 -13.40 13.99 15.93
C LEU C 74 -12.40 13.17 15.11
N LEU C 75 -12.89 12.16 14.41
CA LEU C 75 -12.10 11.29 13.54
C LEU C 75 -11.38 12.06 12.42
N SER C 76 -11.92 13.21 11.98
CA SER C 76 -11.33 14.02 10.91
C SER C 76 -10.14 14.88 11.40
N VAL C 77 -9.92 14.99 12.71
CA VAL C 77 -8.79 15.70 13.30
C VAL C 77 -7.58 14.77 13.26
N SER C 78 -6.46 15.25 12.70
CA SER C 78 -5.22 14.47 12.62
C SER C 78 -4.72 14.20 14.05
N GLY C 79 -4.39 12.97 14.33
CA GLY C 79 -3.98 12.55 15.66
C GLY C 79 -5.13 11.94 16.46
N VAL C 80 -6.39 12.08 15.99
CA VAL C 80 -7.53 11.50 16.66
C VAL C 80 -8.05 10.33 15.85
N GLY C 81 -8.00 9.16 16.45
CA GLY C 81 -8.52 7.96 15.82
C GLY C 81 -9.79 7.48 16.52
N PRO C 82 -10.27 6.29 16.15
CA PRO C 82 -11.51 5.79 16.74
C PRO C 82 -11.51 5.60 18.24
N ARG C 83 -10.41 5.11 18.82
CA ARG C 83 -10.34 4.90 20.27
C ARG C 83 -10.40 6.20 21.04
N LEU C 84 -9.69 7.22 20.58
CA LEU C 84 -9.67 8.52 21.22
C LEU C 84 -10.98 9.25 21.04
N ALA C 85 -11.61 9.12 19.86
CA ALA C 85 -12.91 9.73 19.62
C ALA C 85 -13.97 9.08 20.52
N MET C 86 -13.87 7.76 20.77
CA MET C 86 -14.82 7.07 21.65
C MET C 86 -14.61 7.45 23.09
N ALA C 87 -13.34 7.59 23.51
CA ALA C 87 -13.01 8.02 24.87
C ALA C 87 -13.54 9.41 25.12
N THR C 88 -13.50 10.29 24.11
CA THR C 88 -13.99 11.66 24.21
C THR C 88 -15.49 11.66 24.43
N LEU C 89 -16.20 10.85 23.66
CA LEU C 89 -17.66 10.77 23.80
C LEU C 89 -18.10 10.00 25.05
N ALA C 90 -17.23 9.16 25.63
CA ALA C 90 -17.52 8.48 26.89
C ALA C 90 -17.43 9.46 28.08
N VAL C 91 -16.54 10.46 27.98
CA VAL C 91 -16.33 11.45 29.02
C VAL C 91 -17.27 12.66 28.83
N HIS C 92 -17.43 13.14 27.61
CA HIS C 92 -18.27 14.28 27.34
C HIS C 92 -19.51 13.95 26.53
N ASP C 93 -20.68 14.42 27.02
CA ASP C 93 -21.92 14.28 26.28
C ASP C 93 -21.91 15.21 25.08
N ALA C 94 -22.78 14.98 24.09
CA ALA C 94 -22.80 15.81 22.88
C ALA C 94 -22.83 17.33 23.12
N ALA C 95 -23.70 17.79 24.05
CA ALA C 95 -23.82 19.20 24.36
C ALA C 95 -22.57 19.73 25.03
N ALA C 96 -21.99 18.97 25.97
CA ALA C 96 -20.78 19.38 26.67
C ALA C 96 -19.59 19.51 25.71
N LEU C 97 -19.46 18.56 24.78
CA LEU C 97 -18.38 18.57 23.80
C LEU C 97 -18.54 19.72 22.81
N ARG C 98 -19.75 19.94 22.32
CA ARG C 98 -20.08 21.02 21.39
C ARG C 98 -19.80 22.40 22.05
N GLN C 99 -20.04 22.49 23.36
CA GLN C 99 -19.82 23.68 24.17
C GLN C 99 -18.31 23.90 24.29
N ALA C 100 -17.55 22.85 24.66
CA ALA C 100 -16.11 22.92 24.82
C ALA C 100 -15.42 23.36 23.53
N LEU C 101 -15.99 23.06 22.36
CA LEU C 101 -15.40 23.46 21.09
C LEU C 101 -15.64 24.95 20.85
N ALA C 102 -16.88 25.41 21.10
CA ALA C 102 -17.26 26.81 20.93
C ALA C 102 -16.47 27.74 21.88
N ASP C 103 -16.33 27.32 23.15
CA ASP C 103 -15.61 28.09 24.15
C ASP C 103 -14.11 27.82 24.18
N SER C 104 -13.57 26.99 23.24
CA SER C 104 -12.15 26.62 23.21
C SER C 104 -11.66 26.12 24.56
N ASP C 105 -12.51 25.35 25.24
CA ASP C 105 -12.26 24.81 26.56
C ASP C 105 -11.34 23.61 26.49
N VAL C 106 -10.06 23.92 26.29
CA VAL C 106 -8.97 22.96 26.22
C VAL C 106 -8.87 22.14 27.51
N ALA C 107 -9.20 22.76 28.65
CA ALA C 107 -9.16 22.10 29.96
C ALA C 107 -10.13 20.93 30.11
N SER C 108 -11.35 21.05 29.58
CA SER C 108 -12.32 19.96 29.66
C SER C 108 -11.96 18.85 28.69
N LEU C 109 -11.49 19.22 27.47
CA LEU C 109 -11.01 18.24 26.48
C LEU C 109 -9.83 17.45 27.03
N THR C 110 -8.91 18.08 27.81
CA THR C 110 -7.80 17.31 28.40
C THR C 110 -8.25 16.39 29.52
N ARG C 111 -9.50 16.49 29.99
CA ARG C 111 -10.03 15.51 30.96
C ARG C 111 -10.13 14.12 30.29
N VAL C 112 -10.28 14.06 28.94
CA VAL C 112 -10.33 12.81 28.22
C VAL C 112 -8.95 12.20 28.21
N PRO C 113 -8.79 10.97 28.71
CA PRO C 113 -7.45 10.36 28.71
C PRO C 113 -6.97 10.09 27.29
N GLY C 114 -5.71 10.38 27.05
CA GLY C 114 -5.14 10.29 25.71
C GLY C 114 -5.11 11.64 25.01
N ILE C 115 -5.90 12.59 25.48
CA ILE C 115 -5.92 13.95 24.95
C ILE C 115 -5.21 14.86 25.93
N GLY C 116 -4.07 15.38 25.49
CA GLY C 116 -3.26 16.33 26.26
C GLY C 116 -3.49 17.73 25.76
N LYS C 117 -2.73 18.70 26.26
CA LYS C 117 -2.89 20.10 25.84
C LYS C 117 -2.79 20.30 24.34
N ARG C 118 -1.82 19.64 23.70
CA ARG C 118 -1.60 19.76 22.26
C ARG C 118 -2.75 19.18 21.45
N GLY C 119 -3.17 17.98 21.81
CA GLY C 119 -4.30 17.31 21.17
C GLY C 119 -5.58 18.11 21.32
N ALA C 120 -5.85 18.63 22.54
CA ALA C 120 -7.04 19.45 22.79
C ALA C 120 -7.04 20.70 21.94
N GLU C 121 -5.88 21.33 21.78
CA GLU C 121 -5.75 22.52 20.95
C GLU C 121 -5.94 22.22 19.46
N ARG C 122 -5.52 21.03 19.02
CA ARG C 122 -5.71 20.61 17.62
C ARG C 122 -7.20 20.37 17.33
N ILE C 123 -7.89 19.70 18.28
CA ILE C 123 -9.32 19.43 18.16
C ILE C 123 -10.10 20.72 18.10
N VAL C 124 -9.84 21.66 19.04
CA VAL C 124 -10.50 22.97 19.07
C VAL C 124 -10.21 23.72 17.78
N LEU C 125 -8.95 23.71 17.33
CA LEU C 125 -8.58 24.40 16.10
C LEU C 125 -9.33 23.86 14.89
N GLU C 126 -9.43 22.55 14.78
CA GLU C 126 -10.09 21.92 13.66
C GLU C 126 -11.62 21.92 13.71
N LEU C 127 -12.21 21.84 14.90
CA LEU C 127 -13.67 21.70 15.01
C LEU C 127 -14.45 22.92 15.50
N ARG C 128 -13.82 24.01 15.97
CA ARG C 128 -14.57 25.20 16.42
C ARG C 128 -15.51 25.75 15.32
N ASP C 129 -14.98 25.99 14.11
CA ASP C 129 -15.78 26.51 13.00
C ASP C 129 -16.63 25.45 12.28
N LYS C 130 -16.34 24.15 12.49
CA LYS C 130 -17.07 23.05 11.88
C LYS C 130 -18.10 22.42 12.85
N VAL C 131 -18.58 23.20 13.85
CA VAL C 131 -19.54 22.70 14.83
C VAL C 131 -20.76 23.60 14.88
N ALA C 149 -36.75 28.75 5.21
CA ALA C 149 -36.08 27.48 5.46
C ALA C 149 -35.82 26.70 4.17
N VAL C 150 -36.73 26.85 3.18
CA VAL C 150 -36.59 26.21 1.87
C VAL C 150 -35.37 26.81 1.15
N ARG C 151 -35.22 28.14 1.21
CA ARG C 151 -34.10 28.83 0.58
C ARG C 151 -32.75 28.40 1.14
N GLY C 152 -32.63 28.38 2.47
CA GLY C 152 -31.40 27.99 3.14
C GLY C 152 -30.98 26.57 2.83
N SER C 153 -31.96 25.65 2.78
CA SER C 153 -31.71 24.24 2.48
C SER C 153 -31.26 24.05 1.03
N VAL C 154 -31.93 24.72 0.07
CA VAL C 154 -31.57 24.61 -1.34
C VAL C 154 -30.16 25.15 -1.58
N VAL C 155 -29.84 26.32 -0.99
CA VAL C 155 -28.52 26.95 -1.10
C VAL C 155 -27.45 26.03 -0.51
N GLU C 156 -27.74 25.43 0.66
CA GLU C 156 -26.84 24.50 1.33
C GLU C 156 -26.56 23.26 0.45
N ALA C 157 -27.61 22.74 -0.21
CA ALA C 157 -27.47 21.59 -1.10
C ALA C 157 -26.69 21.93 -2.37
N LEU C 158 -26.88 23.15 -2.92
CA LEU C 158 -26.15 23.59 -4.11
C LEU C 158 -24.68 23.83 -3.77
N VAL C 159 -24.40 24.41 -2.61
CA VAL C 159 -23.02 24.60 -2.12
C VAL C 159 -22.36 23.22 -1.91
N GLY C 160 -23.13 22.28 -1.36
CA GLY C 160 -22.68 20.90 -1.15
C GLY C 160 -22.32 20.21 -2.45
N LEU C 161 -23.01 20.56 -3.54
CA LEU C 161 -22.70 20.02 -4.86
C LEU C 161 -21.48 20.67 -5.55
N GLY C 162 -21.00 21.79 -5.01
CA GLY C 162 -19.85 22.47 -5.56
C GLY C 162 -20.12 23.87 -6.09
N PHE C 163 -21.38 24.33 -6.08
CA PHE C 163 -21.70 25.68 -6.55
C PHE C 163 -21.24 26.66 -5.47
N ALA C 164 -19.97 27.10 -5.58
CA ALA C 164 -19.29 27.98 -4.63
C ALA C 164 -19.45 29.49 -4.97
N ALA C 165 -19.02 30.40 -4.04
CA ALA C 165 -19.06 31.86 -4.11
C ALA C 165 -20.48 32.44 -4.09
N LYS C 166 -21.37 31.78 -3.33
CA LYS C 166 -22.77 32.18 -3.16
C LYS C 166 -23.60 32.16 -4.46
N GLN C 167 -23.14 31.41 -5.47
CA GLN C 167 -23.89 31.26 -6.74
C GLN C 167 -25.21 30.48 -6.50
N ALA C 168 -25.26 29.67 -5.43
CA ALA C 168 -26.43 28.93 -4.98
C ALA C 168 -27.56 29.92 -4.67
N GLU C 169 -27.24 31.07 -4.05
CA GLU C 169 -28.21 32.12 -3.71
C GLU C 169 -28.81 32.75 -4.97
N GLU C 170 -28.02 32.89 -6.03
CA GLU C 170 -28.45 33.46 -7.30
C GLU C 170 -29.51 32.62 -8.00
N ALA C 171 -29.27 31.32 -8.18
CA ALA C 171 -30.23 30.45 -8.87
C ALA C 171 -31.44 30.07 -8.01
N THR C 172 -31.33 30.15 -6.66
CA THR C 172 -32.43 29.81 -5.77
C THR C 172 -33.43 30.98 -5.70
N ASP C 173 -32.93 32.22 -5.62
CA ASP C 173 -33.81 33.39 -5.62
C ASP C 173 -34.39 33.64 -7.03
N GLN C 174 -33.72 33.12 -8.09
CA GLN C 174 -34.20 33.22 -9.46
C GLN C 174 -35.42 32.31 -9.68
N VAL C 175 -35.59 31.24 -8.88
CA VAL C 175 -36.78 30.38 -9.04
C VAL C 175 -37.93 30.89 -8.16
N LEU C 176 -38.08 32.22 -8.07
CA LEU C 176 -39.18 32.89 -7.35
C LEU C 176 -40.47 33.00 -8.21
N ASP C 177 -40.40 32.59 -9.49
CA ASP C 177 -41.54 32.55 -10.42
C ASP C 177 -42.23 31.16 -10.44
N GLY C 178 -41.55 30.13 -9.92
CA GLY C 178 -42.08 28.77 -9.87
C GLY C 178 -43.05 28.55 -8.72
N GLU C 179 -44.01 29.46 -8.59
CA GLU C 179 -45.05 29.43 -7.57
C GLU C 179 -46.24 30.24 -8.09
N LEU C 180 -46.88 29.77 -9.18
CA LEU C 180 -48.02 30.44 -9.78
C LEU C 180 -49.24 30.45 -8.84
N GLY C 181 -49.62 29.27 -8.35
CA GLY C 181 -50.72 29.15 -7.41
C GLY C 181 -50.29 29.21 -5.96
N LYS C 182 -49.09 29.77 -5.69
CA LYS C 182 -48.47 29.92 -4.38
C LYS C 182 -48.47 28.60 -3.60
N ASP C 183 -47.49 27.72 -3.88
CA ASP C 183 -47.39 26.42 -3.20
C ASP C 183 -46.69 26.46 -1.83
N GLY C 184 -46.63 27.65 -1.22
CA GLY C 184 -46.01 27.86 0.08
C GLY C 184 -44.49 27.96 0.00
N ALA C 185 -43.88 26.88 -0.48
CA ALA C 185 -42.44 26.75 -0.68
C ALA C 185 -42.10 25.72 -1.79
N VAL C 186 -43.11 24.93 -2.26
CA VAL C 186 -42.99 23.88 -3.28
C VAL C 186 -41.97 22.80 -2.90
N ALA C 187 -41.70 22.61 -1.60
CA ALA C 187 -40.74 21.65 -1.03
C ALA C 187 -39.29 21.90 -1.48
N THR C 188 -38.33 21.49 -0.65
CA THR C 188 -36.92 21.68 -0.97
C THR C 188 -36.46 20.75 -2.13
N SER C 189 -37.09 19.58 -2.27
CA SER C 189 -36.75 18.65 -3.35
C SER C 189 -37.08 19.22 -4.73
N SER C 190 -38.20 19.94 -4.85
CA SER C 190 -38.60 20.54 -6.12
C SER C 190 -37.89 21.87 -6.38
N ALA C 191 -37.59 22.63 -5.31
CA ALA C 191 -36.86 23.90 -5.44
C ALA C 191 -35.40 23.68 -5.83
N LEU C 192 -34.81 22.55 -5.42
CA LEU C 192 -33.43 22.18 -5.72
C LEU C 192 -33.33 21.68 -7.15
N ARG C 193 -34.31 20.86 -7.60
CA ARG C 193 -34.33 20.35 -8.96
C ARG C 193 -34.50 21.49 -9.97
N ALA C 194 -35.27 22.54 -9.61
CA ALA C 194 -35.47 23.72 -10.45
C ALA C 194 -34.19 24.56 -10.53
N ALA C 195 -33.50 24.76 -9.39
CA ALA C 195 -32.25 25.53 -9.36
C ALA C 195 -31.15 24.80 -10.14
N LEU C 196 -31.09 23.45 -10.03
CA LEU C 196 -30.12 22.63 -10.75
C LEU C 196 -30.41 22.62 -12.25
N SER C 197 -31.70 22.64 -12.63
CA SER C 197 -32.10 22.70 -14.03
C SER C 197 -31.63 24.02 -14.65
N LEU C 198 -31.79 25.12 -13.90
CA LEU C 198 -31.38 26.45 -14.29
C LEU C 198 -29.84 26.53 -14.38
N LEU C 199 -29.12 25.98 -13.39
CA LEU C 199 -27.66 25.99 -13.35
C LEU C 199 -26.99 25.17 -14.47
N GLY C 200 -27.70 24.21 -15.03
CA GLY C 200 -27.17 23.39 -16.10
C GLY C 200 -27.41 23.95 -17.49
N LYS C 201 -28.07 25.15 -17.58
CA LYS C 201 -28.42 25.85 -18.81
C LYS C 201 -29.34 25.04 -19.71
N MET D 1 -16.09 -7.47 12.83
CA MET D 1 -17.39 -6.82 12.94
C MET D 1 -18.47 -7.86 13.16
N ILE D 2 -18.37 -8.99 12.47
CA ILE D 2 -19.31 -10.08 12.59
C ILE D 2 -18.92 -10.95 13.78
N PHE D 3 -19.73 -10.94 14.82
CA PHE D 3 -19.47 -11.72 16.02
C PHE D 3 -20.25 -13.01 16.08
N SER D 4 -21.27 -13.19 15.23
CA SER D 4 -21.97 -14.44 15.12
C SER D 4 -22.74 -14.55 13.82
N VAL D 5 -23.00 -15.79 13.39
CA VAL D 5 -23.77 -16.07 12.20
C VAL D 5 -24.80 -17.08 12.61
N ARG D 6 -26.07 -16.77 12.40
CA ARG D 6 -27.15 -17.64 12.79
C ARG D 6 -28.05 -17.91 11.61
N GLY D 7 -28.42 -19.16 11.43
CA GLY D 7 -29.29 -19.54 10.33
C GLY D 7 -29.21 -21.02 10.04
N GLU D 8 -29.68 -21.39 8.86
CA GLU D 8 -29.69 -22.78 8.46
C GLU D 8 -28.33 -23.28 8.05
N VAL D 9 -27.91 -24.43 8.59
CA VAL D 9 -26.65 -25.03 8.22
C VAL D 9 -26.87 -25.67 6.85
N LEU D 10 -26.28 -25.09 5.79
CA LEU D 10 -26.42 -25.65 4.46
C LEU D 10 -25.42 -26.78 4.23
N GLU D 11 -24.24 -26.67 4.82
CA GLU D 11 -23.18 -27.65 4.62
C GLU D 11 -22.32 -27.73 5.86
N VAL D 12 -21.89 -28.94 6.20
CA VAL D 12 -20.92 -29.18 7.25
C VAL D 12 -19.81 -29.98 6.57
N ALA D 13 -18.60 -29.41 6.50
CA ALA D 13 -17.39 -30.06 6.01
C ALA D 13 -16.47 -30.33 7.25
N LEU D 14 -15.28 -30.95 7.09
CA LEU D 14 -14.43 -31.25 8.24
C LEU D 14 -13.71 -30.02 8.80
N ASP D 15 -13.62 -28.93 8.01
CA ASP D 15 -12.94 -27.71 8.44
C ASP D 15 -13.77 -26.41 8.36
N HIS D 16 -15.01 -26.52 7.87
CA HIS D 16 -15.86 -25.35 7.73
C HIS D 16 -17.32 -25.75 7.64
N ALA D 17 -18.21 -24.77 7.77
CA ALA D 17 -19.64 -24.93 7.59
C ALA D 17 -20.15 -23.76 6.77
N VAL D 18 -21.29 -23.93 6.12
CA VAL D 18 -21.95 -22.85 5.41
C VAL D 18 -23.25 -22.62 6.17
N ILE D 19 -23.47 -21.41 6.66
CA ILE D 19 -24.67 -21.07 7.40
C ILE D 19 -25.40 -19.97 6.65
N GLU D 20 -26.64 -20.18 6.33
CA GLU D 20 -27.43 -19.21 5.59
C GLU D 20 -28.19 -18.31 6.52
N ALA D 21 -27.82 -17.02 6.56
CA ALA D 21 -28.47 -16.02 7.38
C ALA D 21 -29.14 -15.05 6.43
N ALA D 22 -30.47 -14.95 6.46
CA ALA D 22 -31.25 -14.08 5.59
C ALA D 22 -30.85 -14.17 4.08
N GLY D 23 -30.83 -15.39 3.56
CA GLY D 23 -30.50 -15.62 2.17
C GLY D 23 -29.03 -15.66 1.83
N ILE D 24 -28.13 -15.25 2.74
CA ILE D 24 -26.69 -15.29 2.44
C ILE D 24 -26.05 -16.49 3.11
N GLY D 25 -25.44 -17.37 2.35
CA GLY D 25 -24.70 -18.50 2.91
C GLY D 25 -23.29 -18.03 3.22
N TYR D 26 -22.92 -18.05 4.48
CA TYR D 26 -21.61 -17.63 4.94
C TYR D 26 -20.76 -18.83 5.13
N ARG D 27 -19.57 -18.84 4.54
CA ARG D 27 -18.61 -19.88 4.79
C ARG D 27 -17.91 -19.50 6.10
N VAL D 28 -17.93 -20.39 7.06
CA VAL D 28 -17.32 -20.15 8.35
C VAL D 28 -16.32 -21.25 8.60
N ASN D 29 -15.01 -20.94 8.62
CA ASN D 29 -13.96 -21.90 8.93
C ASN D 29 -14.07 -22.17 10.39
N ALA D 30 -14.33 -23.40 10.79
CA ALA D 30 -14.59 -23.70 12.18
C ALA D 30 -13.72 -24.80 12.75
N THR D 31 -13.54 -24.77 14.07
CA THR D 31 -12.79 -25.81 14.76
C THR D 31 -13.64 -27.10 14.73
N PRO D 32 -13.01 -28.28 14.83
CA PRO D 32 -13.81 -29.52 14.88
C PRO D 32 -14.85 -29.53 16.02
N SER D 33 -14.57 -28.90 17.18
CA SER D 33 -15.56 -28.85 18.26
C SER D 33 -16.78 -27.98 17.90
N ALA D 34 -16.56 -26.90 17.14
CA ALA D 34 -17.66 -26.05 16.69
C ALA D 34 -18.49 -26.78 15.63
N LEU D 35 -17.85 -27.58 14.76
CA LEU D 35 -18.50 -28.34 13.72
C LEU D 35 -19.25 -29.57 14.23
N ALA D 36 -18.83 -30.12 15.38
CA ALA D 36 -19.46 -31.27 16.06
C ALA D 36 -20.95 -31.02 16.32
N THR D 37 -21.32 -29.79 16.71
CA THR D 37 -22.71 -29.42 17.00
C THR D 37 -23.53 -29.00 15.76
N LEU D 38 -22.94 -29.03 14.57
CA LEU D 38 -23.61 -28.57 13.38
C LEU D 38 -24.06 -29.73 12.56
N ARG D 39 -25.27 -29.62 12.06
CA ARG D 39 -25.83 -30.66 11.24
C ARG D 39 -26.66 -29.99 10.12
N GLN D 40 -26.48 -30.42 8.87
CA GLN D 40 -27.18 -29.89 7.70
C GLN D 40 -28.71 -29.86 7.93
N GLY D 41 -29.35 -28.73 7.63
CA GLY D 41 -30.78 -28.56 7.81
C GLY D 41 -31.18 -27.96 9.14
N SER D 42 -30.29 -28.00 10.12
CA SER D 42 -30.56 -27.45 11.45
C SER D 42 -30.28 -25.96 11.50
N GLN D 43 -30.91 -25.26 12.43
CA GLN D 43 -30.62 -23.86 12.68
C GLN D 43 -29.49 -23.87 13.69
N ALA D 44 -28.54 -22.96 13.54
CA ALA D 44 -27.42 -22.86 14.46
C ALA D 44 -26.92 -21.44 14.49
N ARG D 45 -26.32 -21.04 15.63
CA ARG D 45 -25.67 -19.76 15.76
C ARG D 45 -24.24 -20.07 16.06
N LEU D 46 -23.34 -19.75 15.18
CA LEU D 46 -21.93 -19.97 15.35
C LEU D 46 -21.30 -18.65 15.79
N VAL D 47 -20.50 -18.71 16.85
CA VAL D 47 -19.81 -17.53 17.35
C VAL D 47 -18.59 -17.33 16.45
N THR D 48 -18.37 -16.12 15.92
CA THR D 48 -17.36 -15.89 14.91
C THR D 48 -16.40 -14.73 15.18
N ALA D 49 -15.29 -14.70 14.43
CA ALA D 49 -14.34 -13.62 14.35
C ALA D 49 -14.12 -13.40 12.84
N MET D 50 -14.28 -12.16 12.40
CA MET D 50 -14.09 -11.82 10.99
C MET D 50 -12.69 -11.28 10.85
N VAL D 51 -11.89 -11.89 9.97
CA VAL D 51 -10.53 -11.43 9.74
C VAL D 51 -10.52 -10.76 8.40
N VAL D 52 -10.18 -9.46 8.42
CA VAL D 52 -10.14 -8.63 7.24
C VAL D 52 -8.71 -8.39 6.85
N ARG D 53 -8.40 -8.63 5.59
CA ARG D 53 -7.09 -8.37 5.01
C ARG D 53 -7.34 -7.65 3.68
N GLU D 54 -6.29 -7.07 3.08
CA GLU D 54 -6.43 -6.34 1.81
C GLU D 54 -7.16 -7.16 0.71
N ASP D 55 -6.86 -8.43 0.61
CA ASP D 55 -7.42 -9.30 -0.40
C ASP D 55 -8.29 -10.43 0.14
N SER D 56 -8.82 -10.30 1.36
CA SER D 56 -9.68 -11.34 1.92
C SER D 56 -10.56 -10.89 3.06
N MET D 57 -11.70 -11.57 3.21
CA MET D 57 -12.63 -11.39 4.30
C MET D 57 -13.02 -12.81 4.68
N THR D 58 -12.64 -13.24 5.88
CA THR D 58 -12.83 -14.62 6.29
C THR D 58 -13.50 -14.70 7.65
N LEU D 59 -14.44 -15.65 7.83
CA LEU D 59 -15.09 -15.87 9.10
C LEU D 59 -14.52 -17.13 9.73
N TYR D 60 -14.22 -17.06 11.03
CA TYR D 60 -13.75 -18.19 11.83
C TYR D 60 -14.81 -18.45 12.88
N GLY D 61 -15.20 -19.70 13.04
CA GLY D 61 -16.30 -20.07 13.93
C GLY D 61 -15.91 -20.98 15.05
N PHE D 62 -16.52 -20.72 16.20
CA PHE D 62 -16.19 -21.37 17.46
C PHE D 62 -17.44 -21.84 18.19
N SER D 63 -17.27 -22.82 19.09
CA SER D 63 -18.40 -23.34 19.86
C SER D 63 -18.93 -22.31 20.87
N ASP D 64 -18.11 -21.31 21.28
CA ASP D 64 -18.53 -20.28 22.20
C ASP D 64 -17.65 -19.02 22.11
N ALA D 65 -18.04 -17.95 22.82
CA ALA D 65 -17.30 -16.69 22.86
C ALA D 65 -15.93 -16.84 23.50
N GLU D 66 -15.77 -17.79 24.43
CA GLU D 66 -14.51 -18.02 25.11
C GLU D 66 -13.43 -18.48 24.13
N ASN D 67 -13.76 -19.42 23.26
CA ASN D 67 -12.83 -19.91 22.24
C ASN D 67 -12.57 -18.87 21.18
N ARG D 68 -13.58 -18.07 20.83
CA ARG D 68 -13.43 -17.02 19.86
C ARG D 68 -12.48 -15.96 20.38
N ASP D 69 -12.60 -15.59 21.66
CA ASP D 69 -11.72 -14.60 22.30
C ASP D 69 -10.30 -15.14 22.41
N LEU D 70 -10.14 -16.44 22.65
CA LEU D 70 -8.81 -17.05 22.71
C LEU D 70 -8.19 -17.04 21.32
N PHE D 71 -8.99 -17.26 20.24
CA PHE D 71 -8.52 -17.18 18.86
C PHE D 71 -7.99 -15.77 18.57
N LEU D 72 -8.71 -14.75 19.01
CA LEU D 72 -8.31 -13.36 18.82
C LEU D 72 -7.04 -13.02 19.61
N ALA D 73 -6.88 -13.60 20.80
CA ALA D 73 -5.69 -13.43 21.62
C ALA D 73 -4.50 -14.09 20.93
N LEU D 74 -4.69 -15.29 20.37
CA LEU D 74 -3.65 -15.98 19.62
C LEU D 74 -3.22 -15.18 18.40
N LEU D 75 -4.19 -14.57 17.68
CA LEU D 75 -3.90 -13.74 16.51
C LEU D 75 -3.05 -12.55 16.82
N SER D 76 -3.14 -12.01 18.04
CA SER D 76 -2.36 -10.85 18.43
C SER D 76 -0.88 -11.16 18.61
N VAL D 77 -0.49 -12.44 18.70
CA VAL D 77 0.90 -12.87 18.86
C VAL D 77 1.53 -12.85 17.47
N SER D 78 2.69 -12.16 17.34
CA SER D 78 3.43 -12.11 16.07
C SER D 78 3.94 -13.51 15.75
N GLY D 79 3.72 -13.94 14.52
CA GLY D 79 4.04 -15.30 14.11
C GLY D 79 2.84 -16.22 14.13
N VAL D 80 1.73 -15.81 14.79
CA VAL D 80 0.52 -16.61 14.84
C VAL D 80 -0.55 -15.97 13.98
N GLY D 81 -0.94 -16.67 12.94
CA GLY D 81 -2.00 -16.20 12.06
C GLY D 81 -3.26 -17.03 12.25
N PRO D 82 -4.25 -16.82 11.39
CA PRO D 82 -5.53 -17.53 11.54
C PRO D 82 -5.43 -19.05 11.47
N ARG D 83 -4.62 -19.60 10.56
CA ARG D 83 -4.47 -21.05 10.43
C ARG D 83 -3.86 -21.69 11.66
N LEU D 84 -2.83 -21.07 12.21
CA LEU D 84 -2.15 -21.55 13.41
C LEU D 84 -3.01 -21.38 14.65
N ALA D 85 -3.76 -20.28 14.74
CA ALA D 85 -4.66 -20.07 15.87
C ALA D 85 -5.80 -21.10 15.82
N MET D 86 -6.29 -21.47 14.62
CA MET D 86 -7.34 -22.49 14.49
C MET D 86 -6.80 -23.86 14.84
N ALA D 87 -5.57 -24.18 14.40
CA ALA D 87 -4.93 -25.45 14.73
C ALA D 87 -4.72 -25.58 16.25
N THR D 88 -4.39 -24.47 16.92
CA THR D 88 -4.22 -24.44 18.37
C THR D 88 -5.52 -24.72 19.10
N LEU D 89 -6.64 -24.17 18.61
CA LEU D 89 -7.94 -24.42 19.21
C LEU D 89 -8.53 -25.78 18.82
N ALA D 90 -8.07 -26.39 17.72
CA ALA D 90 -8.48 -27.73 17.33
C ALA D 90 -7.80 -28.78 18.26
N VAL D 91 -6.56 -28.51 18.69
CA VAL D 91 -5.77 -29.37 19.57
C VAL D 91 -6.04 -29.09 21.07
N HIS D 92 -6.23 -27.81 21.45
CA HIS D 92 -6.48 -27.47 22.85
C HIS D 92 -7.81 -26.80 23.10
N ASP D 93 -8.57 -27.31 24.08
CA ASP D 93 -9.85 -26.69 24.45
C ASP D 93 -9.59 -25.38 25.19
N ALA D 94 -10.63 -24.58 25.44
CA ALA D 94 -10.48 -23.29 26.11
C ALA D 94 -9.79 -23.37 27.48
N ALA D 95 -10.09 -24.43 28.24
CA ALA D 95 -9.53 -24.64 29.57
C ALA D 95 -8.07 -25.09 29.47
N ALA D 96 -7.76 -26.02 28.55
CA ALA D 96 -6.39 -26.53 28.39
C ALA D 96 -5.46 -25.45 27.87
N LEU D 97 -5.94 -24.62 26.93
CA LEU D 97 -5.12 -23.54 26.38
C LEU D 97 -4.85 -22.49 27.45
N ARG D 98 -5.85 -22.14 28.27
CA ARG D 98 -5.64 -21.15 29.33
C ARG D 98 -4.76 -21.68 30.46
N GLN D 99 -4.81 -23.00 30.71
CA GLN D 99 -4.01 -23.69 31.70
C GLN D 99 -2.56 -23.66 31.22
N ALA D 100 -2.31 -24.07 29.97
CA ALA D 100 -0.96 -24.08 29.40
C ALA D 100 -0.31 -22.69 29.42
N LEU D 101 -1.12 -21.61 29.35
CA LEU D 101 -0.59 -20.25 29.38
C LEU D 101 -0.17 -19.88 30.81
N ALA D 102 -1.01 -20.24 31.80
CA ALA D 102 -0.72 -19.97 33.20
C ALA D 102 0.50 -20.77 33.70
N ASP D 103 0.59 -22.05 33.31
CA ASP D 103 1.69 -22.93 33.69
C ASP D 103 2.91 -22.85 32.75
N SER D 104 2.90 -21.95 31.75
CA SER D 104 3.97 -21.83 30.75
C SER D 104 4.35 -23.18 30.14
N ASP D 105 3.34 -24.01 29.90
CA ASP D 105 3.50 -25.35 29.35
C ASP D 105 3.78 -25.29 27.85
N VAL D 106 5.02 -24.97 27.52
CA VAL D 106 5.53 -24.88 26.16
C VAL D 106 5.40 -26.23 25.44
N ALA D 107 5.54 -27.34 26.17
CA ALA D 107 5.46 -28.67 25.58
C ALA D 107 4.07 -28.99 25.04
N SER D 108 3.00 -28.55 25.73
CA SER D 108 1.63 -28.80 25.27
C SER D 108 1.34 -27.97 24.03
N LEU D 109 1.75 -26.70 24.04
CA LEU D 109 1.61 -25.80 22.89
C LEU D 109 2.37 -26.32 21.68
N THR D 110 3.54 -26.91 21.89
CA THR D 110 4.35 -27.51 20.83
C THR D 110 3.68 -28.74 20.20
N ARG D 111 2.67 -29.35 20.87
CA ARG D 111 1.90 -30.47 20.30
C ARG D 111 1.10 -30.03 19.06
N VAL D 112 0.68 -28.74 19.02
CA VAL D 112 -0.05 -28.15 17.90
C VAL D 112 0.89 -28.10 16.72
N PRO D 113 0.52 -28.68 15.58
CA PRO D 113 1.40 -28.63 14.40
C PRO D 113 1.55 -27.23 13.86
N GLY D 114 2.77 -26.87 13.48
CA GLY D 114 3.10 -25.53 13.01
C GLY D 114 3.71 -24.67 14.11
N ILE D 115 3.47 -25.03 15.39
CA ILE D 115 4.04 -24.33 16.56
C ILE D 115 5.22 -25.12 17.13
N GLY D 116 6.40 -24.51 17.05
CA GLY D 116 7.63 -25.08 17.58
C GLY D 116 7.96 -24.49 18.94
N LYS D 117 9.14 -24.82 19.49
CA LYS D 117 9.54 -24.30 20.79
C LYS D 117 9.54 -22.77 20.86
N ARG D 118 10.04 -22.12 19.79
CA ARG D 118 10.11 -20.66 19.72
C ARG D 118 8.73 -20.04 19.70
N GLY D 119 7.85 -20.56 18.84
CA GLY D 119 6.47 -20.09 18.74
C GLY D 119 5.71 -20.27 20.03
N ALA D 120 5.86 -21.43 20.69
CA ALA D 120 5.21 -21.70 21.96
C ALA D 120 5.67 -20.74 23.04
N GLU D 121 6.96 -20.42 23.05
CA GLU D 121 7.50 -19.46 24.02
C GLU D 121 7.02 -18.05 23.77
N ARG D 122 6.80 -17.69 22.49
CA ARG D 122 6.27 -16.37 22.12
C ARG D 122 4.84 -16.24 22.57
N ILE D 123 4.03 -17.30 22.37
CA ILE D 123 2.62 -17.32 22.77
C ILE D 123 2.51 -17.17 24.27
N VAL D 124 3.26 -17.99 25.05
CA VAL D 124 3.30 -17.92 26.51
C VAL D 124 3.73 -16.54 26.96
N LEU D 125 4.80 -16.01 26.36
CA LEU D 125 5.30 -14.69 26.71
C LEU D 125 4.27 -13.60 26.51
N GLU D 126 3.56 -13.65 25.36
CA GLU D 126 2.58 -12.64 25.02
C GLU D 126 1.23 -12.78 25.72
N LEU D 127 0.79 -14.01 26.02
CA LEU D 127 -0.54 -14.21 26.56
C LEU D 127 -0.64 -14.61 28.04
N ARG D 128 0.47 -14.95 28.74
CA ARG D 128 0.37 -15.34 30.15
C ARG D 128 -0.34 -14.29 31.03
N ASP D 129 0.12 -13.03 30.98
CA ASP D 129 -0.52 -11.98 31.80
C ASP D 129 -1.77 -11.36 31.17
N LYS D 130 -2.01 -11.60 29.87
CA LYS D 130 -3.18 -11.07 29.16
C LYS D 130 -4.30 -12.11 29.10
N VAL D 131 -4.43 -12.94 30.13
CA VAL D 131 -5.44 -14.00 30.15
C VAL D 131 -6.25 -14.01 31.48
N GLY D 132 -7.47 -14.54 31.43
CA GLY D 132 -8.35 -14.61 32.60
C GLY D 132 -8.22 -15.89 33.40
N GLY D 147 -17.72 -10.35 47.61
CA GLY D 147 -16.68 -9.62 46.90
C GLY D 147 -17.24 -8.61 45.93
N ASN D 148 -16.58 -7.42 45.83
CA ASN D 148 -17.03 -6.36 44.92
C ASN D 148 -16.48 -6.51 43.49
N ALA D 149 -17.20 -7.30 42.68
CA ALA D 149 -16.99 -7.56 41.25
C ALA D 149 -17.37 -6.33 40.40
N VAL D 150 -18.30 -5.49 40.90
CA VAL D 150 -18.75 -4.26 40.27
C VAL D 150 -17.55 -3.31 40.19
N ARG D 151 -16.80 -3.17 41.29
CA ARG D 151 -15.63 -2.30 41.36
C ARG D 151 -14.55 -2.68 40.36
N GLY D 152 -14.19 -3.95 40.32
CA GLY D 152 -13.15 -4.41 39.41
C GLY D 152 -13.51 -4.24 37.96
N SER D 153 -14.78 -4.49 37.61
CA SER D 153 -15.28 -4.33 36.25
C SER D 153 -15.28 -2.86 35.81
N VAL D 154 -15.74 -1.94 36.69
CA VAL D 154 -15.78 -0.52 36.37
C VAL D 154 -14.37 0.03 36.17
N VAL D 155 -13.43 -0.34 37.09
CA VAL D 155 -12.02 0.06 37.02
C VAL D 155 -11.41 -0.43 35.73
N GLU D 156 -11.67 -1.70 35.38
CA GLU D 156 -11.18 -2.30 34.15
C GLU D 156 -11.71 -1.59 32.89
N ALA D 157 -12.98 -1.18 32.91
CA ALA D 157 -13.58 -0.44 31.79
C ALA D 157 -12.99 1.00 31.67
N LEU D 158 -12.70 1.63 32.81
CA LEU D 158 -12.09 2.96 32.84
C LEU D 158 -10.66 2.89 32.34
N VAL D 159 -9.90 1.87 32.76
CA VAL D 159 -8.53 1.62 32.28
C VAL D 159 -8.56 1.34 30.77
N GLY D 160 -9.56 0.58 30.31
CA GLY D 160 -9.77 0.29 28.89
C GLY D 160 -10.03 1.55 28.09
N LEU D 161 -10.65 2.56 28.70
CA LEU D 161 -10.87 3.85 28.03
C LEU D 161 -9.60 4.76 28.01
N GLY D 162 -8.57 4.40 28.76
CA GLY D 162 -7.34 5.17 28.79
C GLY D 162 -7.01 5.80 30.13
N PHE D 163 -7.89 5.63 31.14
CA PHE D 163 -7.63 6.21 32.45
C PHE D 163 -6.55 5.44 33.18
N ALA D 164 -5.75 6.16 33.99
CA ALA D 164 -4.72 5.51 34.80
C ALA D 164 -5.42 4.74 35.90
N ALA D 165 -4.92 3.56 36.26
CA ALA D 165 -5.55 2.71 37.26
C ALA D 165 -5.84 3.41 38.58
N LYS D 166 -4.96 4.29 39.05
CA LYS D 166 -5.18 5.01 40.30
C LYS D 166 -6.35 5.99 40.17
N GLN D 167 -6.40 6.75 39.07
CA GLN D 167 -7.51 7.69 38.81
C GLN D 167 -8.84 6.92 38.57
N ALA D 168 -8.76 5.71 38.00
CA ALA D 168 -9.91 4.84 37.78
C ALA D 168 -10.44 4.32 39.13
N GLU D 169 -9.53 3.88 40.05
CA GLU D 169 -9.93 3.38 41.37
C GLU D 169 -10.52 4.49 42.20
N GLU D 170 -9.93 5.69 42.17
CA GLU D 170 -10.43 6.82 42.93
C GLU D 170 -11.83 7.23 42.51
N ALA D 171 -12.08 7.30 41.20
CA ALA D 171 -13.39 7.69 40.70
C ALA D 171 -14.44 6.61 40.98
N THR D 172 -14.09 5.34 40.81
CA THR D 172 -15.00 4.23 41.08
C THR D 172 -15.35 4.16 42.56
N ASP D 173 -14.36 4.37 43.45
CA ASP D 173 -14.59 4.32 44.89
C ASP D 173 -15.43 5.51 45.34
N GLN D 174 -15.19 6.70 44.80
CA GLN D 174 -16.01 7.87 45.13
C GLN D 174 -17.50 7.65 44.76
N VAL D 175 -17.76 6.83 43.75
CA VAL D 175 -19.07 6.51 43.23
C VAL D 175 -19.73 5.36 44.02
N LEU D 176 -18.97 4.32 44.34
CA LEU D 176 -19.52 3.18 45.10
C LEU D 176 -19.57 3.41 46.61
N ASP D 177 -18.86 4.42 47.12
CA ASP D 177 -18.85 4.73 48.54
C ASP D 177 -19.90 5.77 48.92
N GLY D 178 -20.21 6.68 47.99
CA GLY D 178 -21.22 7.72 48.20
C GLY D 178 -22.63 7.14 48.18
N GLU D 179 -22.96 6.42 47.09
CA GLU D 179 -24.26 5.74 46.93
C GLU D 179 -23.98 4.22 46.79
N LEU D 180 -23.71 3.54 47.92
CA LEU D 180 -23.43 2.11 47.96
C LEU D 180 -24.69 1.28 47.77
N VAL D 186 -26.52 1.05 41.41
CA VAL D 186 -26.21 -0.34 41.77
C VAL D 186 -25.44 -1.08 40.66
N ALA D 187 -25.98 -1.10 39.41
CA ALA D 187 -25.42 -1.86 38.29
C ALA D 187 -24.01 -1.40 37.90
N THR D 188 -23.24 -2.27 37.24
CA THR D 188 -21.89 -1.97 36.81
C THR D 188 -21.87 -0.87 35.76
N SER D 189 -22.79 -0.94 34.79
CA SER D 189 -22.82 0.09 33.74
C SER D 189 -23.23 1.44 34.31
N SER D 190 -24.15 1.44 35.26
CA SER D 190 -24.64 2.62 35.94
C SER D 190 -23.50 3.27 36.74
N ALA D 191 -22.69 2.47 37.43
CA ALA D 191 -21.52 2.93 38.19
C ALA D 191 -20.43 3.46 37.25
N LEU D 192 -20.28 2.85 36.07
CA LEU D 192 -19.33 3.29 35.07
C LEU D 192 -19.71 4.68 34.53
N ARG D 193 -21.00 4.90 34.24
CA ARG D 193 -21.49 6.19 33.77
C ARG D 193 -21.30 7.27 34.86
N ALA D 194 -21.46 6.91 36.12
CA ALA D 194 -21.25 7.81 37.26
C ALA D 194 -19.75 8.13 37.43
N ALA D 195 -18.87 7.11 37.29
CA ALA D 195 -17.43 7.33 37.40
C ALA D 195 -16.93 8.22 36.25
N LEU D 196 -17.45 8.01 35.03
CA LEU D 196 -17.09 8.80 33.86
C LEU D 196 -17.60 10.24 33.96
N SER D 197 -18.78 10.41 34.58
CA SER D 197 -19.36 11.73 34.79
C SER D 197 -18.46 12.52 35.74
N LEU D 198 -18.00 11.87 36.80
CA LEU D 198 -17.10 12.44 37.78
C LEU D 198 -15.73 12.77 37.15
N LEU D 199 -15.18 11.85 36.34
CA LEU D 199 -13.88 12.06 35.68
C LEU D 199 -13.86 13.19 34.67
N GLY D 200 -15.00 13.52 34.10
CA GLY D 200 -15.09 14.61 33.14
C GLY D 200 -15.30 15.99 33.75
N LYS D 201 -15.44 16.06 35.09
CA LYS D 201 -15.58 17.32 35.82
C LYS D 201 -14.23 18.03 35.73
N THR D 202 -14.24 19.29 35.26
CA THR D 202 -13.03 20.10 35.08
C THR D 202 -12.28 20.32 36.43
N ARG D 203 -12.98 20.17 37.57
CA ARG D 203 -12.40 20.28 38.90
C ARG D 203 -11.46 19.08 39.16
N MET E 1 15.53 12.69 -9.17
CA MET E 1 16.61 13.33 -8.41
C MET E 1 17.88 13.34 -9.26
N ILE E 2 18.15 12.24 -9.97
CA ILE E 2 19.31 12.15 -10.83
C ILE E 2 18.96 12.76 -12.19
N PHE E 3 19.58 13.90 -12.51
CA PHE E 3 19.33 14.58 -13.76
C PHE E 3 20.37 14.29 -14.83
N SER E 4 21.52 13.73 -14.46
CA SER E 4 22.51 13.31 -15.43
C SER E 4 23.49 12.33 -14.84
N VAL E 5 24.06 11.47 -15.69
CA VAL E 5 25.04 10.49 -15.29
C VAL E 5 26.23 10.68 -16.22
N ARG E 6 27.41 10.94 -15.67
CA ARG E 6 28.59 11.17 -16.45
C ARG E 6 29.67 10.24 -15.99
N GLY E 7 30.32 9.58 -16.94
CA GLY E 7 31.39 8.66 -16.64
C GLY E 7 31.70 7.75 -17.79
N GLU E 8 32.40 6.66 -17.49
CA GLU E 8 32.84 5.71 -18.50
C GLU E 8 31.70 4.82 -18.95
N VAL E 9 31.50 4.73 -20.27
CA VAL E 9 30.47 3.86 -20.81
C VAL E 9 31.03 2.46 -20.75
N LEU E 10 30.47 1.61 -19.89
CA LEU E 10 30.89 0.24 -19.76
C LEU E 10 30.25 -0.66 -20.79
N GLU E 11 29.04 -0.34 -21.21
CA GLU E 11 28.29 -1.13 -22.16
C GLU E 11 27.36 -0.23 -22.95
N VAL E 12 27.20 -0.49 -24.23
CA VAL E 12 26.23 0.20 -25.08
C VAL E 12 25.43 -0.95 -25.71
N ALA E 13 24.14 -0.96 -25.50
CA ALA E 13 23.22 -1.92 -26.11
C ALA E 13 22.27 -1.06 -27.02
N LEU E 14 21.33 -1.68 -27.74
CA LEU E 14 20.40 -0.93 -28.59
C LEU E 14 19.33 -0.19 -27.83
N ASP E 15 19.10 -0.51 -26.54
CA ASP E 15 18.08 0.15 -25.73
C ASP E 15 18.56 0.74 -24.40
N HIS E 16 19.83 0.58 -24.09
CA HIS E 16 20.37 1.07 -22.82
C HIS E 16 21.88 1.17 -22.89
N ALA E 17 22.45 1.86 -21.92
CA ALA E 17 23.91 1.93 -21.74
C ALA E 17 24.20 1.76 -20.24
N VAL E 18 25.40 1.33 -19.91
CA VAL E 18 25.84 1.29 -18.54
C VAL E 18 26.92 2.36 -18.45
N ILE E 19 26.76 3.33 -17.55
CA ILE E 19 27.72 4.40 -17.38
C ILE E 19 28.23 4.35 -15.96
N GLU E 20 29.55 4.25 -15.79
CA GLU E 20 30.16 4.18 -14.49
C GLU E 20 30.52 5.56 -13.98
N ALA E 21 29.84 6.01 -12.92
CA ALA E 21 30.13 7.30 -12.29
C ALA E 21 30.58 6.98 -10.90
N ALA E 22 31.81 7.39 -10.54
CA ALA E 22 32.40 7.14 -9.21
C ALA E 22 32.29 5.66 -8.76
N GLY E 23 32.70 4.75 -9.63
CA GLY E 23 32.69 3.32 -9.34
C GLY E 23 31.36 2.60 -9.50
N ILE E 24 30.25 3.33 -9.67
CA ILE E 24 28.94 2.70 -9.82
C ILE E 24 28.52 2.70 -11.27
N GLY E 25 28.28 1.52 -11.82
CA GLY E 25 27.76 1.42 -13.18
C GLY E 25 26.25 1.55 -13.15
N TYR E 26 25.73 2.60 -13.76
CA TYR E 26 24.30 2.85 -13.78
C TYR E 26 23.74 2.36 -15.08
N ARG E 27 22.69 1.56 -15.04
CA ARG E 27 22.02 1.14 -16.24
C ARG E 27 21.09 2.29 -16.54
N VAL E 28 21.19 2.80 -17.76
CA VAL E 28 20.36 3.91 -18.20
C VAL E 28 19.64 3.47 -19.45
N ASN E 29 18.31 3.31 -19.38
CA ASN E 29 17.48 2.95 -20.54
C ASN E 29 17.43 4.18 -21.38
N ALA E 30 17.93 4.13 -22.60
CA ALA E 30 18.06 5.32 -23.43
C ALA E 30 17.44 5.20 -24.81
N THR E 31 17.07 6.31 -25.40
CA THR E 31 16.55 6.32 -26.75
C THR E 31 17.71 6.02 -27.71
N PRO E 32 17.41 5.48 -28.90
CA PRO E 32 18.49 5.25 -29.87
C PRO E 32 19.30 6.52 -30.21
N SER E 33 18.68 7.71 -30.23
CA SER E 33 19.43 8.93 -30.49
C SER E 33 20.37 9.31 -29.35
N ALA E 34 20.01 8.99 -28.10
CA ALA E 34 20.89 9.22 -26.97
C ALA E 34 22.07 8.26 -27.00
N LEU E 35 21.85 7.02 -27.44
CA LEU E 35 22.89 5.99 -27.50
C LEU E 35 23.85 6.16 -28.65
N ALA E 36 23.41 6.87 -29.73
CA ALA E 36 24.12 7.06 -31.00
C ALA E 36 25.59 7.39 -30.85
N THR E 37 25.95 8.36 -30.01
CA THR E 37 27.36 8.74 -29.85
C THR E 37 28.09 7.98 -28.73
N LEU E 38 27.39 7.10 -28.00
CA LEU E 38 27.99 6.39 -26.90
C LEU E 38 28.77 5.23 -27.42
N ARG E 39 29.94 5.01 -26.84
CA ARG E 39 30.84 3.93 -27.21
C ARG E 39 31.48 3.41 -25.95
N GLN E 40 31.69 2.09 -25.89
CA GLN E 40 32.33 1.43 -24.75
C GLN E 40 33.74 1.96 -24.51
N GLY E 41 34.06 2.30 -23.27
CA GLY E 41 35.37 2.87 -22.89
C GLY E 41 35.45 4.38 -22.98
N SER E 42 34.47 5.01 -23.62
CA SER E 42 34.45 6.46 -23.75
C SER E 42 33.69 7.07 -22.61
N GLN E 43 34.08 8.30 -22.24
CA GLN E 43 33.40 9.11 -21.24
C GLN E 43 32.21 9.73 -21.93
N ALA E 44 31.07 9.79 -21.24
CA ALA E 44 29.87 10.42 -21.75
C ALA E 44 29.02 10.95 -20.59
N ARG E 45 28.17 11.95 -20.88
CA ARG E 45 27.22 12.48 -19.91
C ARG E 45 25.87 12.30 -20.56
N LEU E 46 25.03 11.50 -19.93
CA LEU E 46 23.69 11.27 -20.41
C LEU E 46 22.72 12.04 -19.53
N VAL E 47 21.78 12.75 -20.16
CA VAL E 47 20.76 13.51 -19.44
C VAL E 47 19.68 12.50 -19.02
N THR E 48 19.29 12.45 -17.74
CA THR E 48 18.41 11.41 -17.24
C THR E 48 17.19 11.87 -16.45
N ALA E 49 16.23 10.95 -16.27
CA ALA E 49 15.06 11.07 -15.43
C ALA E 49 15.05 9.78 -14.61
N MET E 50 14.99 9.90 -13.29
CA MET E 50 14.93 8.74 -12.43
C MET E 50 13.47 8.47 -12.09
N VAL E 51 12.99 7.26 -12.37
CA VAL E 51 11.64 6.88 -12.07
C VAL E 51 11.67 5.92 -10.89
N VAL E 52 11.04 6.34 -9.80
CA VAL E 52 11.00 5.58 -8.56
C VAL E 52 9.63 4.96 -8.39
N ARG E 53 9.59 3.69 -8.11
CA ARG E 53 8.35 2.93 -7.86
C ARG E 53 8.64 2.03 -6.66
N GLU E 54 7.60 1.45 -6.04
CA GLU E 54 7.78 0.57 -4.87
C GLU E 54 8.85 -0.52 -5.07
N ASP E 55 8.87 -1.15 -6.23
CA ASP E 55 9.78 -2.24 -6.53
C ASP E 55 10.79 -1.94 -7.63
N SER E 56 11.05 -0.65 -7.91
CA SER E 56 12.03 -0.31 -8.92
C SER E 56 12.58 1.09 -8.81
N MET E 57 13.81 1.24 -9.27
CA MET E 57 14.50 2.50 -9.41
C MET E 57 15.13 2.41 -10.78
N THR E 58 14.68 3.24 -11.70
CA THR E 58 15.14 3.14 -13.09
C THR E 58 15.56 4.48 -13.63
N LEU E 59 16.64 4.51 -14.41
CA LEU E 59 17.11 5.71 -15.06
C LEU E 59 16.76 5.63 -16.53
N TYR E 60 16.26 6.75 -17.07
CA TYR E 60 15.95 6.90 -18.49
C TYR E 60 16.86 8.01 -19.02
N GLY E 61 17.52 7.76 -20.12
CA GLY E 61 18.51 8.67 -20.67
C GLY E 61 18.17 9.22 -22.03
N PHE E 62 18.51 10.47 -22.23
CA PHE E 62 18.13 11.26 -23.38
C PHE E 62 19.33 12.02 -23.94
N SER E 63 19.23 12.43 -25.22
CA SER E 63 20.32 13.20 -25.85
C SER E 63 20.44 14.62 -25.28
N ASP E 64 19.36 15.16 -24.67
CA ASP E 64 19.35 16.50 -24.09
C ASP E 64 18.21 16.65 -23.08
N ALA E 65 18.19 17.78 -22.36
CA ALA E 65 17.18 18.13 -21.37
C ALA E 65 15.79 18.30 -22.01
N GLU E 66 15.72 18.75 -23.27
CA GLU E 66 14.46 18.94 -23.96
C GLU E 66 13.71 17.60 -24.11
N ASN E 67 14.40 16.55 -24.52
CA ASN E 67 13.80 15.23 -24.66
C ASN E 67 13.48 14.61 -23.32
N ARG E 68 14.30 14.88 -22.30
CA ARG E 68 14.06 14.39 -20.96
C ARG E 68 12.80 15.00 -20.40
N ASP E 69 12.61 16.31 -20.62
CA ASP E 69 11.43 17.03 -20.16
C ASP E 69 10.18 16.58 -20.92
N LEU E 70 10.32 16.24 -22.21
CA LEU E 70 9.21 15.69 -22.99
C LEU E 70 8.83 14.30 -22.47
N PHE E 71 9.81 13.49 -22.05
CA PHE E 71 9.56 12.18 -21.46
C PHE E 71 8.75 12.34 -20.18
N LEU E 72 9.12 13.31 -19.34
CA LEU E 72 8.42 13.59 -18.09
C LEU E 72 7.00 14.09 -18.33
N ALA E 73 6.81 14.88 -19.41
CA ALA E 73 5.50 15.38 -19.80
C ALA E 73 4.64 14.22 -20.28
N LEU E 74 5.22 13.29 -21.06
CA LEU E 74 4.49 12.09 -21.51
C LEU E 74 4.08 11.22 -20.32
N LEU E 75 4.97 11.07 -19.33
CA LEU E 75 4.67 10.29 -18.12
C LEU E 75 3.50 10.85 -17.32
N SER E 76 3.25 12.15 -17.39
CA SER E 76 2.17 12.78 -16.65
C SER E 76 0.78 12.49 -17.26
N VAL E 77 0.73 11.94 -18.50
CA VAL E 77 -0.52 11.55 -19.16
C VAL E 77 -0.92 10.18 -18.62
N SER E 78 -2.18 10.06 -18.14
CA SER E 78 -2.70 8.79 -17.61
C SER E 78 -2.75 7.78 -18.76
N GLY E 79 -2.23 6.60 -18.51
CA GLY E 79 -2.14 5.57 -19.54
C GLY E 79 -0.77 5.52 -20.20
N VAL E 80 0.09 6.56 -19.99
CA VAL E 80 1.43 6.57 -20.53
C VAL E 80 2.42 6.34 -19.42
N GLY E 81 3.17 5.28 -19.54
CA GLY E 81 4.21 4.94 -18.59
C GLY E 81 5.58 5.07 -19.23
N PRO E 82 6.62 4.67 -18.50
CA PRO E 82 7.98 4.82 -19.01
C PRO E 82 8.27 4.13 -20.34
N ARG E 83 7.78 2.90 -20.54
CA ARG E 83 8.02 2.17 -21.79
C ARG E 83 7.42 2.86 -22.98
N LEU E 84 6.18 3.34 -22.86
CA LEU E 84 5.47 4.02 -23.92
C LEU E 84 6.05 5.40 -24.19
N ALA E 85 6.48 6.10 -23.14
CA ALA E 85 7.11 7.41 -23.31
C ALA E 85 8.46 7.24 -24.03
N MET E 86 9.20 6.14 -23.75
CA MET E 86 10.49 5.89 -24.43
C MET E 86 10.26 5.51 -25.87
N ALA E 87 9.23 4.69 -26.15
CA ALA E 87 8.88 4.31 -27.51
C ALA E 87 8.50 5.52 -28.33
N THR E 88 7.82 6.50 -27.72
CA THR E 88 7.41 7.73 -28.38
C THR E 88 8.64 8.53 -28.77
N LEU E 89 9.59 8.67 -27.85
CA LEU E 89 10.80 9.43 -28.12
C LEU E 89 11.76 8.69 -29.05
N ALA E 90 11.65 7.35 -29.18
CA ALA E 90 12.46 6.58 -30.11
C ALA E 90 11.95 6.78 -31.57
N VAL E 91 10.64 7.01 -31.73
CA VAL E 91 10.02 7.20 -33.03
C VAL E 91 10.01 8.68 -33.42
N HIS E 92 9.69 9.57 -32.49
CA HIS E 92 9.65 10.99 -32.76
C HIS E 92 10.72 11.81 -32.07
N ASP E 93 11.41 12.66 -32.84
CA ASP E 93 12.40 13.57 -32.28
C ASP E 93 11.68 14.67 -31.51
N ALA E 94 12.38 15.39 -30.61
CA ALA E 94 11.75 16.44 -29.81
C ALA E 94 10.90 17.44 -30.60
N ALA E 95 11.44 17.96 -31.72
CA ALA E 95 10.72 18.93 -32.55
C ALA E 95 9.50 18.31 -33.19
N ALA E 96 9.61 17.09 -33.71
CA ALA E 96 8.48 16.41 -34.33
C ALA E 96 7.35 16.12 -33.35
N LEU E 97 7.69 15.72 -32.13
CA LEU E 97 6.72 15.43 -31.10
C LEU E 97 6.02 16.72 -30.63
N ARG E 98 6.78 17.78 -30.41
CA ARG E 98 6.28 19.08 -29.99
C ARG E 98 5.31 19.67 -31.05
N GLN E 99 5.63 19.40 -32.33
CA GLN E 99 4.85 19.82 -33.49
C GLN E 99 3.54 19.03 -33.50
N ALA E 100 3.61 17.69 -33.39
CA ALA E 100 2.43 16.84 -33.38
C ALA E 100 1.45 17.21 -32.27
N LEU E 101 1.95 17.69 -31.13
CA LEU E 101 1.08 18.08 -30.03
C LEU E 101 0.34 19.37 -30.40
N ALA E 102 1.08 20.37 -30.88
CA ALA E 102 0.51 21.67 -31.29
C ALA E 102 -0.53 21.52 -32.42
N ASP E 103 -0.22 20.69 -33.43
CA ASP E 103 -1.11 20.45 -34.56
C ASP E 103 -2.13 19.33 -34.33
N SER E 104 -2.19 18.75 -33.11
CA SER E 104 -3.09 17.65 -32.78
C SER E 104 -2.98 16.50 -33.79
N ASP E 105 -1.76 16.22 -34.24
CA ASP E 105 -1.48 15.20 -35.23
C ASP E 105 -1.50 13.83 -34.58
N VAL E 106 -2.72 13.33 -34.36
CA VAL E 106 -3.02 12.04 -33.78
C VAL E 106 -2.44 10.91 -34.64
N ALA E 107 -2.41 11.10 -35.96
CA ALA E 107 -1.88 10.09 -36.88
C ALA E 107 -0.37 9.84 -36.69
N SER E 108 0.41 10.90 -36.41
CA SER E 108 1.85 10.72 -36.21
C SER E 108 2.10 10.03 -34.88
N LEU E 109 1.37 10.44 -33.82
CA LEU E 109 1.45 9.81 -32.50
C LEU E 109 1.06 8.34 -32.56
N THR E 110 0.09 8.02 -33.40
CA THR E 110 -0.39 6.66 -33.65
C THR E 110 0.71 5.78 -34.31
N ARG E 111 1.73 6.38 -34.93
CA ARG E 111 2.84 5.61 -35.50
C ARG E 111 3.66 4.91 -34.38
N VAL E 112 3.64 5.46 -33.14
CA VAL E 112 4.34 4.88 -32.02
C VAL E 112 3.59 3.61 -31.61
N PRO E 113 4.27 2.47 -31.57
CA PRO E 113 3.59 1.23 -31.17
C PRO E 113 3.17 1.28 -29.71
N GLY E 114 1.96 0.81 -29.44
CA GLY E 114 1.38 0.89 -28.11
C GLY E 114 0.47 2.09 -27.95
N ILE E 115 0.58 3.07 -28.85
CA ILE E 115 -0.27 4.24 -28.85
C ILE E 115 -1.26 4.10 -30.00
N GLY E 116 -2.52 3.95 -29.64
CA GLY E 116 -3.60 3.88 -30.61
C GLY E 116 -4.31 5.22 -30.69
N LYS E 117 -5.43 5.26 -31.41
CA LYS E 117 -6.17 6.51 -31.58
C LYS E 117 -6.59 7.15 -30.25
N ARG E 118 -7.03 6.33 -29.30
CA ARG E 118 -7.48 6.83 -28.00
C ARG E 118 -6.33 7.40 -27.19
N GLY E 119 -5.24 6.66 -27.12
CA GLY E 119 -4.02 7.10 -26.44
C GLY E 119 -3.46 8.37 -27.03
N ALA E 120 -3.40 8.46 -28.38
CA ALA E 120 -2.90 9.65 -29.06
C ALA E 120 -3.77 10.86 -28.74
N GLU E 121 -5.09 10.66 -28.68
CA GLU E 121 -6.01 11.75 -28.34
C GLU E 121 -5.88 12.20 -26.90
N ARG E 122 -5.56 11.27 -25.98
CA ARG E 122 -5.33 11.59 -24.57
C ARG E 122 -4.05 12.41 -24.42
N ILE E 123 -2.98 12.01 -25.12
CA ILE E 123 -1.70 12.70 -25.09
C ILE E 123 -1.86 14.12 -25.61
N VAL E 124 -2.49 14.29 -26.80
CA VAL E 124 -2.75 15.60 -27.40
C VAL E 124 -3.60 16.44 -26.44
N LEU E 125 -4.65 15.86 -25.88
CA LEU E 125 -5.52 16.57 -24.96
C LEU E 125 -4.76 17.08 -23.73
N GLU E 126 -3.91 16.24 -23.16
CA GLU E 126 -3.16 16.62 -21.98
C GLU E 126 -1.94 17.50 -22.21
N LEU E 127 -1.29 17.38 -23.37
CA LEU E 127 -0.03 18.06 -23.60
C LEU E 127 0.01 19.23 -24.61
N ARG E 128 -1.11 19.96 -24.88
CA ARG E 128 -1.05 21.14 -25.75
C ARG E 128 -0.51 22.34 -24.92
N ASP E 129 0.79 22.25 -24.60
CA ASP E 129 1.64 23.13 -23.81
C ASP E 129 2.97 23.31 -24.57
N ALA E 149 12.69 40.55 -20.20
CA ALA E 149 12.96 39.13 -19.91
C ALA E 149 13.06 38.88 -18.40
N VAL E 150 13.60 39.86 -17.65
CA VAL E 150 13.72 39.78 -16.19
C VAL E 150 12.33 39.76 -15.58
N ARG E 151 11.42 40.62 -16.07
CA ARG E 151 10.05 40.70 -15.58
C ARG E 151 9.27 39.40 -15.76
N GLY E 152 9.32 38.85 -16.97
CA GLY E 152 8.63 37.61 -17.28
C GLY E 152 9.10 36.43 -16.46
N SER E 153 10.42 36.34 -16.24
CA SER E 153 11.03 35.28 -15.44
C SER E 153 10.65 35.39 -13.96
N VAL E 154 10.70 36.61 -13.39
CA VAL E 154 10.34 36.84 -11.99
C VAL E 154 8.86 36.50 -11.75
N VAL E 155 7.97 36.96 -12.65
CA VAL E 155 6.53 36.69 -12.58
C VAL E 155 6.29 35.18 -12.65
N GLU E 156 6.97 34.50 -13.58
CA GLU E 156 6.88 33.05 -13.75
C GLU E 156 7.33 32.30 -12.49
N ALA E 157 8.40 32.76 -11.83
CA ALA E 157 8.89 32.17 -10.58
C ALA E 157 7.92 32.41 -9.42
N LEU E 158 7.27 33.58 -9.37
CA LEU E 158 6.29 33.91 -8.33
C LEU E 158 5.03 33.07 -8.52
N VAL E 159 4.58 32.90 -9.77
CA VAL E 159 3.44 32.05 -10.09
C VAL E 159 3.77 30.59 -9.73
N GLY E 160 5.00 30.17 -10.01
CA GLY E 160 5.51 28.85 -9.67
C GLY E 160 5.48 28.59 -8.17
N LEU E 161 5.67 29.64 -7.37
CA LEU E 161 5.60 29.55 -5.91
C LEU E 161 4.16 29.52 -5.36
N GLY E 162 3.17 29.82 -6.20
CA GLY E 162 1.78 29.80 -5.79
C GLY E 162 1.08 31.14 -5.84
N PHE E 163 1.80 32.22 -6.20
CA PHE E 163 1.19 33.55 -6.26
C PHE E 163 0.29 33.69 -7.48
N ALA E 164 -0.80 34.45 -7.34
CA ALA E 164 -1.70 34.70 -8.46
C ALA E 164 -0.97 35.58 -9.46
N ALA E 165 -1.16 35.35 -10.77
CA ALA E 165 -0.47 36.11 -11.81
C ALA E 165 -0.58 37.63 -11.66
N LYS E 166 -1.75 38.15 -11.25
CA LYS E 166 -1.96 39.59 -11.06
C LYS E 166 -1.11 40.12 -9.89
N GLN E 167 -1.13 39.40 -8.76
CA GLN E 167 -0.34 39.77 -7.58
C GLN E 167 1.18 39.64 -7.87
N ALA E 168 1.57 38.68 -8.73
CA ALA E 168 2.94 38.48 -9.15
C ALA E 168 3.38 39.64 -10.04
N GLU E 169 2.53 40.09 -10.99
CA GLU E 169 2.87 41.22 -11.86
C GLU E 169 2.97 42.51 -11.08
N GLU E 170 2.05 42.73 -10.14
CA GLU E 170 2.05 43.94 -9.33
C GLU E 170 3.30 44.06 -8.47
N ALA E 171 3.72 42.96 -7.83
CA ALA E 171 4.92 42.97 -6.99
C ALA E 171 6.20 43.15 -7.80
N THR E 172 6.30 42.49 -8.96
CA THR E 172 7.46 42.61 -9.83
C THR E 172 7.56 44.02 -10.42
N ASP E 173 6.43 44.61 -10.81
CA ASP E 173 6.42 45.96 -11.37
C ASP E 173 6.74 47.00 -10.30
N GLN E 174 6.26 46.80 -9.07
CA GLN E 174 6.57 47.72 -7.97
C GLN E 174 8.09 47.80 -7.72
N VAL E 175 8.85 46.73 -8.03
CA VAL E 175 10.31 46.79 -7.87
C VAL E 175 10.97 47.30 -9.18
N LEU E 176 10.50 48.47 -9.66
CA LEU E 176 11.05 49.14 -10.84
C LEU E 176 11.86 50.33 -10.30
N ASP E 177 12.82 50.02 -9.41
CA ASP E 177 13.71 51.01 -8.77
C ASP E 177 15.17 50.58 -8.88
N GLY E 178 16.08 51.53 -8.69
CA GLY E 178 17.52 51.26 -8.77
C GLY E 178 18.25 52.27 -9.62
N GLU E 179 18.90 53.25 -8.96
CA GLU E 179 19.65 54.30 -9.66
C GLU E 179 20.99 53.77 -10.16
N LEU E 180 21.17 53.80 -11.50
CA LEU E 180 22.36 53.37 -12.24
C LEU E 180 22.46 51.84 -12.41
N GLY E 181 22.27 51.10 -11.32
CA GLY E 181 22.36 49.64 -11.31
C GLY E 181 21.29 48.91 -12.08
N LYS E 182 21.52 48.74 -13.40
CA LYS E 182 20.63 48.04 -14.34
C LYS E 182 19.17 48.50 -14.26
N ASP E 183 18.78 49.42 -15.17
CA ASP E 183 17.39 49.92 -15.23
C ASP E 183 16.37 48.78 -15.51
N GLY E 184 16.84 47.71 -16.16
CA GLY E 184 16.04 46.53 -16.45
C GLY E 184 16.04 45.56 -15.29
N ALA E 185 15.40 45.99 -14.18
CA ALA E 185 15.18 45.32 -12.89
C ALA E 185 16.37 44.49 -12.31
N VAL E 186 17.62 44.96 -12.50
CA VAL E 186 18.86 44.33 -12.00
C VAL E 186 18.87 42.78 -12.34
N ALA E 187 19.54 41.88 -11.54
CA ALA E 187 19.52 40.45 -11.85
C ALA E 187 18.13 39.85 -11.56
N THR E 188 17.81 38.74 -12.21
CA THR E 188 16.51 38.10 -12.05
C THR E 188 16.31 37.56 -10.64
N SER E 189 17.36 36.93 -10.06
CA SER E 189 17.32 36.39 -8.70
C SER E 189 17.21 37.50 -7.65
N SER E 190 17.84 38.65 -7.93
CA SER E 190 17.82 39.82 -7.06
C SER E 190 16.41 40.44 -7.07
N ALA E 191 15.79 40.54 -8.26
CA ALA E 191 14.44 41.07 -8.41
C ALA E 191 13.40 40.15 -7.79
N LEU E 192 13.63 38.82 -7.86
CA LEU E 192 12.73 37.82 -7.28
C LEU E 192 12.76 37.93 -5.76
N ARG E 193 13.94 38.08 -5.17
CA ARG E 193 14.08 38.23 -3.72
C ARG E 193 13.42 39.52 -3.23
N ALA E 194 13.47 40.60 -4.05
CA ALA E 194 12.84 41.88 -3.74
C ALA E 194 11.31 41.77 -3.84
N ALA E 195 10.81 41.07 -4.88
CA ALA E 195 9.36 40.87 -5.06
C ALA E 195 8.79 40.00 -3.94
N LEU E 196 9.53 38.96 -3.52
CA LEU E 196 9.13 38.07 -2.42
C LEU E 196 9.17 38.79 -1.07
N SER E 197 10.13 39.70 -0.90
CA SER E 197 10.24 40.50 0.32
C SER E 197 9.01 41.42 0.44
N LEU E 198 8.61 42.02 -0.69
CA LEU E 198 7.45 42.88 -0.77
C LEU E 198 6.16 42.07 -0.53
N LEU E 199 6.03 40.89 -1.14
CA LEU E 199 4.85 40.03 -1.00
C LEU E 199 4.64 39.48 0.43
N GLY E 200 5.70 39.41 1.21
CA GLY E 200 5.61 38.92 2.59
C GLY E 200 5.28 40.00 3.61
N LYS E 201 5.11 41.27 3.14
CA LYS E 201 4.82 42.46 3.95
C LYS E 201 5.90 42.74 4.99
N MET F 1 19.00 -0.48 -11.09
CA MET F 1 19.65 0.72 -11.59
C MET F 1 21.16 0.55 -11.54
N ILE F 2 21.67 -0.05 -10.47
CA ILE F 2 23.08 -0.30 -10.30
C ILE F 2 23.44 -1.59 -11.01
N PHE F 3 24.20 -1.50 -12.07
CA PHE F 3 24.62 -2.65 -12.85
C PHE F 3 26.02 -3.13 -12.53
N SER F 4 26.82 -2.34 -11.81
CA SER F 4 28.11 -2.77 -11.36
C SER F 4 28.63 -1.91 -10.22
N VAL F 5 29.52 -2.47 -9.41
CA VAL F 5 30.13 -1.77 -8.31
C VAL F 5 31.61 -2.03 -8.44
N ARG F 6 32.42 -0.97 -8.54
CA ARG F 6 33.84 -1.10 -8.72
C ARG F 6 34.53 -0.33 -7.65
N GLY F 7 35.53 -0.94 -7.04
CA GLY F 7 36.31 -0.29 -6.02
C GLY F 7 37.09 -1.26 -5.20
N GLU F 8 37.54 -0.81 -4.04
CA GLU F 8 38.34 -1.64 -3.16
C GLU F 8 37.49 -2.66 -2.42
N VAL F 9 37.91 -3.93 -2.45
CA VAL F 9 37.22 -4.96 -1.71
C VAL F 9 37.62 -4.79 -0.28
N LEU F 10 36.69 -4.35 0.58
CA LEU F 10 36.97 -4.17 2.00
C LEU F 10 36.81 -5.47 2.76
N GLU F 11 35.88 -6.33 2.34
CA GLU F 11 35.59 -7.57 3.03
C GLU F 11 35.13 -8.59 2.02
N VAL F 12 35.54 -9.85 2.22
CA VAL F 12 35.05 -10.98 1.46
C VAL F 12 34.54 -11.97 2.52
N ALA F 13 33.23 -12.26 2.53
CA ALA F 13 32.60 -13.25 3.39
C ALA F 13 32.17 -14.45 2.47
N LEU F 14 31.56 -15.52 3.03
CA LEU F 14 31.19 -16.68 2.22
C LEU F 14 29.99 -16.45 1.31
N ASP F 15 29.18 -15.42 1.62
CA ASP F 15 27.97 -15.11 0.86
C ASP F 15 27.85 -13.67 0.34
N HIS F 16 28.82 -12.83 0.68
CA HIS F 16 28.80 -11.44 0.26
C HIS F 16 30.19 -10.82 0.31
N ALA F 17 30.33 -9.64 -0.30
CA ALA F 17 31.54 -8.84 -0.25
C ALA F 17 31.15 -7.39 0.02
N VAL F 18 32.07 -6.60 0.53
CA VAL F 18 31.87 -5.18 0.68
C VAL F 18 32.86 -4.52 -0.27
N ILE F 19 32.35 -3.71 -1.20
CA ILE F 19 33.19 -3.04 -2.17
C ILE F 19 33.01 -1.54 -1.97
N GLU F 20 34.10 -0.82 -1.75
CA GLU F 20 34.05 0.60 -1.54
C GLU F 20 34.23 1.36 -2.83
N ALA F 21 33.16 2.05 -3.29
CA ALA F 21 33.20 2.85 -4.50
C ALA F 21 33.04 4.29 -4.06
N ALA F 22 34.05 5.14 -4.30
CA ALA F 22 34.02 6.56 -3.93
C ALA F 22 33.58 6.81 -2.44
N GLY F 23 34.21 6.10 -1.51
CA GLY F 23 33.92 6.25 -0.10
C GLY F 23 32.74 5.48 0.42
N ILE F 24 31.89 4.89 -0.45
CA ILE F 24 30.75 4.14 0.02
C ILE F 24 31.03 2.64 -0.09
N GLY F 25 30.97 1.93 1.02
CA GLY F 25 31.13 0.49 1.02
C GLY F 25 29.77 -0.14 0.74
N TYR F 26 29.64 -0.84 -0.37
CA TYR F 26 28.41 -1.48 -0.75
C TYR F 26 28.47 -2.93 -0.39
N ARG F 27 27.44 -3.41 0.31
CA ARG F 27 27.35 -4.83 0.59
C ARG F 27 26.73 -5.44 -0.67
N VAL F 28 27.40 -6.42 -1.23
CA VAL F 28 26.93 -7.08 -2.42
C VAL F 28 26.84 -8.56 -2.11
N ASN F 29 25.62 -9.12 -2.08
CA ASN F 29 25.40 -10.55 -1.87
C ASN F 29 25.83 -11.22 -3.14
N ALA F 30 26.82 -12.09 -3.09
CA ALA F 30 27.39 -12.67 -4.30
C ALA F 30 27.43 -14.17 -4.29
N THR F 31 27.43 -14.76 -5.49
CA THR F 31 27.54 -16.20 -5.63
C THR F 31 28.97 -16.60 -5.24
N PRO F 32 29.18 -17.85 -4.80
CA PRO F 32 30.55 -18.28 -4.49
C PRO F 32 31.53 -18.11 -5.67
N SER F 33 31.09 -18.23 -6.93
CA SER F 33 31.98 -18.02 -8.09
C SER F 33 32.38 -16.55 -8.23
N ALA F 34 31.47 -15.62 -7.90
CA ALA F 34 31.78 -14.19 -7.95
C ALA F 34 32.76 -13.83 -6.83
N LEU F 35 32.60 -14.46 -5.64
CA LEU F 35 33.45 -14.22 -4.47
C LEU F 35 34.83 -14.85 -4.60
N ALA F 36 34.96 -15.94 -5.38
CA ALA F 36 36.23 -16.63 -5.67
C ALA F 36 37.30 -15.68 -6.20
N THR F 37 36.91 -14.72 -7.06
CA THR F 37 37.83 -13.75 -7.65
C THR F 37 38.07 -12.49 -6.78
N LEU F 38 37.47 -12.41 -5.60
CA LEU F 38 37.58 -11.24 -4.75
C LEU F 38 38.53 -11.49 -3.64
N ARG F 39 39.37 -10.51 -3.38
CA ARG F 39 40.34 -10.60 -2.31
C ARG F 39 40.46 -9.22 -1.64
N GLN F 40 40.41 -9.18 -0.31
CA GLN F 40 40.50 -7.96 0.48
C GLN F 40 41.72 -7.10 0.07
N GLY F 41 41.51 -5.80 -0.15
CA GLY F 41 42.55 -4.87 -0.56
C GLY F 41 42.67 -4.70 -2.05
N SER F 42 42.15 -5.64 -2.82
CA SER F 42 42.19 -5.57 -4.29
C SER F 42 41.08 -4.69 -4.84
N GLN F 43 41.28 -4.15 -6.04
CA GLN F 43 40.25 -3.42 -6.75
C GLN F 43 39.51 -4.47 -7.54
N ALA F 44 38.18 -4.37 -7.57
CA ALA F 44 37.36 -5.30 -8.33
C ALA F 44 36.10 -4.60 -8.81
N ARG F 45 35.55 -5.09 -9.95
CA ARG F 45 34.28 -4.60 -10.46
C ARG F 45 33.38 -5.79 -10.45
N LEU F 46 32.35 -5.75 -9.62
CA LEU F 46 31.40 -6.82 -9.53
C LEU F 46 30.15 -6.42 -10.34
N VAL F 47 29.67 -7.33 -11.18
CA VAL F 47 28.49 -7.10 -12.00
C VAL F 47 27.30 -7.34 -11.10
N THR F 48 26.34 -6.41 -11.02
CA THR F 48 25.27 -6.47 -10.04
C THR F 48 23.85 -6.31 -10.59
N ALA F 49 22.87 -6.66 -9.76
CA ALA F 49 21.46 -6.44 -9.97
C ALA F 49 20.96 -5.87 -8.64
N MET F 50 20.29 -4.72 -8.70
CA MET F 50 19.74 -4.08 -7.52
C MET F 50 18.30 -4.48 -7.42
N VAL F 51 17.91 -5.06 -6.28
CA VAL F 51 16.53 -5.46 -6.05
C VAL F 51 15.94 -4.48 -5.07
N VAL F 52 14.91 -3.76 -5.53
CA VAL F 52 14.23 -2.74 -4.76
C VAL F 52 12.91 -3.28 -4.30
N ARG F 53 12.63 -3.17 -3.02
CA ARG F 53 11.36 -3.54 -2.41
C ARG F 53 10.96 -2.38 -1.47
N GLU F 54 9.72 -2.34 -1.02
CA GLU F 54 9.25 -1.27 -0.12
C GLU F 54 10.16 -1.05 1.10
N ASP F 55 10.65 -2.14 1.69
CA ASP F 55 11.48 -2.11 2.88
CA ASP F 55 11.48 -2.08 2.89
C ASP F 55 12.93 -2.55 2.68
N SER F 56 13.43 -2.58 1.43
CA SER F 56 14.80 -3.01 1.20
C SER F 56 15.38 -2.57 -0.12
N MET F 57 16.69 -2.44 -0.14
CA MET F 57 17.46 -2.16 -1.34
C MET F 57 18.66 -3.07 -1.22
N THR F 58 18.77 -4.05 -2.11
CA THR F 58 19.81 -5.08 -2.01
C THR F 58 20.57 -5.25 -3.30
N LEU F 59 21.90 -5.40 -3.22
CA LEU F 59 22.72 -5.65 -4.41
C LEU F 59 23.10 -7.12 -4.45
N TYR F 60 22.99 -7.73 -5.63
CA TYR F 60 23.38 -9.12 -5.88
C TYR F 60 24.51 -9.06 -6.90
N GLY F 61 25.59 -9.77 -6.64
CA GLY F 61 26.79 -9.72 -7.46
C GLY F 61 27.15 -11.02 -8.12
N PHE F 62 27.64 -10.90 -9.34
CA PHE F 62 27.92 -12.02 -10.22
C PHE F 62 29.30 -11.89 -10.86
N SER F 63 29.85 -13.02 -11.31
CA SER F 63 31.15 -13.02 -11.97
C SER F 63 31.09 -12.34 -13.36
N ASP F 64 29.91 -12.27 -13.98
CA ASP F 64 29.75 -11.61 -15.29
C ASP F 64 28.30 -11.21 -15.55
N ALA F 65 28.07 -10.47 -16.66
CA ALA F 65 26.74 -10.03 -17.07
C ALA F 65 25.81 -11.19 -17.41
N GLU F 66 26.36 -12.31 -17.90
CA GLU F 66 25.58 -13.47 -18.27
C GLU F 66 24.88 -14.07 -17.06
N ASN F 67 25.59 -14.23 -15.95
CA ASN F 67 25.01 -14.74 -14.72
C ASN F 67 24.06 -13.76 -14.09
N ARG F 68 24.35 -12.46 -14.20
CA ARG F 68 23.48 -11.44 -13.66
C ARG F 68 22.15 -11.45 -14.41
N ASP F 69 22.19 -11.57 -15.74
CA ASP F 69 20.99 -11.63 -16.58
C ASP F 69 20.18 -12.90 -16.30
N LEU F 70 20.86 -14.02 -16.02
CA LEU F 70 20.19 -15.27 -15.66
C LEU F 70 19.51 -15.12 -14.30
N PHE F 71 20.13 -14.39 -13.35
CA PHE F 71 19.53 -14.11 -12.05
C PHE F 71 18.24 -13.32 -12.23
N LEU F 72 18.25 -12.31 -13.11
CA LEU F 72 17.08 -11.50 -13.39
C LEU F 72 15.98 -12.30 -14.08
N ALA F 73 16.35 -13.26 -14.94
CA ALA F 73 15.41 -14.15 -15.61
C ALA F 73 14.77 -15.08 -14.58
N LEU F 74 15.57 -15.60 -13.64
CA LEU F 74 15.05 -16.45 -12.57
C LEU F 74 14.08 -15.68 -11.68
N LEU F 75 14.38 -14.40 -11.37
CA LEU F 75 13.51 -13.54 -10.57
C LEU F 75 12.16 -13.31 -11.19
N SER F 76 12.07 -13.32 -12.53
CA SER F 76 10.82 -13.11 -13.21
C SER F 76 9.85 -14.29 -13.09
N VAL F 77 10.32 -15.46 -12.63
CA VAL F 77 9.50 -16.65 -12.45
C VAL F 77 8.79 -16.51 -11.11
N SER F 78 7.46 -16.66 -11.09
CA SER F 78 6.64 -16.61 -9.88
C SER F 78 7.06 -17.76 -8.96
N GLY F 79 7.32 -17.45 -7.70
CA GLY F 79 7.81 -18.44 -6.76
C GLY F 79 9.32 -18.42 -6.60
N VAL F 80 10.03 -17.72 -7.50
CA VAL F 80 11.48 -17.60 -7.39
C VAL F 80 11.85 -16.18 -7.00
N GLY F 81 12.44 -16.04 -5.83
CA GLY F 81 12.89 -14.76 -5.35
C GLY F 81 14.41 -14.68 -5.36
N PRO F 82 14.95 -13.60 -4.79
CA PRO F 82 16.42 -13.42 -4.81
C PRO F 82 17.23 -14.53 -4.17
N ARG F 83 16.80 -15.07 -3.03
CA ARG F 83 17.53 -16.14 -2.35
C ARG F 83 17.59 -17.41 -3.16
N LEU F 84 16.46 -17.79 -3.77
CA LEU F 84 16.38 -18.98 -4.60
C LEU F 84 17.11 -18.81 -5.92
N ALA F 85 17.06 -17.62 -6.50
CA ALA F 85 17.81 -17.34 -7.73
C ALA F 85 19.31 -17.39 -7.46
N MET F 86 19.76 -16.93 -6.27
CA MET F 86 21.19 -16.98 -5.90
C MET F 86 21.62 -18.41 -5.65
N ALA F 87 20.77 -19.20 -4.96
CA ALA F 87 21.06 -20.61 -4.70
C ALA F 87 21.19 -21.39 -6.02
N THR F 88 20.37 -21.06 -7.01
CA THR F 88 20.40 -21.69 -8.32
C THR F 88 21.72 -21.40 -9.02
N LEU F 89 22.16 -20.12 -8.98
CA LEU F 89 23.43 -19.75 -9.60
C LEU F 89 24.65 -20.24 -8.82
N ALA F 90 24.50 -20.53 -7.52
CA ALA F 90 25.58 -21.09 -6.72
C ALA F 90 25.80 -22.58 -7.08
N VAL F 91 24.73 -23.29 -7.44
CA VAL F 91 24.78 -24.70 -7.80
C VAL F 91 25.06 -24.90 -9.30
N HIS F 92 24.41 -24.10 -10.16
CA HIS F 92 24.60 -24.23 -11.60
C HIS F 92 25.29 -23.04 -12.23
N ASP F 93 26.34 -23.32 -13.02
CA ASP F 93 27.05 -22.27 -13.76
C ASP F 93 26.15 -21.77 -14.90
N ALA F 94 26.49 -20.64 -15.52
CA ALA F 94 25.68 -20.05 -16.58
C ALA F 94 25.34 -21.01 -17.74
N ALA F 95 26.33 -21.77 -18.20
CA ALA F 95 26.15 -22.70 -19.30
C ALA F 95 25.28 -23.90 -18.86
N ALA F 96 25.51 -24.43 -17.64
CA ALA F 96 24.74 -25.56 -17.14
C ALA F 96 23.27 -25.21 -16.95
N LEU F 97 22.98 -23.99 -16.46
CA LEU F 97 21.62 -23.55 -16.24
C LEU F 97 20.90 -23.31 -17.55
N ARG F 98 21.58 -22.68 -18.51
CA ARG F 98 21.05 -22.42 -19.85
C ARG F 98 20.74 -23.75 -20.59
N GLN F 99 21.56 -24.78 -20.33
CA GLN F 99 21.44 -26.11 -20.89
C GLN F 99 20.22 -26.78 -20.27
N ALA F 100 20.11 -26.79 -18.92
CA ALA F 100 18.99 -27.40 -18.23
C ALA F 100 17.64 -26.80 -18.66
N LEU F 101 17.61 -25.53 -19.09
CA LEU F 101 16.36 -24.91 -19.55
C LEU F 101 15.99 -25.44 -20.92
N ALA F 102 16.99 -25.50 -21.83
CA ALA F 102 16.80 -26.00 -23.18
C ALA F 102 16.38 -27.48 -23.19
N ASP F 103 17.03 -28.30 -22.36
CA ASP F 103 16.73 -29.73 -22.26
C ASP F 103 15.62 -30.07 -21.28
N SER F 104 14.95 -29.06 -20.67
CA SER F 104 13.89 -29.24 -19.65
C SER F 104 14.32 -30.22 -18.56
N ASP F 105 15.59 -30.12 -18.15
CA ASP F 105 16.19 -30.96 -17.15
C ASP F 105 15.74 -30.53 -15.76
N VAL F 106 14.52 -30.93 -15.40
CA VAL F 106 13.90 -30.66 -14.11
C VAL F 106 14.71 -31.27 -12.96
N ALA F 107 15.37 -32.42 -13.21
CA ALA F 107 16.16 -33.10 -12.20
C ALA F 107 17.37 -32.29 -11.77
N SER F 108 18.04 -31.59 -12.71
CA SER F 108 19.22 -30.77 -12.38
C SER F 108 18.78 -29.57 -11.57
N LEU F 109 17.69 -28.91 -11.99
CA LEU F 109 17.13 -27.77 -11.27
C LEU F 109 16.69 -28.15 -9.87
N THR F 110 16.16 -29.36 -9.70
CA THR F 110 15.74 -29.88 -8.39
C THR F 110 16.94 -30.12 -7.45
N ARG F 111 18.18 -30.17 -7.98
CA ARG F 111 19.38 -30.28 -7.15
C ARG F 111 19.59 -29.01 -6.30
N VAL F 112 19.07 -27.86 -6.75
CA VAL F 112 19.13 -26.61 -6.03
C VAL F 112 18.20 -26.70 -4.83
N PRO F 113 18.73 -26.47 -3.61
CA PRO F 113 17.86 -26.54 -2.43
C PRO F 113 16.82 -25.44 -2.44
N GLY F 114 15.60 -25.79 -2.06
CA GLY F 114 14.48 -24.86 -2.11
C GLY F 114 13.67 -25.00 -3.38
N ILE F 115 14.23 -25.64 -4.43
CA ILE F 115 13.55 -25.88 -5.69
C ILE F 115 13.15 -27.33 -5.76
N GLY F 116 11.85 -27.56 -5.75
CA GLY F 116 11.27 -28.90 -5.87
C GLY F 116 10.83 -29.16 -7.28
N LYS F 117 10.16 -30.30 -7.51
CA LYS F 117 9.69 -30.65 -8.85
C LYS F 117 8.78 -29.57 -9.46
N ARG F 118 7.87 -29.01 -8.66
CA ARG F 118 6.94 -27.99 -9.12
C ARG F 118 7.66 -26.72 -9.52
N GLY F 119 8.55 -26.25 -8.66
CA GLY F 119 9.35 -25.07 -8.91
C GLY F 119 10.23 -25.22 -10.14
N ALA F 120 10.89 -26.38 -10.28
CA ALA F 120 11.73 -26.65 -11.45
C ALA F 120 10.93 -26.63 -12.74
N GLU F 121 9.71 -27.18 -12.70
CA GLU F 121 8.84 -27.18 -13.87
C GLU F 121 8.35 -25.78 -14.22
N ARG F 122 8.14 -24.92 -13.21
CA ARG F 122 7.73 -23.52 -13.43
C ARG F 122 8.87 -22.75 -14.08
N ILE F 123 10.09 -22.95 -13.60
CA ILE F 123 11.28 -22.29 -14.15
C ILE F 123 11.48 -22.67 -15.60
N VAL F 124 11.47 -23.98 -15.91
CA VAL F 124 11.58 -24.51 -17.27
C VAL F 124 10.48 -23.94 -18.15
N LEU F 125 9.24 -23.98 -17.65
CA LEU F 125 8.09 -23.47 -18.40
C LEU F 125 8.24 -21.99 -18.75
N GLU F 126 8.68 -21.19 -17.77
CA GLU F 126 8.82 -19.76 -17.96
C GLU F 126 10.06 -19.32 -18.73
N LEU F 127 11.18 -20.05 -18.60
CA LEU F 127 12.42 -19.59 -19.22
C LEU F 127 12.92 -20.38 -20.44
N ARG F 128 12.30 -21.52 -20.82
CA ARG F 128 12.78 -22.26 -22.01
C ARG F 128 12.79 -21.40 -23.28
N ASP F 129 11.69 -20.73 -23.58
CA ASP F 129 11.61 -19.88 -24.77
C ASP F 129 12.23 -18.49 -24.60
N LYS F 130 12.52 -18.07 -23.36
CA LYS F 130 13.09 -16.76 -23.07
C LYS F 130 14.63 -16.77 -22.90
N VAL F 131 15.16 -17.60 -21.99
CA VAL F 131 16.61 -17.67 -21.74
C VAL F 131 17.23 -18.93 -22.37
N ASN F 148 23.58 -11.88 -41.41
CA ASN F 148 22.39 -11.10 -41.05
C ASN F 148 22.25 -10.91 -39.53
N ALA F 149 23.40 -10.77 -38.81
CA ALA F 149 23.39 -10.52 -37.36
C ALA F 149 22.86 -9.10 -37.05
N VAL F 150 23.16 -8.13 -37.96
CA VAL F 150 22.70 -6.75 -37.87
C VAL F 150 21.17 -6.76 -37.98
N ARG F 151 20.63 -7.51 -38.95
CA ARG F 151 19.19 -7.60 -39.17
C ARG F 151 18.42 -8.16 -37.96
N GLY F 152 18.89 -9.26 -37.42
CA GLY F 152 18.24 -9.89 -36.28
C GLY F 152 18.24 -9.00 -35.05
N SER F 153 19.36 -8.29 -34.80
CA SER F 153 19.48 -7.38 -33.67
C SER F 153 18.56 -6.17 -33.81
N VAL F 154 18.48 -5.56 -35.02
CA VAL F 154 17.63 -4.41 -35.26
C VAL F 154 16.17 -4.78 -35.10
N VAL F 155 15.75 -5.94 -35.68
CA VAL F 155 14.39 -6.46 -35.59
C VAL F 155 14.04 -6.71 -34.13
N GLU F 156 14.96 -7.31 -33.38
CA GLU F 156 14.77 -7.59 -31.96
C GLU F 156 14.58 -6.29 -31.14
N ALA F 157 15.36 -5.24 -31.47
CA ALA F 157 15.24 -3.95 -30.80
C ALA F 157 13.91 -3.24 -31.14
N LEU F 158 13.44 -3.38 -32.40
CA LEU F 158 12.16 -2.81 -32.84
C LEU F 158 11.00 -3.54 -32.17
N VAL F 159 11.07 -4.86 -32.08
CA VAL F 159 10.08 -5.69 -31.38
C VAL F 159 10.07 -5.31 -29.88
N GLY F 160 11.26 -5.08 -29.31
CA GLY F 160 11.40 -4.63 -27.93
C GLY F 160 10.76 -3.29 -27.68
N LEU F 161 10.70 -2.42 -28.71
CA LEU F 161 10.03 -1.13 -28.61
C LEU F 161 8.49 -1.23 -28.77
N GLY F 162 7.98 -2.39 -29.18
CA GLY F 162 6.55 -2.59 -29.35
C GLY F 162 6.09 -2.83 -30.77
N PHE F 163 7.03 -2.81 -31.74
CA PHE F 163 6.65 -3.03 -33.13
C PHE F 163 6.34 -4.48 -33.39
N ALA F 164 5.40 -4.74 -34.30
CA ALA F 164 5.07 -6.11 -34.67
C ALA F 164 6.22 -6.65 -35.49
N ALA F 165 6.56 -7.92 -35.30
CA ALA F 165 7.69 -8.53 -35.99
C ALA F 165 7.69 -8.35 -37.50
N LYS F 166 6.52 -8.41 -38.15
CA LYS F 166 6.43 -8.24 -39.59
C LYS F 166 6.76 -6.80 -39.99
N GLN F 167 6.20 -5.83 -39.28
CA GLN F 167 6.48 -4.40 -39.53
C GLN F 167 7.96 -4.05 -39.18
N ALA F 168 8.53 -4.75 -38.19
CA ALA F 168 9.93 -4.58 -37.82
C ALA F 168 10.86 -5.16 -38.90
N GLU F 169 10.50 -6.34 -39.49
CA GLU F 169 11.31 -6.96 -40.55
C GLU F 169 11.24 -6.12 -41.82
N GLU F 170 10.06 -5.60 -42.17
CA GLU F 170 9.87 -4.79 -43.37
C GLU F 170 10.68 -3.50 -43.31
N ALA F 171 10.66 -2.82 -42.16
CA ALA F 171 11.41 -1.58 -42.00
C ALA F 171 12.91 -1.81 -41.99
N THR F 172 13.38 -2.87 -41.31
CA THR F 172 14.79 -3.22 -41.25
C THR F 172 15.32 -3.62 -42.63
N ASP F 173 14.53 -4.39 -43.40
CA ASP F 173 14.93 -4.83 -44.74
C ASP F 173 14.96 -3.65 -45.72
N GLN F 174 13.98 -2.74 -45.63
CA GLN F 174 13.99 -1.55 -46.47
C GLN F 174 15.25 -0.68 -46.25
N VAL F 175 15.80 -0.72 -45.03
CA VAL F 175 16.96 0.03 -44.61
C VAL F 175 18.27 -0.68 -44.99
N LEU F 176 18.36 -1.99 -44.75
CA LEU F 176 19.56 -2.75 -45.07
C LEU F 176 19.76 -3.01 -46.57
N ASP F 177 18.75 -2.71 -47.40
CA ASP F 177 18.83 -2.85 -48.84
C ASP F 177 18.62 -1.45 -49.44
N GLY F 178 19.59 -0.95 -50.21
CA GLY F 178 19.47 0.36 -50.84
C GLY F 178 20.60 1.30 -50.50
N GLU F 179 20.70 1.70 -49.23
CA GLU F 179 21.79 2.58 -48.77
C GLU F 179 22.62 1.95 -47.64
N LEU F 180 22.64 0.60 -47.59
CA LEU F 180 23.40 -0.19 -46.63
C LEU F 180 24.16 -1.32 -47.40
N GLY F 181 24.09 -2.57 -46.93
CA GLY F 181 24.83 -3.65 -47.57
C GLY F 181 26.33 -3.50 -47.34
N LYS F 182 26.71 -2.98 -46.16
CA LYS F 182 28.11 -2.74 -45.77
C LYS F 182 28.21 -2.49 -44.27
N VAL F 186 27.62 0.75 -42.00
CA VAL F 186 26.22 0.49 -41.68
C VAL F 186 26.03 -0.36 -40.37
N ALA F 187 26.40 0.24 -39.20
CA ALA F 187 26.34 -0.34 -37.85
C ALA F 187 24.89 -0.72 -37.45
N THR F 188 24.73 -1.55 -36.42
CA THR F 188 23.42 -1.98 -35.94
C THR F 188 22.61 -0.82 -35.38
N SER F 189 23.24 0.04 -34.58
CA SER F 189 22.53 1.19 -34.00
C SER F 189 22.13 2.18 -35.07
N SER F 190 22.98 2.38 -36.07
CA SER F 190 22.75 3.25 -37.20
C SER F 190 21.57 2.76 -38.03
N ALA F 191 21.48 1.43 -38.25
CA ALA F 191 20.38 0.78 -38.98
C ALA F 191 19.08 0.84 -38.16
N LEU F 192 19.17 0.77 -36.82
CA LEU F 192 18.02 0.89 -35.94
C LEU F 192 17.43 2.32 -36.02
N ARG F 193 18.30 3.35 -35.99
CA ARG F 193 17.86 4.73 -36.11
C ARG F 193 17.20 5.00 -37.46
N ALA F 194 17.71 4.37 -38.53
CA ALA F 194 17.15 4.46 -39.88
C ALA F 194 15.80 3.73 -39.96
N ALA F 195 15.69 2.54 -39.35
CA ALA F 195 14.42 1.79 -39.34
C ALA F 195 13.35 2.54 -38.55
N LEU F 196 13.72 3.14 -37.41
CA LEU F 196 12.82 3.94 -36.58
C LEU F 196 12.38 5.22 -37.29
N SER F 197 13.30 5.82 -38.05
CA SER F 197 13.00 7.03 -38.83
C SER F 197 11.94 6.69 -39.89
N LEU F 198 12.10 5.56 -40.55
CA LEU F 198 11.17 5.08 -41.55
C LEU F 198 9.81 4.73 -40.92
N LEU F 199 9.81 4.06 -39.75
CA LEU F 199 8.58 3.67 -39.06
C LEU F 199 7.75 4.86 -38.55
N GLY F 200 8.39 5.99 -38.31
CA GLY F 200 7.68 7.17 -37.86
C GLY F 200 7.09 8.03 -38.96
N LYS F 201 7.37 7.68 -40.25
CA LYS F 201 6.83 8.39 -41.40
C LYS F 201 5.32 8.10 -41.44
N THR F 202 4.52 9.16 -41.45
CA THR F 202 3.06 9.08 -41.40
C THR F 202 2.49 8.40 -42.67
N ARG F 203 1.51 7.49 -42.48
CA ARG F 203 0.84 6.69 -43.51
C ARG F 203 1.80 5.73 -44.22
N MET G 1 22.14 -1.80 1.96
CA MET G 1 23.04 -1.84 0.81
C MET G 1 24.32 -1.07 1.14
N ILE G 2 24.19 0.05 1.83
CA ILE G 2 25.33 0.84 2.24
C ILE G 2 25.85 0.29 3.55
N PHE G 3 27.05 -0.30 3.52
CA PHE G 3 27.66 -0.87 4.71
C PHE G 3 28.68 0.04 5.37
N SER G 4 29.12 1.10 4.68
CA SER G 4 30.00 2.09 5.29
C SER G 4 30.02 3.38 4.51
N VAL G 5 30.30 4.48 5.20
CA VAL G 5 30.39 5.79 4.59
C VAL G 5 31.72 6.36 5.01
N ARG G 6 32.57 6.72 4.06
CA ARG G 6 33.86 7.24 4.35
C ARG G 6 34.05 8.57 3.62
N GLY G 7 34.50 9.57 4.36
CA GLY G 7 34.72 10.88 3.80
C GLY G 7 34.88 11.94 4.86
N GLU G 8 34.74 13.20 4.43
CA GLU G 8 34.90 14.33 5.34
C GLU G 8 33.72 14.51 6.27
N VAL G 9 33.96 14.62 7.57
CA VAL G 9 32.90 14.86 8.52
C VAL G 9 32.54 16.33 8.41
N LEU G 10 31.35 16.63 7.90
CA LEU G 10 30.90 18.01 7.77
C LEU G 10 30.28 18.51 9.05
N GLU G 11 29.64 17.64 9.84
CA GLU G 11 28.99 18.00 11.07
C GLU G 11 29.05 16.84 12.03
N VAL G 12 29.22 17.12 13.32
CA VAL G 12 29.14 16.12 14.38
C VAL G 12 28.13 16.70 15.37
N ALA G 13 27.05 15.98 15.61
CA ALA G 13 26.04 16.35 16.61
C ALA G 13 26.11 15.22 17.68
N LEU G 14 25.30 15.30 18.76
CA LEU G 14 25.29 14.28 19.79
C LEU G 14 24.61 12.99 19.37
N ASP G 15 23.83 13.00 18.28
CA ASP G 15 23.11 11.81 17.82
C ASP G 15 23.31 11.43 16.36
N HIS G 16 24.10 12.23 15.62
CA HIS G 16 24.34 11.96 14.22
C HIS G 16 25.58 12.69 13.75
N ALA G 17 26.05 12.33 12.56
CA ALA G 17 27.13 13.04 11.89
C ALA G 17 26.75 13.16 10.41
N VAL G 18 27.33 14.13 9.72
CA VAL G 18 27.17 14.26 8.30
C VAL G 18 28.54 13.95 7.72
N ILE G 19 28.64 12.94 6.85
CA ILE G 19 29.90 12.55 6.22
C ILE G 19 29.76 12.72 4.73
N GLU G 20 30.65 13.49 4.13
CA GLU G 20 30.64 13.74 2.69
C GLU G 20 31.49 12.73 1.96
N ALA G 21 30.84 11.88 1.16
CA ALA G 21 31.52 10.88 0.35
C ALA G 21 31.22 11.24 -1.08
N ALA G 22 32.25 11.51 -1.89
CA ALA G 22 32.09 11.89 -3.31
C ALA G 22 31.07 13.04 -3.53
N GLY G 23 31.19 14.10 -2.76
CA GLY G 23 30.32 15.26 -2.88
C GLY G 23 28.98 15.16 -2.18
N ILE G 24 28.57 13.97 -1.73
CA ILE G 24 27.27 13.82 -1.07
C ILE G 24 27.46 13.74 0.42
N GLY G 25 26.82 14.65 1.14
CA GLY G 25 26.85 14.62 2.59
C GLY G 25 25.77 13.68 3.08
N TYR G 26 26.13 12.58 3.72
CA TYR G 26 25.18 11.63 4.23
C TYR G 26 24.94 11.87 5.68
N ARG G 27 23.69 11.96 6.09
CA ARG G 27 23.36 12.09 7.49
C ARG G 27 23.37 10.66 7.98
N VAL G 28 24.16 10.40 9.02
CA VAL G 28 24.26 9.08 9.60
C VAL G 28 23.90 9.20 11.05
N ASN G 29 22.76 8.63 11.47
CA ASN G 29 22.34 8.60 12.88
C ASN G 29 23.26 7.64 13.56
N ALA G 30 24.05 8.07 14.53
CA ALA G 30 25.07 7.22 15.12
C ALA G 30 25.01 7.15 16.64
N THR G 31 25.53 6.08 17.20
CA THR G 31 25.62 5.93 18.64
C THR G 31 26.68 6.90 19.16
N PRO G 32 26.56 7.33 20.43
CA PRO G 32 27.61 8.20 20.99
C PRO G 32 29.03 7.61 20.90
N SER G 33 29.20 6.28 20.98
CA SER G 33 30.52 5.69 20.85
C SER G 33 31.06 5.76 19.43
N ALA G 34 30.17 5.70 18.42
CA ALA G 34 30.58 5.86 17.04
C ALA G 34 30.99 7.32 16.75
N LEU G 35 30.30 8.27 17.36
CA LEU G 35 30.56 9.69 17.16
C LEU G 35 31.77 10.19 17.90
N ALA G 36 32.22 9.47 18.97
CA ALA G 36 33.28 9.83 19.88
C ALA G 36 34.54 10.34 19.21
N THR G 37 35.04 9.63 18.19
CA THR G 37 36.27 10.05 17.52
C THR G 37 36.04 10.98 16.32
N LEU G 38 34.78 11.26 15.97
CA LEU G 38 34.48 12.07 14.80
C LEU G 38 34.62 13.54 15.13
N ARG G 39 35.28 14.30 14.25
CA ARG G 39 35.51 15.74 14.39
CA ARG G 39 35.47 15.73 14.39
C ARG G 39 35.26 16.38 13.03
N GLN G 40 34.64 17.57 13.03
CA GLN G 40 34.37 18.32 11.81
C GLN G 40 35.66 18.61 11.03
N GLY G 41 35.66 18.36 9.73
CA GLY G 41 36.84 18.55 8.88
C GLY G 41 37.73 17.32 8.76
N SER G 42 37.52 16.31 9.61
CA SER G 42 38.34 15.11 9.58
C SER G 42 37.69 14.02 8.78
N GLN G 43 38.52 13.22 8.11
CA GLN G 43 38.10 12.06 7.34
C GLN G 43 37.76 11.00 8.33
N ALA G 44 36.68 10.28 8.08
CA ALA G 44 36.28 9.15 8.92
C ALA G 44 35.53 8.11 8.07
N ARG G 45 35.52 6.85 8.51
CA ARG G 45 34.74 5.78 7.90
C ARG G 45 33.84 5.29 8.99
N LEU G 46 32.54 5.43 8.79
CA LEU G 46 31.56 4.96 9.74
C LEU G 46 30.91 3.70 9.19
N VAL G 47 30.80 2.67 10.01
CA VAL G 47 30.17 1.42 9.61
C VAL G 47 28.66 1.63 9.70
N THR G 48 27.89 1.33 8.65
CA THR G 48 26.47 1.68 8.60
C THR G 48 25.50 0.55 8.25
N ALA G 49 24.21 0.77 8.51
CA ALA G 49 23.09 -0.05 8.13
C ALA G 49 22.10 0.94 7.50
N MET G 50 21.66 0.66 6.27
CA MET G 50 20.68 1.52 5.61
C MET G 50 19.30 0.90 5.84
N VAL G 51 18.38 1.69 6.39
CA VAL G 51 17.02 1.24 6.62
C VAL G 51 16.13 1.94 5.61
N VAL G 52 15.49 1.14 4.77
CA VAL G 52 14.63 1.63 3.72
C VAL G 52 13.19 1.39 4.11
N ARG G 53 12.36 2.41 4.01
CA ARG G 53 10.91 2.35 4.28
C ARG G 53 10.22 3.12 3.15
N GLU G 54 8.91 3.01 3.01
CA GLU G 54 8.16 3.71 1.95
C GLU G 54 8.45 5.21 1.89
N ASP G 55 8.52 5.87 3.05
CA ASP G 55 8.74 7.32 3.11
C ASP G 55 10.09 7.71 3.71
N SER G 56 11.08 6.79 3.75
CA SER G 56 12.37 7.14 4.30
C SER G 56 13.50 6.26 3.86
N MET G 57 14.69 6.84 3.83
CA MET G 57 15.95 6.16 3.60
C MET G 57 16.85 6.73 4.68
N THR G 58 17.29 5.89 5.59
CA THR G 58 18.08 6.37 6.74
C THR G 58 19.30 5.53 6.95
N LEU G 59 20.42 6.17 7.30
CA LEU G 59 21.65 5.48 7.61
C LEU G 59 21.85 5.52 9.13
N TYR G 60 22.25 4.38 9.68
CA TYR G 60 22.59 4.24 11.09
C TYR G 60 24.05 3.86 11.15
N GLY G 61 24.82 4.54 11.98
CA GLY G 61 26.28 4.39 12.05
C GLY G 61 26.77 3.89 13.38
N PHE G 62 27.78 3.05 13.30
CA PHE G 62 28.33 2.31 14.43
C PHE G 62 29.85 2.37 14.46
N SER G 63 30.45 2.11 15.64
CA SER G 63 31.91 2.12 15.75
C SER G 63 32.57 0.94 15.02
N ASP G 64 31.82 -0.15 14.77
CA ASP G 64 32.32 -1.35 14.09
C ASP G 64 31.19 -2.20 13.54
N ALA G 65 31.53 -3.23 12.76
CA ALA G 65 30.59 -4.18 12.18
C ALA G 65 29.84 -5.00 13.24
N GLU G 66 30.47 -5.27 14.38
CA GLU G 66 29.84 -6.02 15.45
C GLU G 66 28.60 -5.31 15.99
N ASN G 67 28.71 -4.01 16.24
CA ASN G 67 27.59 -3.21 16.71
C ASN G 67 26.53 -3.02 15.64
N ARG G 68 26.96 -2.90 14.39
CA ARG G 68 26.04 -2.77 13.27
C ARG G 68 25.21 -4.02 13.12
N ASP G 69 25.85 -5.20 13.26
CA ASP G 69 25.17 -6.48 13.17
C ASP G 69 24.23 -6.70 14.36
N LEU G 70 24.59 -6.19 15.55
CA LEU G 70 23.72 -6.24 16.70
C LEU G 70 22.50 -5.35 16.51
N PHE G 71 22.68 -4.19 15.85
CA PHE G 71 21.57 -3.28 15.53
C PHE G 71 20.59 -3.99 14.59
N LEU G 72 21.10 -4.70 13.58
CA LEU G 72 20.28 -5.43 12.64
C LEU G 72 19.54 -6.60 13.30
N ALA G 73 20.18 -7.25 14.28
CA ALA G 73 19.59 -8.33 15.05
C ALA G 73 18.48 -7.76 15.92
N LEU G 74 18.68 -6.59 16.55
CA LEU G 74 17.65 -5.94 17.35
C LEU G 74 16.44 -5.56 16.48
N LEU G 75 16.69 -5.07 15.26
CA LEU G 75 15.62 -4.71 14.31
C LEU G 75 14.75 -5.88 13.93
N SER G 76 15.29 -7.09 13.93
CA SER G 76 14.52 -8.28 13.56
C SER G 76 13.53 -8.72 14.64
N VAL G 77 13.62 -8.17 15.87
CA VAL G 77 12.69 -8.44 16.97
C VAL G 77 11.45 -7.57 16.75
N SER G 78 10.26 -8.19 16.75
CA SER G 78 8.98 -7.49 16.60
C SER G 78 8.81 -6.55 17.80
N GLY G 79 8.46 -5.30 17.52
CA GLY G 79 8.36 -4.29 18.56
C GLY G 79 9.61 -3.44 18.69
N VAL G 80 10.74 -3.86 18.07
CA VAL G 80 11.98 -3.09 18.11
C VAL G 80 12.23 -2.48 16.74
N GLY G 81 12.27 -1.17 16.71
CA GLY G 81 12.55 -0.44 15.50
C GLY G 81 13.90 0.26 15.59
N PRO G 82 14.22 1.09 14.59
CA PRO G 82 15.53 1.75 14.58
C PRO G 82 15.85 2.62 15.79
N ARG G 83 14.88 3.39 16.29
CA ARG G 83 15.09 4.27 17.43
C ARG G 83 15.43 3.50 18.69
N LEU G 84 14.70 2.42 18.95
CA LEU G 84 14.89 1.58 20.11
C LEU G 84 16.18 0.78 20.02
N ALA G 85 16.51 0.30 18.82
CA ALA G 85 17.76 -0.42 18.62
C ALA G 85 18.95 0.53 18.82
N MET G 86 18.84 1.80 18.42
CA MET G 86 19.92 2.78 18.65
C MET G 86 20.04 3.15 20.11
N ALA G 87 18.92 3.29 20.80
CA ALA G 87 18.92 3.59 22.24
C ALA G 87 19.56 2.45 23.01
N THR G 88 19.36 1.20 22.57
CA THR G 88 19.93 0.02 23.20
C THR G 88 21.44 0.05 23.05
N LEU G 89 21.92 0.34 21.84
CA LEU G 89 23.36 0.39 21.60
C LEU G 89 24.02 1.63 22.21
N ALA G 90 23.27 2.71 22.49
CA ALA G 90 23.79 3.88 23.16
C ALA G 90 24.01 3.58 24.67
N VAL G 91 23.20 2.72 25.26
CA VAL G 91 23.27 2.36 26.67
C VAL G 91 24.21 1.16 26.88
N HIS G 92 24.12 0.14 26.03
CA HIS G 92 24.95 -1.04 26.16
C HIS G 92 25.95 -1.22 25.04
N ASP G 93 27.22 -1.48 25.42
CA ASP G 93 28.26 -1.78 24.44
C ASP G 93 28.03 -3.17 23.85
N ALA G 94 28.68 -3.48 22.72
CA ALA G 94 28.50 -4.78 22.06
C ALA G 94 28.64 -6.00 22.98
N ALA G 95 29.70 -6.03 23.81
CA ALA G 95 29.95 -7.13 24.72
C ALA G 95 28.90 -7.19 25.81
N ALA G 96 28.50 -6.04 26.39
CA ALA G 96 27.50 -6.02 27.45
C ALA G 96 26.14 -6.51 26.94
N LEU G 97 25.76 -6.12 25.74
CA LEU G 97 24.49 -6.54 25.14
C LEU G 97 24.49 -8.04 24.81
N ARG G 98 25.57 -8.53 24.21
CA ARG G 98 25.73 -9.94 23.87
C ARG G 98 25.69 -10.81 25.14
N GLN G 99 26.23 -10.27 26.26
CA GLN G 99 26.26 -10.92 27.57
C GLN G 99 24.83 -10.96 28.10
N ALA G 100 24.11 -9.82 28.10
CA ALA G 100 22.75 -9.75 28.59
C ALA G 100 21.81 -10.71 27.86
N LEU G 101 22.07 -10.98 26.58
CA LEU G 101 21.23 -11.91 25.83
C LEU G 101 21.49 -13.34 26.30
N ALA G 102 22.78 -13.72 26.40
CA ALA G 102 23.19 -15.05 26.86
C ALA G 102 22.70 -15.35 28.28
N ASP G 103 22.83 -14.38 29.20
CA ASP G 103 22.40 -14.54 30.59
C ASP G 103 20.93 -14.18 30.83
N SER G 104 20.16 -13.86 29.76
CA SER G 104 18.74 -13.46 29.88
C SER G 104 18.55 -12.34 30.91
N ASP G 105 19.50 -11.39 30.93
CA ASP G 105 19.52 -10.28 31.85
C ASP G 105 18.52 -9.23 31.42
N VAL G 106 17.25 -9.49 31.70
CA VAL G 106 16.12 -8.62 31.41
C VAL G 106 16.27 -7.28 32.13
N ALA G 107 16.89 -7.27 33.33
CA ALA G 107 17.10 -6.06 34.10
C ALA G 107 18.03 -5.05 33.41
N SER G 108 19.10 -5.53 32.76
CA SER G 108 20.04 -4.66 32.05
C SER G 108 19.36 -4.07 30.83
N LEU G 109 18.64 -4.91 30.06
CA LEU G 109 17.89 -4.48 28.89
C LEU G 109 16.84 -3.47 29.24
N THR G 110 16.19 -3.62 30.40
CA THR G 110 15.18 -2.68 30.92
C THR G 110 15.79 -1.30 31.27
N ARG G 111 17.12 -1.21 31.42
CA ARG G 111 17.77 0.09 31.63
C ARG G 111 17.65 1.00 30.37
N VAL G 112 17.49 0.40 29.19
CA VAL G 112 17.31 1.14 27.97
C VAL G 112 15.91 1.75 27.97
N PRO G 113 15.80 3.08 27.83
CA PRO G 113 14.47 3.70 27.84
C PRO G 113 13.67 3.28 26.62
N GLY G 114 12.39 3.00 26.83
CA GLY G 114 11.53 2.49 25.78
C GLY G 114 11.42 0.96 25.82
N ILE G 115 12.34 0.30 26.52
CA ILE G 115 12.33 -1.15 26.68
C ILE G 115 11.90 -1.45 28.10
N GLY G 116 10.71 -2.02 28.22
CA GLY G 116 10.16 -2.44 29.50
C GLY G 116 10.39 -3.93 29.70
N LYS G 117 9.80 -4.50 30.74
CA LYS G 117 9.94 -5.91 31.05
C LYS G 117 9.53 -6.81 29.88
N ARG G 118 8.41 -6.47 29.23
CA ARG G 118 7.88 -7.25 28.09
C ARG G 118 8.80 -7.21 26.89
N GLY G 119 9.22 -6.01 26.54
CA GLY G 119 10.15 -5.81 25.43
C GLY G 119 11.48 -6.51 25.66
N ALA G 120 12.03 -6.40 26.87
CA ALA G 120 13.29 -7.06 27.23
C ALA G 120 13.17 -8.56 27.11
N GLU G 121 12.03 -9.12 27.53
CA GLU G 121 11.78 -10.56 27.44
C GLU G 121 11.63 -11.02 26.00
N ARG G 122 11.06 -10.18 25.12
CA ARG G 122 10.91 -10.48 23.70
C ARG G 122 12.26 -10.50 23.03
N ILE G 123 13.11 -9.51 23.33
CA ILE G 123 14.47 -9.42 22.78
C ILE G 123 15.28 -10.63 23.17
N VAL G 124 15.30 -10.97 24.47
CA VAL G 124 16.02 -12.15 24.97
C VAL G 124 15.52 -13.42 24.31
N LEU G 125 14.20 -13.55 24.16
CA LEU G 125 13.63 -14.75 23.54
C LEU G 125 14.04 -14.90 22.09
N GLU G 126 14.07 -13.79 21.36
CA GLU G 126 14.42 -13.83 19.96
C GLU G 126 15.91 -13.86 19.67
N LEU G 127 16.73 -13.21 20.49
CA LEU G 127 18.15 -13.10 20.20
C LEU G 127 19.11 -14.05 20.95
N ARG G 128 18.73 -14.62 22.12
CA ARG G 128 19.61 -15.59 22.78
C ARG G 128 19.72 -16.84 21.89
N ASP G 129 20.95 -17.32 21.64
CA ASP G 129 21.21 -18.51 20.82
C ASP G 129 21.01 -18.26 19.30
N LYS G 130 20.32 -17.17 18.94
CA LYS G 130 20.11 -16.84 17.53
C LYS G 130 20.38 -15.33 17.29
N VAL G 131 21.62 -14.83 17.50
CA VAL G 131 22.81 -15.58 17.94
C VAL G 131 23.51 -14.93 19.14
N ALA G 149 38.90 -25.46 10.21
CA ALA G 149 38.18 -24.20 10.02
C ALA G 149 37.59 -24.07 8.62
N VAL G 150 38.27 -24.65 7.62
CA VAL G 150 37.81 -24.66 6.23
C VAL G 150 36.53 -25.47 6.13
N ARG G 151 36.48 -26.64 6.80
CA ARG G 151 35.29 -27.50 6.79
C ARG G 151 34.07 -26.82 7.40
N GLY G 152 34.22 -26.22 8.58
CA GLY G 152 33.13 -25.54 9.25
C GLY G 152 32.56 -24.39 8.45
N SER G 153 33.44 -23.61 7.81
CA SER G 153 33.05 -22.47 6.99
C SER G 153 32.31 -22.90 5.71
N VAL G 154 32.81 -23.95 5.03
CA VAL G 154 32.17 -24.45 3.81
C VAL G 154 30.78 -25.02 4.13
N VAL G 155 30.66 -25.80 5.22
CA VAL G 155 29.39 -26.37 5.68
C VAL G 155 28.41 -25.25 6.00
N GLU G 156 28.88 -24.21 6.72
CA GLU G 156 28.08 -23.04 7.09
C GLU G 156 27.56 -22.31 5.83
N ALA G 157 28.41 -22.16 4.80
CA ALA G 157 28.03 -21.51 3.56
C ALA G 157 27.01 -22.35 2.76
N LEU G 158 27.15 -23.68 2.79
CA LEU G 158 26.22 -24.60 2.11
C LEU G 158 24.87 -24.57 2.80
N VAL G 159 24.86 -24.58 4.14
CA VAL G 159 23.64 -24.48 4.94
C VAL G 159 22.97 -23.10 4.67
N GLY G 160 23.78 -22.04 4.57
CA GLY G 160 23.32 -20.70 4.24
C GLY G 160 22.64 -20.64 2.88
N LEU G 161 23.09 -21.47 1.93
CA LEU G 161 22.48 -21.55 0.61
C LEU G 161 21.17 -22.39 0.57
N GLY G 162 20.86 -23.10 1.66
CA GLY G 162 19.65 -23.90 1.75
C GLY G 162 19.87 -25.39 1.86
N PHE G 163 21.13 -25.85 1.81
CA PHE G 163 21.40 -27.29 1.91
C PHE G 163 21.22 -27.78 3.34
N ALA G 164 20.78 -29.06 3.48
CA ALA G 164 20.58 -29.69 4.78
C ALA G 164 21.93 -29.86 5.49
N ALA G 165 21.96 -29.74 6.82
CA ALA G 165 23.21 -29.87 7.59
C ALA G 165 23.95 -31.18 7.32
N LYS G 166 23.21 -32.29 7.14
CA LYS G 166 23.81 -33.60 6.86
C LYS G 166 24.38 -33.65 5.43
N GLN G 167 23.62 -33.12 4.45
CA GLN G 167 24.01 -33.07 3.04
C GLN G 167 25.26 -32.18 2.83
N ALA G 168 25.37 -31.10 3.63
CA ALA G 168 26.50 -30.16 3.60
C ALA G 168 27.75 -30.84 4.14
N GLU G 169 27.62 -31.60 5.26
CA GLU G 169 28.75 -32.31 5.85
C GLU G 169 29.21 -33.46 4.94
N GLU G 170 28.26 -34.15 4.30
CA GLU G 170 28.57 -35.25 3.39
C GLU G 170 29.31 -34.78 2.13
N ALA G 171 28.95 -33.60 1.61
CA ALA G 171 29.60 -33.07 0.41
C ALA G 171 31.00 -32.51 0.67
N THR G 172 31.18 -31.77 1.78
CA THR G 172 32.47 -31.17 2.15
C THR G 172 33.52 -32.21 2.47
N ASP G 173 33.12 -33.29 3.17
CA ASP G 173 34.04 -34.38 3.51
C ASP G 173 34.49 -35.14 2.26
N GLN G 174 33.62 -35.23 1.23
CA GLN G 174 33.99 -35.83 -0.05
C GLN G 174 35.06 -35.00 -0.81
N VAL G 175 35.27 -33.72 -0.40
CA VAL G 175 36.29 -32.83 -0.97
C VAL G 175 37.71 -33.10 -0.35
N LEU G 176 37.88 -34.23 0.37
CA LEU G 176 39.17 -34.63 0.95
C LEU G 176 39.83 -35.71 0.07
N ASP G 177 39.70 -35.57 -1.26
CA ASP G 177 40.27 -36.48 -2.26
C ASP G 177 41.40 -35.77 -3.01
N GLY G 178 41.16 -34.52 -3.38
CA GLY G 178 42.15 -33.69 -4.06
C GLY G 178 42.49 -32.46 -3.24
N GLU G 179 42.50 -32.62 -1.90
CA GLU G 179 42.80 -31.55 -0.95
C GLU G 179 43.17 -32.15 0.41
N ALA G 187 41.81 -24.00 0.38
CA ALA G 187 41.11 -22.76 0.09
C ALA G 187 39.61 -22.89 0.36
N THR G 188 39.04 -21.99 1.16
CA THR G 188 37.62 -22.03 1.50
C THR G 188 36.73 -21.74 0.25
N SER G 189 37.24 -20.99 -0.74
CA SER G 189 36.47 -20.70 -1.96
C SER G 189 36.55 -21.88 -2.93
N SER G 190 37.73 -22.54 -3.00
CA SER G 190 37.90 -23.69 -3.88
C SER G 190 37.20 -24.95 -3.35
N ALA G 191 37.09 -25.06 -2.01
CA ALA G 191 36.39 -26.18 -1.39
C ALA G 191 34.89 -26.02 -1.53
N LEU G 192 34.38 -24.78 -1.42
CA LEU G 192 32.94 -24.49 -1.58
C LEU G 192 32.53 -24.72 -3.03
N ARG G 193 33.40 -24.35 -3.99
CA ARG G 193 33.15 -24.55 -5.40
C ARG G 193 33.15 -26.06 -5.74
N ALA G 194 33.95 -26.86 -5.03
CA ALA G 194 34.01 -28.31 -5.24
C ALA G 194 32.76 -28.99 -4.65
N ALA G 195 32.35 -28.59 -3.43
CA ALA G 195 31.17 -29.15 -2.75
C ALA G 195 29.86 -28.77 -3.47
N LEU G 196 29.78 -27.55 -4.04
CA LEU G 196 28.60 -27.12 -4.80
C LEU G 196 28.50 -27.86 -6.14
N SER G 197 29.66 -28.23 -6.73
CA SER G 197 29.70 -28.98 -7.98
C SER G 197 29.27 -30.44 -7.77
N LEU G 198 29.51 -31.01 -6.56
CA LEU G 198 29.10 -32.36 -6.22
C LEU G 198 27.64 -32.41 -5.71
N LEU G 199 27.12 -31.29 -5.18
CA LEU G 199 25.74 -31.18 -4.71
C LEU G 199 24.72 -30.96 -5.85
N GLY G 200 25.20 -30.48 -7.00
CA GLY G 200 24.37 -30.27 -8.18
C GLY G 200 24.53 -31.38 -9.20
N LYS G 201 24.99 -32.58 -8.74
CA LYS G 201 25.23 -33.81 -9.51
C LYS G 201 26.32 -33.64 -10.59
N MET H 1 18.39 11.26 3.92
CA MET H 1 19.72 10.66 4.03
C MET H 1 20.76 11.62 3.48
N ILE H 2 20.45 12.28 2.37
CA ILE H 2 21.34 13.24 1.76
C ILE H 2 21.16 14.59 2.43
N PHE H 3 22.18 15.04 3.15
CA PHE H 3 22.13 16.31 3.85
C PHE H 3 22.84 17.44 3.11
N SER H 4 23.63 17.13 2.09
CA SER H 4 24.23 18.12 1.25
C SER H 4 24.69 17.56 -0.08
N VAL H 5 24.79 18.43 -1.09
CA VAL H 5 25.26 18.06 -2.41
C VAL H 5 26.30 19.08 -2.76
N ARG H 6 27.51 18.65 -3.06
CA ARG H 6 28.60 19.54 -3.38
C ARG H 6 29.19 19.16 -4.70
N GLY H 7 29.40 20.14 -5.56
CA GLY H 7 30.00 19.91 -6.86
C GLY H 7 29.77 21.06 -7.79
N GLU H 8 29.95 20.79 -9.07
CA GLU H 8 29.82 21.82 -10.09
C GLU H 8 28.37 22.14 -10.37
N VAL H 9 28.02 23.42 -10.35
CA VAL H 9 26.67 23.84 -10.68
C VAL H 9 26.56 23.76 -12.19
N LEU H 10 25.78 22.80 -12.70
CA LEU H 10 25.62 22.65 -14.14
C LEU H 10 24.54 23.58 -14.65
N GLU H 11 23.48 23.81 -13.85
CA GLU H 11 22.35 24.64 -14.26
C GLU H 11 21.80 25.35 -13.05
N VAL H 12 21.38 26.61 -13.24
CA VAL H 12 20.66 27.37 -12.24
C VAL H 12 19.36 27.82 -12.94
N ALA H 13 18.21 27.35 -12.45
CA ALA H 13 16.88 27.74 -12.94
C ALA H 13 16.23 28.61 -11.82
N LEU H 14 14.99 29.11 -12.02
CA LEU H 14 14.35 29.98 -11.02
C LEU H 14 13.90 29.22 -9.77
N ASP H 15 13.70 27.89 -9.89
CA ASP H 15 13.21 27.07 -8.77
C ASP H 15 14.08 25.85 -8.41
N HIS H 16 15.17 25.64 -9.14
CA HIS H 16 16.04 24.51 -8.89
C HIS H 16 17.43 24.75 -9.48
N ALA H 17 18.37 23.89 -9.10
CA ALA H 17 19.71 23.87 -9.66
C ALA H 17 20.10 22.41 -9.91
N VAL H 18 21.06 22.20 -10.81
CA VAL H 18 21.61 20.88 -11.04
C VAL H 18 23.06 20.97 -10.56
N ILE H 19 23.43 20.12 -9.60
CA ILE H 19 24.78 20.12 -9.05
C ILE H 19 25.38 18.76 -9.33
N GLU H 20 26.52 18.70 -10.00
CA GLU H 20 27.17 17.46 -10.33
C GLU H 20 28.17 17.07 -9.26
N ALA H 21 27.90 15.97 -8.55
CA ALA H 21 28.77 15.45 -7.51
C ALA H 21 29.26 14.11 -8.01
N ALA H 22 30.57 13.97 -8.22
CA ALA H 22 31.20 12.76 -8.73
C ALA H 22 30.47 12.14 -9.96
N GLY H 23 30.25 12.95 -10.98
CA GLY H 23 29.61 12.50 -12.20
C GLY H 23 28.10 12.47 -12.19
N ILE H 24 27.45 12.58 -11.02
CA ILE H 24 25.99 12.56 -10.98
C ILE H 24 25.45 13.98 -10.84
N GLY H 25 24.63 14.41 -11.78
CA GLY H 25 23.97 15.71 -11.68
C GLY H 25 22.69 15.53 -10.87
N TYR H 26 22.61 16.17 -9.73
CA TYR H 26 21.45 16.09 -8.86
C TYR H 26 20.60 17.30 -9.08
N ARG H 27 19.31 17.07 -9.31
CA ARG H 27 18.38 18.17 -9.39
C ARG H 27 18.01 18.49 -7.95
N VAL H 28 18.20 19.73 -7.55
CA VAL H 28 17.90 20.16 -6.20
C VAL H 28 16.91 21.31 -6.31
N ASN H 29 15.67 21.12 -5.85
CA ASN H 29 14.65 22.16 -5.81
C ASN H 29 15.07 23.10 -4.72
N ALA H 30 15.32 24.35 -5.02
CA ALA H 30 15.87 25.26 -4.04
C ALA H 30 15.09 26.55 -3.90
N THR H 31 15.19 27.17 -2.72
CA THR H 31 14.56 28.45 -2.46
C THR H 31 15.32 29.51 -3.28
N PRO H 32 14.66 30.63 -3.63
CA PRO H 32 15.37 31.69 -4.36
C PRO H 32 16.62 32.20 -3.63
N SER H 33 16.66 32.20 -2.27
CA SER H 33 17.85 32.62 -1.54
C SER H 33 19.00 31.63 -1.70
N ALA H 34 18.68 30.32 -1.79
CA ALA H 34 19.71 29.29 -2.00
C ALA H 34 20.26 29.39 -3.42
N LEU H 35 19.39 29.72 -4.40
CA LEU H 35 19.76 29.85 -5.81
C LEU H 35 20.54 31.13 -6.11
N ALA H 36 20.34 32.18 -5.30
CA ALA H 36 21.03 33.47 -5.41
C ALA H 36 22.56 33.29 -5.40
N THR H 37 23.07 32.38 -4.55
CA THR H 37 24.50 32.11 -4.42
C THR H 37 25.05 31.10 -5.45
N LEU H 38 24.23 30.60 -6.36
CA LEU H 38 24.64 29.59 -7.31
C LEU H 38 24.84 30.21 -8.66
N ARG H 39 25.92 29.82 -9.29
CA ARG H 39 26.23 30.31 -10.62
C ARG H 39 26.81 29.15 -11.42
N GLN H 40 26.33 28.95 -12.67
CA GLN H 40 26.78 27.88 -13.55
C GLN H 40 28.32 27.86 -13.69
N GLY H 41 28.94 26.68 -13.55
CA GLY H 41 30.38 26.53 -13.64
C GLY H 41 31.09 26.61 -12.31
N SER H 42 30.45 27.19 -11.30
CA SER H 42 31.04 27.31 -9.97
C SER H 42 30.85 26.03 -9.16
N GLN H 43 31.74 25.81 -8.18
CA GLN H 43 31.59 24.73 -7.22
C GLN H 43 30.72 25.28 -6.12
N ALA H 44 29.79 24.48 -5.63
CA ALA H 44 28.91 24.90 -4.53
C ALA H 44 28.51 23.69 -3.70
N ARG H 45 28.20 23.91 -2.40
CA ARG H 45 27.68 22.87 -1.54
C ARG H 45 26.34 23.39 -1.10
N LEU H 46 25.29 22.72 -1.50
CA LEU H 46 23.93 23.10 -1.15
C LEU H 46 23.48 22.18 -0.03
N VAL H 47 22.91 22.77 1.01
CA VAL H 47 22.42 22.03 2.16
C VAL H 47 21.04 21.49 1.76
N THR H 48 20.81 20.18 1.92
CA THR H 48 19.60 19.55 1.40
C THR H 48 18.80 18.70 2.38
N ALA H 49 17.56 18.38 2.00
CA ALA H 49 16.67 17.47 2.65
C ALA H 49 16.14 16.56 1.53
N MET H 50 16.28 15.25 1.70
CA MET H 50 15.79 14.29 0.70
C MET H 50 14.43 13.84 1.14
N VAL H 51 13.43 14.00 0.29
CA VAL H 51 12.08 13.57 0.60
C VAL H 51 11.80 12.32 -0.22
N VAL H 52 11.57 11.21 0.48
CA VAL H 52 11.32 9.92 -0.11
C VAL H 52 9.85 9.60 -0.01
N ARG H 53 9.25 9.24 -1.12
CA ARG H 53 7.86 8.79 -1.21
C ARG H 53 7.86 7.52 -2.06
N GLU H 54 6.77 6.75 -2.04
CA GLU H 54 6.68 5.50 -2.82
C GLU H 54 7.09 5.68 -4.31
N ASP H 55 6.66 6.77 -4.91
CA ASP H 55 6.90 7.06 -6.31
CA ASP H 55 6.92 7.03 -6.32
C ASP H 55 7.82 8.24 -6.59
N SER H 56 8.62 8.69 -5.60
CA SER H 56 9.52 9.82 -5.81
C SER H 56 10.66 9.92 -4.84
N MET H 57 11.75 10.51 -5.29
CA MET H 57 12.90 10.82 -4.49
C MET H 57 13.29 12.22 -4.92
N THR H 58 13.17 13.19 -4.01
CA THR H 58 13.39 14.59 -4.37
C THR H 58 14.31 15.29 -3.38
N LEU H 59 15.23 16.12 -3.88
CA LEU H 59 16.12 16.89 -3.04
C LEU H 59 15.63 18.33 -2.99
N TYR H 60 15.64 18.91 -1.77
CA TYR H 60 15.29 20.31 -1.53
C TYR H 60 16.52 20.97 -0.99
N GLY H 61 16.87 22.12 -1.53
CA GLY H 61 18.11 22.81 -1.19
C GLY H 61 17.92 24.17 -0.57
N PHE H 62 18.78 24.45 0.37
CA PHE H 62 18.70 25.64 1.21
C PHE H 62 20.04 26.34 1.33
N SER H 63 20.02 27.63 1.68
CA SER H 63 21.25 28.40 1.83
C SER H 63 22.05 27.95 3.07
N ASP H 64 21.40 27.31 4.07
CA ASP H 64 22.08 26.81 5.27
C ASP H 64 21.27 25.72 5.98
N ALA H 65 21.86 25.09 7.01
CA ALA H 65 21.23 24.06 7.80
C ALA H 65 20.02 24.58 8.58
N GLU H 66 20.03 25.86 8.96
CA GLU H 66 18.93 26.46 9.70
C GLU H 66 17.65 26.45 8.88
N ASN H 67 17.73 26.84 7.62
CA ASN H 67 16.58 26.83 6.72
C ASN H 67 16.13 25.43 6.36
N ARG H 68 17.09 24.51 6.24
CA ARG H 68 16.80 23.13 5.94
C ARG H 68 16.04 22.50 7.09
N ASP H 69 16.45 22.79 8.34
CA ASP H 69 15.80 22.27 9.53
C ASP H 69 14.41 22.86 9.69
N LEU H 70 14.23 24.14 9.31
CA LEU H 70 12.92 24.77 9.35
C LEU H 70 12.00 24.14 8.31
N PHE H 71 12.54 23.77 7.12
CA PHE H 71 11.78 23.06 6.07
C PHE H 71 11.27 21.72 6.63
N LEU H 72 12.13 20.99 7.33
CA LEU H 72 11.78 19.71 7.91
C LEU H 72 10.73 19.85 9.02
N ALA H 73 10.81 20.95 9.79
CA ALA H 73 9.84 21.26 10.84
C ALA H 73 8.49 21.58 10.19
N LEU H 74 8.50 22.35 9.10
CA LEU H 74 7.27 22.66 8.37
C LEU H 74 6.63 21.39 7.80
N LEU H 75 7.45 20.45 7.28
CA LEU H 75 6.96 19.17 6.74
C LEU H 75 6.26 18.32 7.77
N SER H 76 6.65 18.44 9.05
CA SER H 76 6.04 17.66 10.11
C SER H 76 4.62 18.10 10.45
N VAL H 77 4.19 19.30 9.99
CA VAL H 77 2.86 19.83 10.22
C VAL H 77 1.92 19.19 9.21
N SER H 78 0.80 18.60 9.68
CA SER H 78 -0.22 17.98 8.83
C SER H 78 -0.83 19.07 7.96
N GLY H 79 -0.90 18.80 6.66
CA GLY H 79 -1.39 19.80 5.70
C GLY H 79 -0.27 20.56 5.02
N VAL H 80 0.97 20.45 5.53
CA VAL H 80 2.12 21.13 4.92
C VAL H 80 3.02 20.11 4.28
N GLY H 81 3.14 20.19 2.96
CA GLY H 81 4.01 19.31 2.23
C GLY H 81 5.22 20.06 1.69
N PRO H 82 6.01 19.40 0.84
CA PRO H 82 7.25 20.04 0.34
C PRO H 82 7.05 21.34 -0.40
N ARG H 83 6.02 21.44 -1.27
CA ARG H 83 5.77 22.65 -2.05
C ARG H 83 5.41 23.83 -1.16
N LEU H 84 4.57 23.61 -0.16
CA LEU H 84 4.14 24.64 0.76
C LEU H 84 5.27 25.05 1.70
N ALA H 85 6.07 24.08 2.15
CA ALA H 85 7.21 24.38 3.00
C ALA H 85 8.26 25.20 2.22
N MET H 86 8.44 24.93 0.92
CA MET H 86 9.37 25.70 0.09
C MET H 86 8.84 27.11 -0.15
N ALA H 87 7.52 27.23 -0.41
CA ALA H 87 6.90 28.55 -0.59
C ALA H 87 7.03 29.40 0.66
N THR H 88 6.94 28.78 1.84
CA THR H 88 7.08 29.47 3.12
C THR H 88 8.48 30.01 3.29
N LEU H 89 9.50 29.19 2.95
CA LEU H 89 10.88 29.62 3.05
C LEU H 89 11.29 30.62 1.94
N ALA H 90 10.56 30.63 0.83
CA ALA H 90 10.80 31.60 -0.25
C ALA H 90 10.29 33.00 0.18
N VAL H 91 9.21 33.06 0.98
CA VAL H 91 8.60 34.30 1.46
C VAL H 91 9.24 34.77 2.77
N HIS H 92 9.48 33.84 3.71
CA HIS H 92 10.06 34.19 4.99
C HIS H 92 11.45 33.65 5.21
N ASP H 93 12.37 34.53 5.62
CA ASP H 93 13.73 34.17 5.95
C ASP H 93 13.73 33.36 7.24
N ALA H 94 14.85 32.70 7.55
CA ALA H 94 14.98 31.99 8.82
C ALA H 94 15.06 33.05 9.92
N ALA H 95 14.58 32.73 11.12
CA ALA H 95 14.50 33.69 12.24
C ALA H 95 13.37 34.72 12.03
N ALA H 96 12.94 34.97 10.77
CA ALA H 96 11.74 35.78 10.47
C ALA H 96 10.53 34.82 10.59
N LEU H 97 10.67 33.60 10.06
CA LEU H 97 9.71 32.53 10.22
C LEU H 97 9.73 32.07 11.70
N ARG H 98 10.93 31.99 12.30
CA ARG H 98 11.14 31.62 13.70
C ARG H 98 10.46 32.64 14.64
N GLN H 99 10.47 33.93 14.23
CA GLN H 99 9.85 35.02 14.95
C GLN H 99 8.34 34.89 14.86
N ALA H 100 7.80 34.71 13.64
CA ALA H 100 6.35 34.56 13.45
C ALA H 100 5.78 33.37 14.24
N LEU H 101 6.59 32.34 14.50
CA LEU H 101 6.13 31.19 15.27
C LEU H 101 6.05 31.55 16.75
N ALA H 102 7.09 32.21 17.27
CA ALA H 102 7.14 32.66 18.66
C ALA H 102 6.03 33.66 18.98
N ASP H 103 5.79 34.63 18.08
CA ASP H 103 4.76 35.66 18.25
C ASP H 103 3.38 35.25 17.76
N SER H 104 3.19 33.99 17.29
CA SER H 104 1.93 33.48 16.75
C SER H 104 1.36 34.41 15.68
N ASP H 105 2.25 34.97 14.85
CA ASP H 105 1.91 35.90 13.79
C ASP H 105 1.31 35.15 12.61
N VAL H 106 0.04 34.78 12.74
CA VAL H 106 -0.74 34.09 11.74
C VAL H 106 -0.85 34.91 10.46
N ALA H 107 -0.89 36.25 10.59
CA ALA H 107 -0.99 37.15 9.44
C ALA H 107 0.22 37.08 8.52
N SER H 108 1.44 36.96 9.09
CA SER H 108 2.68 36.87 8.29
C SER H 108 2.72 35.54 7.55
N LEU H 109 2.35 34.44 8.24
CA LEU H 109 2.29 33.11 7.66
C LEU H 109 1.26 33.04 6.55
N THR H 110 0.13 33.74 6.70
CA THR H 110 -0.89 33.77 5.65
C THR H 110 -0.43 34.52 4.41
N ARG H 111 0.67 35.32 4.48
CA ARG H 111 1.25 35.99 3.30
C ARG H 111 1.80 34.95 2.30
N VAL H 112 2.18 33.75 2.79
CA VAL H 112 2.66 32.66 1.95
C VAL H 112 1.47 32.11 1.17
N PRO H 113 1.57 32.08 -0.16
CA PRO H 113 0.46 31.55 -0.96
C PRO H 113 0.27 30.07 -0.72
N GLY H 114 -0.97 29.64 -0.60
CA GLY H 114 -1.30 28.27 -0.27
C GLY H 114 -1.55 28.08 1.21
N ILE H 115 -1.12 29.03 2.06
CA ILE H 115 -1.34 28.99 3.50
C ILE H 115 -2.42 29.98 3.85
N GLY H 116 -3.54 29.46 4.31
CA GLY H 116 -4.67 30.27 4.76
C GLY H 116 -4.65 30.43 6.26
N LYS H 117 -5.70 31.04 6.82
CA LYS H 117 -5.79 31.24 8.28
C LYS H 117 -5.70 29.92 9.05
N ARG H 118 -6.37 28.88 8.57
CA ARG H 118 -6.37 27.57 9.22
C ARG H 118 -4.98 26.93 9.21
N GLY H 119 -4.36 26.93 8.04
CA GLY H 119 -3.01 26.40 7.88
C GLY H 119 -2.00 27.14 8.74
N ALA H 120 -2.08 28.47 8.77
CA ALA H 120 -1.17 29.28 9.59
C ALA H 120 -1.33 28.97 11.06
N GLU H 121 -2.57 28.76 11.51
CA GLU H 121 -2.84 28.41 12.90
C GLU H 121 -2.32 27.03 13.25
N ARG H 122 -2.37 26.09 12.30
CA ARG H 122 -1.86 24.72 12.49
C ARG H 122 -0.36 24.75 12.62
N ILE H 123 0.32 25.53 11.77
CA ILE H 123 1.77 25.67 11.79
C ILE H 123 2.22 26.25 13.11
N VAL H 124 1.62 27.39 13.55
CA VAL H 124 1.91 28.02 14.84
C VAL H 124 1.66 27.04 15.98
N LEU H 125 0.52 26.36 15.95
CA LEU H 125 0.18 25.40 16.99
C LEU H 125 1.21 24.27 17.11
N GLU H 126 1.63 23.73 15.95
CA GLU H 126 2.58 22.62 15.93
C GLU H 126 4.03 23.01 16.17
N LEU H 127 4.45 24.21 15.73
CA LEU H 127 5.86 24.58 15.80
C LEU H 127 6.26 25.64 16.84
N ARG H 128 5.31 26.29 17.55
CA ARG H 128 5.70 27.30 18.55
C ARG H 128 6.66 26.74 19.61
N ASP H 129 6.31 25.62 20.24
CA ASP H 129 7.16 25.02 21.26
C ASP H 129 8.30 24.16 20.73
N LYS H 130 8.26 23.80 19.43
CA LYS H 130 9.27 22.95 18.80
C LYS H 130 10.36 23.73 18.03
N VAL H 131 9.98 24.62 17.09
CA VAL H 131 10.95 25.38 16.29
C VAL H 131 10.93 26.86 16.68
N GLY H 147 29.56 24.95 30.08
CA GLY H 147 29.25 24.55 31.45
C GLY H 147 27.78 24.24 31.61
N ASN H 148 26.95 25.30 31.67
CA ASN H 148 25.49 25.12 31.71
C ASN H 148 25.00 24.75 30.29
N ALA H 149 25.72 25.20 29.21
CA ALA H 149 25.42 24.83 27.84
C ALA H 149 25.71 23.32 27.62
N VAL H 150 26.77 22.78 28.27
CA VAL H 150 27.14 21.38 28.23
C VAL H 150 26.02 20.56 28.86
N ARG H 151 25.55 21.00 30.03
CA ARG H 151 24.47 20.32 30.76
C ARG H 151 23.17 20.24 29.96
N GLY H 152 22.73 21.36 29.41
CA GLY H 152 21.50 21.40 28.63
C GLY H 152 21.55 20.54 27.40
N SER H 153 22.70 20.51 26.71
CA SER H 153 22.90 19.69 25.52
C SER H 153 22.90 18.20 25.84
N VAL H 154 23.59 17.79 26.93
CA VAL H 154 23.64 16.39 27.34
C VAL H 154 22.25 15.90 27.74
N VAL H 155 21.52 16.70 28.54
CA VAL H 155 20.16 16.39 28.98
C VAL H 155 19.25 16.26 27.77
N GLU H 156 19.36 17.17 26.81
CA GLU H 156 18.58 17.15 25.58
C GLU H 156 18.85 15.88 24.74
N ALA H 157 20.12 15.45 24.67
CA ALA H 157 20.51 14.24 23.95
C ALA H 157 19.98 12.96 24.68
N LEU H 158 19.98 12.98 26.01
CA LEU H 158 19.46 11.86 26.81
C LEU H 158 17.94 11.77 26.66
N VAL H 159 17.25 12.90 26.70
CA VAL H 159 15.81 12.97 26.47
C VAL H 159 15.48 12.51 25.04
N GLY H 160 16.31 12.89 24.07
CA GLY H 160 16.19 12.46 22.69
C GLY H 160 16.33 10.95 22.54
N LEU H 161 17.11 10.32 23.40
CA LEU H 161 17.27 8.86 23.40
C LEU H 161 16.09 8.13 24.10
N GLY H 162 15.22 8.86 24.79
CA GLY H 162 14.08 8.26 25.45
C GLY H 162 14.09 8.37 26.96
N PHE H 163 15.15 8.94 27.55
CA PHE H 163 15.22 9.07 29.00
C PHE H 163 14.29 10.14 29.51
N ALA H 164 13.75 9.94 30.72
CA ALA H 164 12.87 10.95 31.33
C ALA H 164 13.76 12.11 31.74
N ALA H 165 13.27 13.33 31.59
CA ALA H 165 14.05 14.52 31.90
C ALA H 165 14.68 14.54 33.29
N LYS H 166 13.97 14.03 34.31
CA LYS H 166 14.51 13.99 35.67
C LYS H 166 15.68 13.01 35.77
N GLN H 167 15.52 11.82 35.19
CA GLN H 167 16.58 10.80 35.18
C GLN H 167 17.79 11.27 34.31
N ALA H 168 17.52 12.06 33.27
CA ALA H 168 18.54 12.66 32.40
C ALA H 168 19.32 13.75 33.15
N GLU H 169 18.62 14.60 33.96
CA GLU H 169 19.27 15.66 34.75
C GLU H 169 20.10 15.06 35.87
N GLU H 170 19.60 14.03 36.53
CA GLU H 170 20.32 13.38 37.63
C GLU H 170 21.61 12.74 37.15
N ALA H 171 21.57 12.04 36.01
CA ALA H 171 22.75 11.38 35.46
C ALA H 171 23.77 12.41 34.98
N THR H 172 23.32 13.46 34.28
CA THR H 172 24.20 14.52 33.78
C THR H 172 24.86 15.26 34.93
N ASP H 173 24.12 15.55 36.01
CA ASP H 173 24.66 16.27 37.16
C ASP H 173 25.66 15.40 37.91
N GLN H 174 25.35 14.11 38.09
CA GLN H 174 26.28 13.19 38.74
C GLN H 174 27.63 13.11 37.98
N VAL H 175 27.61 13.33 36.67
CA VAL H 175 28.76 13.27 35.79
C VAL H 175 29.52 14.59 35.76
N LEU H 176 28.81 15.70 35.71
CA LEU H 176 29.43 17.01 35.69
C LEU H 176 29.93 17.49 37.08
N ASP H 177 29.77 16.66 38.13
CA ASP H 177 30.24 16.97 39.49
C ASP H 177 31.06 15.78 40.03
N GLY H 178 32.40 15.90 40.04
CA GLY H 178 33.26 14.84 40.58
C GLY H 178 34.50 14.56 39.74
N GLU H 179 34.35 13.71 38.71
CA GLU H 179 35.46 13.41 37.77
C GLU H 179 35.51 14.45 36.61
N LEU H 180 34.57 15.42 36.59
CA LEU H 180 34.47 16.51 35.65
C LEU H 180 34.14 17.77 36.44
N GLY H 181 34.86 18.83 36.15
CA GLY H 181 34.69 20.14 36.79
C GLY H 181 34.94 21.28 35.82
N LYS H 182 35.78 21.03 34.80
CA LYS H 182 36.13 22.00 33.76
C LYS H 182 35.59 21.53 32.41
N VAL H 186 36.42 17.73 29.66
CA VAL H 186 35.03 17.31 29.90
C VAL H 186 34.03 17.86 28.83
N ALA H 187 34.25 17.54 27.51
CA ALA H 187 33.43 17.91 26.33
C ALA H 187 31.96 17.42 26.47
N THR H 188 31.04 17.92 25.63
CA THR H 188 29.64 17.54 25.69
C THR H 188 29.43 16.07 25.32
N SER H 189 30.11 15.60 24.27
CA SER H 189 29.96 14.21 23.86
C SER H 189 30.55 13.26 24.88
N SER H 190 31.67 13.66 25.49
CA SER H 190 32.35 12.91 26.53
C SER H 190 31.46 12.80 27.76
N ALA H 191 30.77 13.88 28.14
CA ALA H 191 29.83 13.90 29.26
C ALA H 191 28.59 13.06 28.97
N LEU H 192 28.16 13.04 27.71
CA LEU H 192 27.03 12.23 27.27
C LEU H 192 27.36 10.72 27.40
N ARG H 193 28.57 10.32 26.97
CA ARG H 193 29.00 8.94 27.09
C ARG H 193 29.13 8.51 28.55
N ALA H 194 29.55 9.43 29.42
CA ALA H 194 29.66 9.19 30.86
C ALA H 194 28.24 9.08 31.50
N ALA H 195 27.30 9.96 31.10
CA ALA H 195 25.92 9.90 31.60
C ALA H 195 25.23 8.60 31.15
N LEU H 196 25.46 8.18 29.89
CA LEU H 196 24.90 6.93 29.36
C LEU H 196 25.50 5.71 30.03
N SER H 197 26.79 5.78 30.36
CA SER H 197 27.48 4.70 31.06
C SER H 197 26.86 4.51 32.45
N LEU H 198 26.61 5.61 33.14
CA LEU H 198 25.98 5.62 34.44
C LEU H 198 24.52 5.12 34.36
N LEU H 199 23.75 5.56 33.35
CA LEU H 199 22.36 5.15 33.16
C LEU H 199 22.19 3.66 32.86
N GLY H 200 23.20 3.03 32.29
CA GLY H 200 23.14 1.61 31.97
C GLY H 200 23.52 0.68 33.11
N LYS H 201 23.97 1.25 34.25
CA LYS H 201 24.30 0.47 35.44
C LYS H 201 22.98 0.02 36.10
N THR H 202 22.86 -1.28 36.44
CA THR H 202 21.64 -1.80 37.07
C THR H 202 21.56 -1.46 38.58
CA CA M . 10.11 0.49 11.86
CA CA N . -6.66 -9.93 -9.75
#